data_1HYV
# 
_entry.id   1HYV 
# 
_audit_conform.dict_name       mmcif_pdbx.dic 
_audit_conform.dict_version    5.398 
_audit_conform.dict_location   http://mmcif.pdb.org/dictionaries/ascii/mmcif_pdbx.dic 
# 
loop_
_database_2.database_id 
_database_2.database_code 
_database_2.pdbx_database_accession 
_database_2.pdbx_DOI 
PDB   1HYV         pdb_00001hyv 10.2210/pdb1hyv/pdb 
RCSB  RCSB012696   ?            ?                   
WWPDB D_1000012696 ?            ?                   
# 
loop_
_pdbx_audit_revision_history.ordinal 
_pdbx_audit_revision_history.data_content_type 
_pdbx_audit_revision_history.major_revision 
_pdbx_audit_revision_history.minor_revision 
_pdbx_audit_revision_history.revision_date 
1 'Structure model' 1 0 2001-04-04 
2 'Structure model' 1 1 2008-04-27 
3 'Structure model' 1 2 2011-07-13 
4 'Structure model' 1 3 2017-10-04 
5 'Structure model' 1 4 2021-10-27 
6 'Structure model' 1 5 2024-11-06 
# 
_pdbx_audit_revision_details.ordinal             1 
_pdbx_audit_revision_details.revision_ordinal    1 
_pdbx_audit_revision_details.data_content_type   'Structure model' 
_pdbx_audit_revision_details.provider            repository 
_pdbx_audit_revision_details.type                'Initial release' 
_pdbx_audit_revision_details.description         ? 
_pdbx_audit_revision_details.details             ? 
# 
loop_
_pdbx_audit_revision_group.ordinal 
_pdbx_audit_revision_group.revision_ordinal 
_pdbx_audit_revision_group.data_content_type 
_pdbx_audit_revision_group.group 
1 2 'Structure model' 'Version format compliance' 
2 3 'Structure model' 'Version format compliance' 
3 4 'Structure model' 'Refinement description'    
4 5 'Structure model' 'Database references'       
5 5 'Structure model' 'Derived calculations'      
6 6 'Structure model' 'Data collection'           
7 6 'Structure model' 'Structure summary'         
# 
loop_
_pdbx_audit_revision_category.ordinal 
_pdbx_audit_revision_category.revision_ordinal 
_pdbx_audit_revision_category.data_content_type 
_pdbx_audit_revision_category.category 
1 4 'Structure model' software                  
2 5 'Structure model' database_2                
3 5 'Structure model' struct_conn               
4 5 'Structure model' struct_ref_seq_dif        
5 5 'Structure model' struct_site               
6 6 'Structure model' chem_comp_atom            
7 6 'Structure model' chem_comp_bond            
8 6 'Structure model' pdbx_entry_details        
9 6 'Structure model' pdbx_modification_feature 
# 
loop_
_pdbx_audit_revision_item.ordinal 
_pdbx_audit_revision_item.revision_ordinal 
_pdbx_audit_revision_item.data_content_type 
_pdbx_audit_revision_item.item 
1 5 'Structure model' '_database_2.pdbx_DOI'                
2 5 'Structure model' '_database_2.pdbx_database_accession' 
3 5 'Structure model' '_struct_conn.pdbx_leaving_atom_flag' 
4 5 'Structure model' '_struct_ref_seq_dif.details'         
5 5 'Structure model' '_struct_site.pdbx_auth_asym_id'      
6 5 'Structure model' '_struct_site.pdbx_auth_comp_id'      
7 5 'Structure model' '_struct_site.pdbx_auth_seq_id'       
# 
_pdbx_database_status.status_code                     REL 
_pdbx_database_status.entry_id                        1HYV 
_pdbx_database_status.recvd_initial_deposition_date   2001-01-22 
_pdbx_database_status.deposit_site                    RCSB 
_pdbx_database_status.process_site                    RCSB 
_pdbx_database_status.status_code_sf                  REL 
_pdbx_database_status.SG_entry                        . 
_pdbx_database_status.pdb_format_compatible           Y 
_pdbx_database_status.status_code_mr                  ? 
_pdbx_database_status.status_code_cs                  ? 
_pdbx_database_status.methods_development_category    ? 
_pdbx_database_status.status_code_nmr_data            ? 
# 
_pdbx_database_related.db_name        PDB 
_pdbx_database_related.db_id          1HYZ 
_pdbx_database_related.details        '1HYZ CONTAINS THE SAME PROTEIN' 
_pdbx_database_related.content_type   unspecified 
# 
loop_
_audit_author.name 
_audit_author.pdbx_ordinal 
'Molteni, V.'     1 
'Greenwald, J.'   2 
'Rhodes, D.'      3 
'Hwang, Y.'       4 
'Kwiatkowski, W.' 5 
'Bushman, F.D.'   6 
'Siegel, J.S.'    7 
'Choe, S.'        8 
# 
_citation.id                        primary 
_citation.title                     
'Identification of a small-molecule binding site at the dimer interface of the HIV integrase catalytic domain.' 
_citation.journal_abbrev            'Acta Crystallogr.,Sect.D' 
_citation.journal_volume            57 
_citation.page_first                536 
_citation.page_last                 544 
_citation.year                      2001 
_citation.journal_id_ASTM           ABCRE6 
_citation.country                   DK 
_citation.journal_id_ISSN           0907-4449 
_citation.journal_id_CSD            0766 
_citation.book_publisher            ? 
_citation.pdbx_database_id_PubMed   11264582 
_citation.pdbx_database_id_DOI      10.1107/S0907444901001652 
# 
loop_
_citation_author.citation_id 
_citation_author.name 
_citation_author.ordinal 
_citation_author.identifier_ORCID 
primary 'Molteni, V.'     1 ? 
primary 'Greenwald, J.'   2 ? 
primary 'Rhodes, D.'      3 ? 
primary 'Hwang, Y.'       4 ? 
primary 'Kwiatkowski, W.' 5 ? 
primary 'Bushman, F.D.'   6 ? 
primary 'Siegel, J.S.'    7 ? 
primary 'Choe, S.'        8 ? 
# 
loop_
_entity.id 
_entity.type 
_entity.src_method 
_entity.pdbx_description 
_entity.formula_weight 
_entity.pdbx_number_of_molecules 
_entity.pdbx_ec 
_entity.pdbx_mutation 
_entity.pdbx_fragment 
_entity.details 
1 polymer     man INTEGRASE            18434.723 1  2.7.7.49 F185K 'CATALYTIC CORE DOMAIN (RESIDUES 50-212)' ? 
2 non-polymer syn 'SULFATE ION'        96.063    1  ?        ?     ?                                         ? 
3 non-polymer syn 'CHLORIDE ION'       35.453    1  ?        ?     ?                                         ? 
4 non-polymer syn TETRAPHENYL-ARSONIUM 383.337   1  ?        ?     ?                                         ? 
5 water       nat water                18.015    98 ?        ?     ?                                         ? 
# 
_entity_poly.entity_id                      1 
_entity_poly.type                           'polypeptide(L)' 
_entity_poly.nstd_linkage                   no 
_entity_poly.nstd_monomer                   yes 
_entity_poly.pdbx_seq_one_letter_code       
;GSHMHGQVDCSPGIWQLD(CAF)THLEGKVILVAVHVASGYIEAEVIPAETGQETAYFLLKLAGRWPVKTVHTDNGSNFT
STTVKAA(CAF)WWAGIKQEFGIPYNPQSQGVIESMNKELKKIIGQVRDQAEHLKTAVQMAVFIHNKKRKGGIGGYSAGE
RIVDIIATDIQTKE
;
_entity_poly.pdbx_seq_one_letter_code_can   
;GSHMHGQVDCSPGIWQLDCTHLEGKVILVAVHVASGYIEAEVIPAETGQETAYFLLKLAGRWPVKTVHTDNGSNFTSTTV
KAACWWAGIKQEFGIPYNPQSQGVIESMNKELKKIIGQVRDQAEHLKTAVQMAVFIHNKKRKGGIGGYSAGERIVDIIAT
DIQTKE
;
_entity_poly.pdbx_strand_id                 A 
_entity_poly.pdbx_target_identifier         ? 
# 
loop_
_pdbx_entity_nonpoly.entity_id 
_pdbx_entity_nonpoly.name 
_pdbx_entity_nonpoly.comp_id 
2 'SULFATE ION'        SO4 
3 'CHLORIDE ION'       CL  
4 TETRAPHENYL-ARSONIUM TTA 
5 water                HOH 
# 
loop_
_entity_poly_seq.entity_id 
_entity_poly_seq.num 
_entity_poly_seq.mon_id 
_entity_poly_seq.hetero 
1 1   GLY n 
1 2   SER n 
1 3   HIS n 
1 4   MET n 
1 5   HIS n 
1 6   GLY n 
1 7   GLN n 
1 8   VAL n 
1 9   ASP n 
1 10  CYS n 
1 11  SER n 
1 12  PRO n 
1 13  GLY n 
1 14  ILE n 
1 15  TRP n 
1 16  GLN n 
1 17  LEU n 
1 18  ASP n 
1 19  CAF n 
1 20  THR n 
1 21  HIS n 
1 22  LEU n 
1 23  GLU n 
1 24  GLY n 
1 25  LYS n 
1 26  VAL n 
1 27  ILE n 
1 28  LEU n 
1 29  VAL n 
1 30  ALA n 
1 31  VAL n 
1 32  HIS n 
1 33  VAL n 
1 34  ALA n 
1 35  SER n 
1 36  GLY n 
1 37  TYR n 
1 38  ILE n 
1 39  GLU n 
1 40  ALA n 
1 41  GLU n 
1 42  VAL n 
1 43  ILE n 
1 44  PRO n 
1 45  ALA n 
1 46  GLU n 
1 47  THR n 
1 48  GLY n 
1 49  GLN n 
1 50  GLU n 
1 51  THR n 
1 52  ALA n 
1 53  TYR n 
1 54  PHE n 
1 55  LEU n 
1 56  LEU n 
1 57  LYS n 
1 58  LEU n 
1 59  ALA n 
1 60  GLY n 
1 61  ARG n 
1 62  TRP n 
1 63  PRO n 
1 64  VAL n 
1 65  LYS n 
1 66  THR n 
1 67  VAL n 
1 68  HIS n 
1 69  THR n 
1 70  ASP n 
1 71  ASN n 
1 72  GLY n 
1 73  SER n 
1 74  ASN n 
1 75  PHE n 
1 76  THR n 
1 77  SER n 
1 78  THR n 
1 79  THR n 
1 80  VAL n 
1 81  LYS n 
1 82  ALA n 
1 83  ALA n 
1 84  CAF n 
1 85  TRP n 
1 86  TRP n 
1 87  ALA n 
1 88  GLY n 
1 89  ILE n 
1 90  LYS n 
1 91  GLN n 
1 92  GLU n 
1 93  PHE n 
1 94  GLY n 
1 95  ILE n 
1 96  PRO n 
1 97  TYR n 
1 98  ASN n 
1 99  PRO n 
1 100 GLN n 
1 101 SER n 
1 102 GLN n 
1 103 GLY n 
1 104 VAL n 
1 105 ILE n 
1 106 GLU n 
1 107 SER n 
1 108 MET n 
1 109 ASN n 
1 110 LYS n 
1 111 GLU n 
1 112 LEU n 
1 113 LYS n 
1 114 LYS n 
1 115 ILE n 
1 116 ILE n 
1 117 GLY n 
1 118 GLN n 
1 119 VAL n 
1 120 ARG n 
1 121 ASP n 
1 122 GLN n 
1 123 ALA n 
1 124 GLU n 
1 125 HIS n 
1 126 LEU n 
1 127 LYS n 
1 128 THR n 
1 129 ALA n 
1 130 VAL n 
1 131 GLN n 
1 132 MET n 
1 133 ALA n 
1 134 VAL n 
1 135 PHE n 
1 136 ILE n 
1 137 HIS n 
1 138 ASN n 
1 139 LYS n 
1 140 LYS n 
1 141 ARG n 
1 142 LYS n 
1 143 GLY n 
1 144 GLY n 
1 145 ILE n 
1 146 GLY n 
1 147 GLY n 
1 148 TYR n 
1 149 SER n 
1 150 ALA n 
1 151 GLY n 
1 152 GLU n 
1 153 ARG n 
1 154 ILE n 
1 155 VAL n 
1 156 ASP n 
1 157 ILE n 
1 158 ILE n 
1 159 ALA n 
1 160 THR n 
1 161 ASP n 
1 162 ILE n 
1 163 GLN n 
1 164 THR n 
1 165 LYS n 
1 166 GLU n 
# 
_entity_src_gen.entity_id                          1 
_entity_src_gen.pdbx_src_id                        1 
_entity_src_gen.pdbx_alt_source_flag               sample 
_entity_src_gen.pdbx_seq_type                      ? 
_entity_src_gen.pdbx_beg_seq_num                   ? 
_entity_src_gen.pdbx_end_seq_num                   ? 
_entity_src_gen.gene_src_common_name               ? 
_entity_src_gen.gene_src_genus                     Lentivirus 
_entity_src_gen.pdbx_gene_src_gene                 ? 
_entity_src_gen.gene_src_species                   ? 
_entity_src_gen.gene_src_strain                    ? 
_entity_src_gen.gene_src_tissue                    ? 
_entity_src_gen.gene_src_tissue_fraction           ? 
_entity_src_gen.gene_src_details                   ? 
_entity_src_gen.pdbx_gene_src_fragment             ? 
_entity_src_gen.pdbx_gene_src_scientific_name      'Human immunodeficiency virus 1' 
_entity_src_gen.pdbx_gene_src_ncbi_taxonomy_id     11676 
_entity_src_gen.pdbx_gene_src_variant              ? 
_entity_src_gen.pdbx_gene_src_cell_line            ? 
_entity_src_gen.pdbx_gene_src_atcc                 ? 
_entity_src_gen.pdbx_gene_src_organ                ? 
_entity_src_gen.pdbx_gene_src_organelle            ? 
_entity_src_gen.pdbx_gene_src_cell                 ? 
_entity_src_gen.pdbx_gene_src_cellular_location    ? 
_entity_src_gen.host_org_common_name               ? 
_entity_src_gen.pdbx_host_org_scientific_name      'Escherichia coli' 
_entity_src_gen.pdbx_host_org_ncbi_taxonomy_id     562 
_entity_src_gen.host_org_genus                     Escherichia 
_entity_src_gen.pdbx_host_org_gene                 ? 
_entity_src_gen.pdbx_host_org_organ                ? 
_entity_src_gen.host_org_species                   ? 
_entity_src_gen.pdbx_host_org_tissue               ? 
_entity_src_gen.pdbx_host_org_tissue_fraction      ? 
_entity_src_gen.pdbx_host_org_strain               ? 
_entity_src_gen.pdbx_host_org_variant              ? 
_entity_src_gen.pdbx_host_org_cell_line            ? 
_entity_src_gen.pdbx_host_org_atcc                 ? 
_entity_src_gen.pdbx_host_org_culture_collection   ? 
_entity_src_gen.pdbx_host_org_cell                 ? 
_entity_src_gen.pdbx_host_org_organelle            ? 
_entity_src_gen.pdbx_host_org_cellular_location    ? 
_entity_src_gen.pdbx_host_org_vector_type          ? 
_entity_src_gen.pdbx_host_org_vector               ? 
_entity_src_gen.host_org_details                   ? 
_entity_src_gen.expression_system_id               ? 
_entity_src_gen.plasmid_name                       ? 
_entity_src_gen.plasmid_details                    ? 
_entity_src_gen.pdbx_description                   ? 
# 
loop_
_chem_comp.id 
_chem_comp.type 
_chem_comp.mon_nstd_flag 
_chem_comp.name 
_chem_comp.pdbx_synonyms 
_chem_comp.formula 
_chem_comp.formula_weight 
ALA 'L-peptide linking' y ALANINE                     ?                         'C3 H7 N O2'       89.093  
ARG 'L-peptide linking' y ARGININE                    ?                         'C6 H15 N4 O2 1'   175.209 
ASN 'L-peptide linking' y ASPARAGINE                  ?                         'C4 H8 N2 O3'      132.118 
ASP 'L-peptide linking' y 'ASPARTIC ACID'             ?                         'C4 H7 N O4'       133.103 
CAF 'L-peptide linking' n S-DIMETHYLARSINOYL-CYSTEINE 'CYSTEIN-S-YL CACODYLATE' 'C5 H12 As N O3 S' 241.140 
CL  non-polymer         . 'CHLORIDE ION'              ?                         'Cl -1'            35.453  
CYS 'L-peptide linking' y CYSTEINE                    ?                         'C3 H7 N O2 S'     121.158 
GLN 'L-peptide linking' y GLUTAMINE                   ?                         'C5 H10 N2 O3'     146.144 
GLU 'L-peptide linking' y 'GLUTAMIC ACID'             ?                         'C5 H9 N O4'       147.129 
GLY 'peptide linking'   y GLYCINE                     ?                         'C2 H5 N O2'       75.067  
HIS 'L-peptide linking' y HISTIDINE                   ?                         'C6 H10 N3 O2 1'   156.162 
HOH non-polymer         . WATER                       ?                         'H2 O'             18.015  
ILE 'L-peptide linking' y ISOLEUCINE                  ?                         'C6 H13 N O2'      131.173 
LEU 'L-peptide linking' y LEUCINE                     ?                         'C6 H13 N O2'      131.173 
LYS 'L-peptide linking' y LYSINE                      ?                         'C6 H15 N2 O2 1'   147.195 
MET 'L-peptide linking' y METHIONINE                  ?                         'C5 H11 N O2 S'    149.211 
PHE 'L-peptide linking' y PHENYLALANINE               ?                         'C9 H11 N O2'      165.189 
PRO 'L-peptide linking' y PROLINE                     ?                         'C5 H9 N O2'       115.130 
SER 'L-peptide linking' y SERINE                      ?                         'C3 H7 N O3'       105.093 
SO4 non-polymer         . 'SULFATE ION'               ?                         'O4 S -2'          96.063  
THR 'L-peptide linking' y THREONINE                   ?                         'C4 H9 N O3'       119.119 
TRP 'L-peptide linking' y TRYPTOPHAN                  ?                         'C11 H12 N2 O2'    204.225 
TTA non-polymer         . TETRAPHENYL-ARSONIUM        ?                         'C24 H20 As 1'     383.337 
TYR 'L-peptide linking' y TYROSINE                    ?                         'C9 H11 N O3'      181.189 
VAL 'L-peptide linking' y VALINE                      ?                         'C5 H11 N O2'      117.146 
# 
loop_
_pdbx_poly_seq_scheme.asym_id 
_pdbx_poly_seq_scheme.entity_id 
_pdbx_poly_seq_scheme.seq_id 
_pdbx_poly_seq_scheme.mon_id 
_pdbx_poly_seq_scheme.ndb_seq_num 
_pdbx_poly_seq_scheme.pdb_seq_num 
_pdbx_poly_seq_scheme.auth_seq_num 
_pdbx_poly_seq_scheme.pdb_mon_id 
_pdbx_poly_seq_scheme.auth_mon_id 
_pdbx_poly_seq_scheme.pdb_strand_id 
_pdbx_poly_seq_scheme.pdb_ins_code 
_pdbx_poly_seq_scheme.hetero 
A 1 1   GLY 1   47  ?   ?   ?   A . n 
A 1 2   SER 2   48  ?   ?   ?   A . n 
A 1 3   HIS 3   49  ?   ?   ?   A . n 
A 1 4   MET 4   50  ?   ?   ?   A . n 
A 1 5   HIS 5   51  ?   ?   ?   A . n 
A 1 6   GLY 6   52  ?   ?   ?   A . n 
A 1 7   GLN 7   53  ?   ?   ?   A . n 
A 1 8   VAL 8   54  ?   ?   ?   A . n 
A 1 9   ASP 9   55  ?   ?   ?   A . n 
A 1 10  CYS 10  56  ?   ?   ?   A . n 
A 1 11  SER 11  57  57  SER SER A . n 
A 1 12  PRO 12  58  58  PRO PRO A . n 
A 1 13  GLY 13  59  59  GLY GLY A . n 
A 1 14  ILE 14  60  60  ILE ILE A . n 
A 1 15  TRP 15  61  61  TRP TRP A . n 
A 1 16  GLN 16  62  62  GLN GLN A . n 
A 1 17  LEU 17  63  63  LEU LEU A . n 
A 1 18  ASP 18  64  64  ASP ASP A . n 
A 1 19  CAF 19  65  65  CAF CYS A . n 
A 1 20  THR 20  66  66  THR THR A . n 
A 1 21  HIS 21  67  67  HIS HIS A . n 
A 1 22  LEU 22  68  68  LEU LEU A . n 
A 1 23  GLU 23  69  69  GLU GLU A . n 
A 1 24  GLY 24  70  70  GLY GLY A . n 
A 1 25  LYS 25  71  71  LYS LYS A . n 
A 1 26  VAL 26  72  72  VAL VAL A . n 
A 1 27  ILE 27  73  73  ILE ILE A . n 
A 1 28  LEU 28  74  74  LEU LEU A . n 
A 1 29  VAL 29  75  75  VAL VAL A . n 
A 1 30  ALA 30  76  76  ALA ALA A . n 
A 1 31  VAL 31  77  77  VAL VAL A . n 
A 1 32  HIS 32  78  78  HIS HIS A . n 
A 1 33  VAL 33  79  79  VAL VAL A . n 
A 1 34  ALA 34  80  80  ALA ALA A . n 
A 1 35  SER 35  81  81  SER SER A . n 
A 1 36  GLY 36  82  82  GLY GLY A . n 
A 1 37  TYR 37  83  83  TYR TYR A . n 
A 1 38  ILE 38  84  84  ILE ILE A . n 
A 1 39  GLU 39  85  85  GLU GLU A . n 
A 1 40  ALA 40  86  86  ALA ALA A . n 
A 1 41  GLU 41  87  87  GLU GLU A . n 
A 1 42  VAL 42  88  88  VAL VAL A . n 
A 1 43  ILE 43  89  89  ILE ILE A . n 
A 1 44  PRO 44  90  90  PRO PRO A . n 
A 1 45  ALA 45  91  91  ALA ALA A . n 
A 1 46  GLU 46  92  92  GLU GLU A . n 
A 1 47  THR 47  93  93  THR THR A . n 
A 1 48  GLY 48  94  94  GLY GLY A . n 
A 1 49  GLN 49  95  95  GLN GLN A . n 
A 1 50  GLU 50  96  96  GLU GLU A . n 
A 1 51  THR 51  97  97  THR THR A . n 
A 1 52  ALA 52  98  98  ALA ALA A . n 
A 1 53  TYR 53  99  99  TYR TYR A . n 
A 1 54  PHE 54  100 100 PHE PHE A . n 
A 1 55  LEU 55  101 101 LEU LEU A . n 
A 1 56  LEU 56  102 102 LEU LEU A . n 
A 1 57  LYS 57  103 103 LYS LYS A . n 
A 1 58  LEU 58  104 104 LEU LEU A . n 
A 1 59  ALA 59  105 105 ALA ALA A . n 
A 1 60  GLY 60  106 106 GLY GLY A . n 
A 1 61  ARG 61  107 107 ARG ARG A . n 
A 1 62  TRP 62  108 108 TRP TRP A . n 
A 1 63  PRO 63  109 109 PRO PRO A . n 
A 1 64  VAL 64  110 110 VAL VAL A . n 
A 1 65  LYS 65  111 111 LYS ALA A . n 
A 1 66  THR 66  112 112 THR THR A . n 
A 1 67  VAL 67  113 113 VAL VAL A . n 
A 1 68  HIS 68  114 114 HIS HIS A . n 
A 1 69  THR 69  115 115 THR THR A . n 
A 1 70  ASP 70  116 116 ASP ASP A . n 
A 1 71  ASN 71  117 117 ASN ASN A . n 
A 1 72  GLY 72  118 118 GLY GLY A . n 
A 1 73  SER 73  119 119 SER SER A . n 
A 1 74  ASN 74  120 120 ASN ASN A . n 
A 1 75  PHE 75  121 121 PHE PHE A . n 
A 1 76  THR 76  122 122 THR THR A . n 
A 1 77  SER 77  123 123 SER SER A . n 
A 1 78  THR 78  124 124 THR THR A . n 
A 1 79  THR 79  125 125 THR THR A . n 
A 1 80  VAL 80  126 126 VAL VAL A . n 
A 1 81  LYS 81  127 127 LYS LYS A . n 
A 1 82  ALA 82  128 128 ALA ALA A . n 
A 1 83  ALA 83  129 129 ALA ALA A . n 
A 1 84  CAF 84  130 130 CAF CYS A . n 
A 1 85  TRP 85  131 131 TRP TRP A . n 
A 1 86  TRP 86  132 132 TRP TRP A . n 
A 1 87  ALA 87  133 133 ALA ALA A . n 
A 1 88  GLY 88  134 134 GLY GLY A . n 
A 1 89  ILE 89  135 135 ILE ILE A . n 
A 1 90  LYS 90  136 136 LYS LYS A . n 
A 1 91  GLN 91  137 137 GLN GLN A . n 
A 1 92  GLU 92  138 138 GLU GLU A . n 
A 1 93  PHE 93  139 139 PHE PHE A . n 
A 1 94  GLY 94  140 140 GLY GLY A . n 
A 1 95  ILE 95  141 ?   ?   ?   A . n 
A 1 96  PRO 96  142 ?   ?   ?   A . n 
A 1 97  TYR 97  143 ?   ?   ?   A . n 
A 1 98  ASN 98  144 ?   ?   ?   A . n 
A 1 99  PRO 99  145 ?   ?   ?   A . n 
A 1 100 GLN 100 146 ?   ?   ?   A . n 
A 1 101 SER 101 147 ?   ?   ?   A . n 
A 1 102 GLN 102 148 148 GLN ALA A . n 
A 1 103 GLY 103 149 149 GLY GLY A . n 
A 1 104 VAL 104 150 150 VAL ALA A . n 
A 1 105 ILE 105 151 151 ILE ILE A . n 
A 1 106 GLU 106 152 152 GLU GLU A . n 
A 1 107 SER 107 153 153 SER ALA A . n 
A 1 108 MET 108 154 154 MET MET A . n 
A 1 109 ASN 109 155 155 ASN ASN A . n 
A 1 110 LYS 110 156 156 LYS LYS A . n 
A 1 111 GLU 111 157 157 GLU GLU A . n 
A 1 112 LEU 112 158 158 LEU LEU A . n 
A 1 113 LYS 113 159 159 LYS LYS A . n 
A 1 114 LYS 114 160 160 LYS LYS A . n 
A 1 115 ILE 115 161 161 ILE ILE A . n 
A 1 116 ILE 116 162 162 ILE ILE A . n 
A 1 117 GLY 117 163 163 GLY GLY A . n 
A 1 118 GLN 118 164 164 GLN GLN A . n 
A 1 119 VAL 119 165 165 VAL VAL A . n 
A 1 120 ARG 120 166 166 ARG ARG A . n 
A 1 121 ASP 121 167 167 ASP ALA A . n 
A 1 122 GLN 122 168 168 GLN GLN A . n 
A 1 123 ALA 123 169 169 ALA ALA A . n 
A 1 124 GLU 124 170 170 GLU GLU A . n 
A 1 125 HIS 125 171 171 HIS HIS A . n 
A 1 126 LEU 126 172 172 LEU LEU A . n 
A 1 127 LYS 127 173 173 LYS LYS A . n 
A 1 128 THR 128 174 174 THR THR A . n 
A 1 129 ALA 129 175 175 ALA ALA A . n 
A 1 130 VAL 130 176 176 VAL VAL A . n 
A 1 131 GLN 131 177 177 GLN GLN A . n 
A 1 132 MET 132 178 178 MET MET A . n 
A 1 133 ALA 133 179 179 ALA ALA A . n 
A 1 134 VAL 134 180 180 VAL VAL A . n 
A 1 135 PHE 135 181 181 PHE PHE A . n 
A 1 136 ILE 136 182 182 ILE ILE A . n 
A 1 137 HIS 137 183 183 HIS HIS A . n 
A 1 138 ASN 138 184 184 ASN ASN A . n 
A 1 139 LYS 139 185 185 LYS LYS A . n 
A 1 140 LYS 140 186 186 LYS LYS A . n 
A 1 141 ARG 141 187 187 ARG ARG A . n 
A 1 142 LYS 142 188 188 LYS LYS A . n 
A 1 143 GLY 143 189 189 GLY GLY A . n 
A 1 144 GLY 144 190 ?   ?   ?   A . n 
A 1 145 ILE 145 191 ?   ?   ?   A . n 
A 1 146 GLY 146 192 ?   ?   ?   A . n 
A 1 147 GLY 147 193 193 GLY GLY A . n 
A 1 148 TYR 148 194 194 TYR TYR A . n 
A 1 149 SER 149 195 195 SER SER A . n 
A 1 150 ALA 150 196 196 ALA ALA A . n 
A 1 151 GLY 151 197 197 GLY GLY A . n 
A 1 152 GLU 152 198 198 GLU GLU A . n 
A 1 153 ARG 153 199 199 ARG ARG A . n 
A 1 154 ILE 154 200 200 ILE ILE A . n 
A 1 155 VAL 155 201 201 VAL VAL A . n 
A 1 156 ASP 156 202 202 ASP ASP A . n 
A 1 157 ILE 157 203 203 ILE ILE A . n 
A 1 158 ILE 158 204 204 ILE ILE A . n 
A 1 159 ALA 159 205 205 ALA ALA A . n 
A 1 160 THR 160 206 206 THR THR A . n 
A 1 161 ASP 161 207 207 ASP ASP A . n 
A 1 162 ILE 162 208 208 ILE ILE A . n 
A 1 163 GLN 163 209 209 GLN GLN A . n 
A 1 164 THR 164 210 210 THR ALA A . n 
A 1 165 LYS 165 211 ?   ?   ?   A . n 
A 1 166 GLU 166 212 ?   ?   ?   A . n 
# 
loop_
_pdbx_nonpoly_scheme.asym_id 
_pdbx_nonpoly_scheme.entity_id 
_pdbx_nonpoly_scheme.mon_id 
_pdbx_nonpoly_scheme.ndb_seq_num 
_pdbx_nonpoly_scheme.pdb_seq_num 
_pdbx_nonpoly_scheme.auth_seq_num 
_pdbx_nonpoly_scheme.pdb_mon_id 
_pdbx_nonpoly_scheme.auth_mon_id 
_pdbx_nonpoly_scheme.pdb_strand_id 
_pdbx_nonpoly_scheme.pdb_ins_code 
B 2 SO4 1  302 302 SO4 SUL A . 
C 3 CL  1  303 303 CL  IUM A . 
D 4 TTA 1  304 1   TTA TAC A . 
E 5 HOH 1  305 1   HOH WAT A . 
E 5 HOH 2  306 2   HOH WAT A . 
E 5 HOH 3  307 3   HOH WAT A . 
E 5 HOH 4  308 4   HOH WAT A . 
E 5 HOH 5  309 5   HOH WAT A . 
E 5 HOH 6  310 6   HOH WAT A . 
E 5 HOH 7  311 7   HOH WAT A . 
E 5 HOH 8  312 8   HOH WAT A . 
E 5 HOH 9  313 9   HOH WAT A . 
E 5 HOH 10 314 10  HOH WAT A . 
E 5 HOH 11 315 11  HOH WAT A . 
E 5 HOH 12 316 12  HOH WAT A . 
E 5 HOH 13 317 13  HOH WAT A . 
E 5 HOH 14 318 14  HOH WAT A . 
E 5 HOH 15 319 15  HOH WAT A . 
E 5 HOH 16 320 16  HOH WAT A . 
E 5 HOH 17 321 17  HOH WAT A . 
E 5 HOH 18 322 18  HOH WAT A . 
E 5 HOH 19 323 19  HOH WAT A . 
E 5 HOH 20 324 20  HOH WAT A . 
E 5 HOH 21 325 21  HOH WAT A . 
E 5 HOH 22 326 22  HOH WAT A . 
E 5 HOH 23 327 23  HOH WAT A . 
E 5 HOH 24 328 24  HOH WAT A . 
E 5 HOH 25 329 25  HOH WAT A . 
E 5 HOH 26 330 26  HOH WAT A . 
E 5 HOH 27 331 27  HOH WAT A . 
E 5 HOH 28 332 28  HOH WAT A . 
E 5 HOH 29 333 29  HOH WAT A . 
E 5 HOH 30 334 30  HOH WAT A . 
E 5 HOH 31 335 31  HOH WAT A . 
E 5 HOH 32 336 32  HOH WAT A . 
E 5 HOH 33 337 33  HOH WAT A . 
E 5 HOH 34 338 34  HOH WAT A . 
E 5 HOH 35 339 35  HOH WAT A . 
E 5 HOH 36 340 36  HOH WAT A . 
E 5 HOH 37 341 37  HOH WAT A . 
E 5 HOH 38 342 38  HOH WAT A . 
E 5 HOH 39 343 39  HOH WAT A . 
E 5 HOH 40 344 40  HOH WAT A . 
E 5 HOH 41 345 41  HOH WAT A . 
E 5 HOH 42 346 42  HOH WAT A . 
E 5 HOH 43 347 43  HOH WAT A . 
E 5 HOH 44 348 44  HOH WAT A . 
E 5 HOH 45 349 45  HOH WAT A . 
E 5 HOH 46 350 46  HOH WAT A . 
E 5 HOH 47 351 47  HOH WAT A . 
E 5 HOH 48 352 48  HOH WAT A . 
E 5 HOH 49 353 49  HOH WAT A . 
E 5 HOH 50 354 50  HOH WAT A . 
E 5 HOH 51 355 51  HOH WAT A . 
E 5 HOH 52 356 52  HOH WAT A . 
E 5 HOH 53 357 53  HOH WAT A . 
E 5 HOH 54 358 54  HOH WAT A . 
E 5 HOH 55 359 55  HOH WAT A . 
E 5 HOH 56 360 56  HOH WAT A . 
E 5 HOH 57 361 57  HOH WAT A . 
E 5 HOH 58 362 58  HOH WAT A . 
E 5 HOH 59 363 59  HOH WAT A . 
E 5 HOH 60 364 60  HOH WAT A . 
E 5 HOH 61 365 61  HOH WAT A . 
E 5 HOH 62 366 62  HOH WAT A . 
E 5 HOH 63 367 63  HOH WAT A . 
E 5 HOH 64 368 64  HOH WAT A . 
E 5 HOH 65 369 65  HOH WAT A . 
E 5 HOH 66 370 66  HOH WAT A . 
E 5 HOH 67 371 67  HOH WAT A . 
E 5 HOH 68 372 68  HOH WAT A . 
E 5 HOH 69 373 69  HOH WAT A . 
E 5 HOH 70 374 70  HOH WAT A . 
E 5 HOH 71 375 71  HOH WAT A . 
E 5 HOH 72 376 72  HOH WAT A . 
E 5 HOH 73 377 73  HOH WAT A . 
E 5 HOH 74 378 74  HOH WAT A . 
E 5 HOH 75 379 75  HOH WAT A . 
E 5 HOH 76 380 76  HOH WAT A . 
E 5 HOH 77 381 77  HOH WAT A . 
E 5 HOH 78 382 78  HOH WAT A . 
E 5 HOH 79 383 79  HOH WAT A . 
E 5 HOH 80 384 80  HOH WAT A . 
E 5 HOH 81 385 81  HOH WAT A . 
E 5 HOH 82 386 82  HOH WAT A . 
E 5 HOH 83 387 83  HOH WAT A . 
E 5 HOH 84 388 84  HOH WAT A . 
E 5 HOH 85 389 85  HOH WAT A . 
E 5 HOH 86 390 86  HOH WAT A . 
E 5 HOH 87 391 87  HOH WAT A . 
E 5 HOH 88 392 88  HOH WAT A . 
E 5 HOH 89 393 89  HOH WAT A . 
E 5 HOH 90 394 90  HOH WAT A . 
E 5 HOH 91 395 91  HOH WAT A . 
E 5 HOH 92 396 92  HOH WAT A . 
E 5 HOH 93 397 93  HOH WAT A . 
E 5 HOH 94 398 94  HOH WAT A . 
E 5 HOH 95 399 95  HOH WAT A . 
E 5 HOH 96 400 96  HOH WAT A . 
E 5 HOH 97 401 97  HOH WAT A . 
E 5 HOH 98 402 98  HOH WAT A . 
# 
loop_
_pdbx_unobs_or_zero_occ_atoms.id 
_pdbx_unobs_or_zero_occ_atoms.PDB_model_num 
_pdbx_unobs_or_zero_occ_atoms.polymer_flag 
_pdbx_unobs_or_zero_occ_atoms.occupancy_flag 
_pdbx_unobs_or_zero_occ_atoms.auth_asym_id 
_pdbx_unobs_or_zero_occ_atoms.auth_comp_id 
_pdbx_unobs_or_zero_occ_atoms.auth_seq_id 
_pdbx_unobs_or_zero_occ_atoms.PDB_ins_code 
_pdbx_unobs_or_zero_occ_atoms.auth_atom_id 
_pdbx_unobs_or_zero_occ_atoms.label_alt_id 
_pdbx_unobs_or_zero_occ_atoms.label_asym_id 
_pdbx_unobs_or_zero_occ_atoms.label_comp_id 
_pdbx_unobs_or_zero_occ_atoms.label_seq_id 
_pdbx_unobs_or_zero_occ_atoms.label_atom_id 
1  1 Y 1 A CAF 65  ? CE2 ? A CAF 19  CE2 
2  1 Y 1 A LYS 111 ? CG  ? A LYS 65  CG  
3  1 Y 1 A LYS 111 ? CD  ? A LYS 65  CD  
4  1 Y 1 A LYS 111 ? CE  ? A LYS 65  CE  
5  1 Y 1 A LYS 111 ? NZ  ? A LYS 65  NZ  
6  1 Y 1 A CAF 130 ? CE2 ? A CAF 84  CE2 
7  1 Y 1 A GLN 148 ? CG  ? A GLN 102 CG  
8  1 Y 1 A GLN 148 ? CD  ? A GLN 102 CD  
9  1 Y 1 A GLN 148 ? OE1 ? A GLN 102 OE1 
10 1 Y 1 A GLN 148 ? NE2 ? A GLN 102 NE2 
11 1 Y 1 A VAL 150 ? CG1 ? A VAL 104 CG1 
12 1 Y 1 A VAL 150 ? CG2 ? A VAL 104 CG2 
13 1 Y 1 A SER 153 ? OG  ? A SER 107 OG  
14 1 Y 1 A ASP 167 ? CG  ? A ASP 121 CG  
15 1 Y 1 A ASP 167 ? OD1 ? A ASP 121 OD1 
16 1 Y 1 A ASP 167 ? OD2 ? A ASP 121 OD2 
17 1 Y 1 A THR 210 ? OG1 ? A THR 164 OG1 
18 1 Y 1 A THR 210 ? CG2 ? A THR 164 CG2 
# 
loop_
_software.name 
_software.classification 
_software.version 
_software.citation_id 
_software.pdbx_ordinal 
REFMAC    refinement       . ? 1 
DENZO     'data reduction' . ? 2 
SCALEPACK 'data scaling'   . ? 3 
# 
_cell.entry_id           1HYV 
_cell.length_a           72.010 
_cell.length_b           72.010 
_cell.length_c           65.600 
_cell.angle_alpha        90.00 
_cell.angle_beta         90.00 
_cell.angle_gamma        120.00 
_cell.Z_PDB              6 
_cell.pdbx_unique_axis   ? 
# 
_symmetry.entry_id                         1HYV 
_symmetry.space_group_name_H-M             'P 31 2 1' 
_symmetry.pdbx_full_space_group_name_H-M   ? 
_symmetry.cell_setting                     ? 
_symmetry.Int_Tables_number                152 
# 
_exptl.entry_id          1HYV 
_exptl.method            'X-RAY DIFFRACTION' 
_exptl.crystals_number   1 
# 
_exptl_crystal.id                    1 
_exptl_crystal.density_meas          ? 
_exptl_crystal.density_Matthews      2.66 
_exptl_crystal.density_percent_sol   53.80 
_exptl_crystal.description           ? 
# 
_exptl_crystal_grow.crystal_id      1 
_exptl_crystal_grow.method          'VAPOR DIFFUSION, HANGING DROP' 
_exptl_crystal_grow.temp            277 
_exptl_crystal_grow.temp_details    ? 
_exptl_crystal_grow.pH              6.5 
_exptl_crystal_grow.pdbx_details    'PEG8000, NH4SO4, Cacodylate, pH 6.5, VAPOR DIFFUSION, HANGING DROP, temperature 277K' 
_exptl_crystal_grow.pdbx_pH_range   . 
# 
_diffrn.id                     1 
_diffrn.ambient_temp           100 
_diffrn.ambient_temp_details   ? 
_diffrn.crystal_id             1 
# 
_diffrn_detector.diffrn_id              1 
_diffrn_detector.detector               CCD 
_diffrn_detector.type                   'ADSC QUANTUM 4' 
_diffrn_detector.pdbx_collection_date   1997-05-01 
_diffrn_detector.details                ? 
# 
_diffrn_radiation.diffrn_id                        1 
_diffrn_radiation.wavelength_id                    1 
_diffrn_radiation.pdbx_monochromatic_or_laue_m_l   M 
_diffrn_radiation.monochromator                    Si 
_diffrn_radiation.pdbx_diffrn_protocol             'SINGLE WAVELENGTH' 
_diffrn_radiation.pdbx_scattering_type             x-ray 
# 
_diffrn_radiation_wavelength.id           1 
_diffrn_radiation_wavelength.wavelength   1.04 
_diffrn_radiation_wavelength.wt           1.0 
# 
_diffrn_source.diffrn_id                   1 
_diffrn_source.source                      SYNCHROTRON 
_diffrn_source.type                        'SSRL BEAMLINE BL1-5' 
_diffrn_source.pdbx_synchrotron_site       SSRL 
_diffrn_source.pdbx_synchrotron_beamline   BL1-5 
_diffrn_source.pdbx_wavelength             ? 
_diffrn_source.pdbx_wavelength_list        1.04 
# 
_reflns.entry_id                     1HYV 
_reflns.observed_criterion_sigma_I   0 
_reflns.observed_criterion_sigma_F   0 
_reflns.d_resolution_low             50 
_reflns.d_resolution_high            1.7 
_reflns.number_obs                   39564 
_reflns.number_all                   39564 
_reflns.percent_possible_obs         94.4 
_reflns.pdbx_Rmerge_I_obs            0.0310000 
_reflns.pdbx_Rsym_value              ? 
_reflns.pdbx_netI_over_sigmaI        39 
_reflns.B_iso_Wilson_estimate        26.7 
_reflns.pdbx_redundancy              6.1 
_reflns.R_free_details               ? 
_reflns.limit_h_max                  ? 
_reflns.limit_h_min                  ? 
_reflns.limit_k_max                  ? 
_reflns.limit_k_min                  ? 
_reflns.limit_l_max                  ? 
_reflns.limit_l_min                  ? 
_reflns.observed_criterion_F_max     ? 
_reflns.observed_criterion_F_min     ? 
_reflns.pdbx_diffrn_id               1 
_reflns.pdbx_ordinal                 1 
# 
_reflns_shell.d_res_high             1.7 
_reflns_shell.d_res_low              1.74 
_reflns_shell.percent_possible_all   72.6 
_reflns_shell.Rmerge_I_obs           0.2350000 
_reflns_shell.pdbx_Rsym_value        ? 
_reflns_shell.meanI_over_sigI_obs    3.5 
_reflns_shell.pdbx_redundancy        ? 
_reflns_shell.percent_possible_obs   ? 
_reflns_shell.number_unique_all      ? 
_reflns_shell.pdbx_diffrn_id         ? 
_reflns_shell.pdbx_ordinal           1 
# 
_refine.entry_id                                 1HYV 
_refine.ls_number_reflns_obs                     32171 
_refine.ls_number_reflns_all                     32171 
_refine.pdbx_ls_sigma_I                          0 
_refine.pdbx_ls_sigma_F                          0 
_refine.pdbx_data_cutoff_high_absF               ? 
_refine.pdbx_data_cutoff_low_absF                ? 
_refine.ls_d_res_low                             50 
_refine.ls_d_res_high                            1.7 
_refine.ls_percent_reflns_obs                    ? 
_refine.ls_R_factor_obs                          ? 
_refine.ls_R_factor_all                          ? 
_refine.ls_R_factor_R_work                       0.2210000 
_refine.ls_R_factor_R_free                       0.2630000 
_refine.ls_R_factor_R_free_error                 ? 
_refine.ls_R_factor_R_free_error_details         ? 
_refine.ls_percent_reflns_R_free                 ? 
_refine.ls_number_reflns_R_free                  1600 
_refine.ls_number_parameters                     ? 
_refine.ls_number_restraints                     ? 
_refine.occupancy_min                            ? 
_refine.occupancy_max                            ? 
_refine.B_iso_mean                               ? 
_refine.aniso_B[1][1]                            ? 
_refine.aniso_B[2][2]                            ? 
_refine.aniso_B[3][3]                            ? 
_refine.aniso_B[1][2]                            ? 
_refine.aniso_B[1][3]                            ? 
_refine.aniso_B[2][3]                            ? 
_refine.solvent_model_details                    ? 
_refine.solvent_model_param_ksol                 ? 
_refine.solvent_model_param_bsol                 ? 
_refine.pdbx_ls_cross_valid_method               ? 
_refine.details                                  ? 
_refine.pdbx_starting_model                      ? 
_refine.pdbx_method_to_determine_struct          'MOLECULAR REPLACEMENT' 
_refine.pdbx_isotropic_thermal_model             ? 
_refine.pdbx_stereochemistry_target_values       'Default for refmac' 
_refine.pdbx_stereochem_target_val_spec_case     ? 
_refine.pdbx_R_Free_selection_details            'same 5% from starting model for MR.' 
_refine.pdbx_overall_ESU_R_Free                  ? 
_refine.overall_SU_B                             ? 
_refine.ls_redundancy_reflns_obs                 ? 
_refine.B_iso_min                                ? 
_refine.B_iso_max                                ? 
_refine.correlation_coeff_Fo_to_Fc               ? 
_refine.correlation_coeff_Fo_to_Fc_free          ? 
_refine.overall_SU_R_Cruickshank_DPI             ? 
_refine.overall_SU_R_free                        ? 
_refine.overall_SU_ML                            ? 
_refine.pdbx_overall_ESU_R                       ? 
_refine.pdbx_data_cutoff_high_rms_absF           ? 
_refine.pdbx_refine_id                           'X-RAY DIFFRACTION' 
_refine.pdbx_diffrn_id                           1 
_refine.pdbx_TLS_residual_ADP_flag               ? 
_refine.pdbx_solvent_vdw_probe_radii             ? 
_refine.pdbx_solvent_ion_probe_radii             ? 
_refine.pdbx_solvent_shrinkage_radii             ? 
_refine.pdbx_overall_phase_error                 ? 
_refine.pdbx_overall_SU_R_free_Cruickshank_DPI   ? 
_refine.pdbx_overall_SU_R_Blow_DPI               ? 
_refine.pdbx_overall_SU_R_free_Blow_DPI          ? 
# 
_refine_hist.pdbx_refine_id                   'X-RAY DIFFRACTION' 
_refine_hist.cycle_id                         LAST 
_refine_hist.pdbx_number_atoms_protein        1120 
_refine_hist.pdbx_number_atoms_nucleic_acid   0 
_refine_hist.pdbx_number_atoms_ligand         31 
_refine_hist.number_atoms_solvent             98 
_refine_hist.number_atoms_total               1249 
_refine_hist.d_res_high                       1.7 
_refine_hist.d_res_low                        50 
# 
_struct.entry_id                  1HYV 
_struct.title                     'HIV INTEGRASE CORE DOMAIN COMPLEXED WITH TETRAPHENYL ARSONIUM' 
_struct.pdbx_model_details        ? 
_struct.pdbx_CASP_flag            ? 
_struct.pdbx_model_type_details   ? 
# 
_struct_keywords.entry_id        1HYV 
_struct_keywords.pdbx_keywords   TRANSFERASE 
_struct_keywords.text            'DNA INTEGRATION, TRANSFERASE' 
# 
loop_
_struct_asym.id 
_struct_asym.pdbx_blank_PDB_chainid_flag 
_struct_asym.pdbx_modified 
_struct_asym.entity_id 
_struct_asym.details 
A N N 1 ? 
B N N 2 ? 
C N N 3 ? 
D N N 4 ? 
E N N 5 ? 
# 
_struct_ref.id                         1 
_struct_ref.db_name                    UNP 
_struct_ref.db_code                    Q76353_9HIV1 
_struct_ref.entity_id                  1 
_struct_ref.pdbx_db_accession          Q76353 
_struct_ref.pdbx_align_begin           50 
_struct_ref.pdbx_seq_one_letter_code   
;MHGQVDCSPGIWQLDCTHLEGKVILVAVHVASGYIEAEVIPAETGQETAYFLLKLAGRWPVKTVHTDNGSNFTSTTVKAA
CWWAGIKQEFGIPYNPQSQGVIESMNKELKKIIGQVRDQAEHLKTAVQMAVFIHNFKRKGGIGGYSAGERIVDIIATDIQ
TKE
;
_struct_ref.pdbx_db_isoform            ? 
# 
_struct_ref_seq.align_id                      1 
_struct_ref_seq.ref_id                        1 
_struct_ref_seq.pdbx_PDB_id_code              1HYV 
_struct_ref_seq.pdbx_strand_id                A 
_struct_ref_seq.seq_align_beg                 4 
_struct_ref_seq.pdbx_seq_align_beg_ins_code   ? 
_struct_ref_seq.seq_align_end                 166 
_struct_ref_seq.pdbx_seq_align_end_ins_code   ? 
_struct_ref_seq.pdbx_db_accession             Q76353 
_struct_ref_seq.db_align_beg                  50 
_struct_ref_seq.pdbx_db_align_beg_ins_code    ? 
_struct_ref_seq.db_align_end                  212 
_struct_ref_seq.pdbx_db_align_end_ins_code    ? 
_struct_ref_seq.pdbx_auth_seq_align_beg       50 
_struct_ref_seq.pdbx_auth_seq_align_end       212 
# 
loop_
_struct_ref_seq_dif.align_id 
_struct_ref_seq_dif.pdbx_pdb_id_code 
_struct_ref_seq_dif.mon_id 
_struct_ref_seq_dif.pdbx_pdb_strand_id 
_struct_ref_seq_dif.seq_num 
_struct_ref_seq_dif.pdbx_pdb_ins_code 
_struct_ref_seq_dif.pdbx_seq_db_name 
_struct_ref_seq_dif.pdbx_seq_db_accession_code 
_struct_ref_seq_dif.db_mon_id 
_struct_ref_seq_dif.pdbx_seq_db_seq_num 
_struct_ref_seq_dif.details 
_struct_ref_seq_dif.pdbx_auth_seq_num 
_struct_ref_seq_dif.pdbx_ordinal 
1 1HYV GLY A 1   ? UNP Q76353 ?   ?   'SEE REMARK 999'      47  1 
1 1HYV SER A 2   ? UNP Q76353 ?   ?   'SEE REMARK 999'      48  2 
1 1HYV HIS A 3   ? UNP Q76353 ?   ?   'SEE REMARK 999'      49  3 
1 1HYV CAF A 19  ? UNP Q76353 CYS 65  'modified residue'    65  4 
1 1HYV CAF A 84  ? UNP Q76353 CYS 130 'modified residue'    130 5 
1 1HYV LYS A 139 ? UNP Q76353 PHE 185 'engineered mutation' 185 6 
# 
_pdbx_struct_assembly.id                   1 
_pdbx_struct_assembly.details              author_defined_assembly 
_pdbx_struct_assembly.method_details       ? 
_pdbx_struct_assembly.oligomeric_details   dimeric 
_pdbx_struct_assembly.oligomeric_count     2 
# 
_pdbx_struct_assembly_gen.assembly_id       1 
_pdbx_struct_assembly_gen.oper_expression   1,2 
_pdbx_struct_assembly_gen.asym_id_list      A,B,C,D,E 
# 
loop_
_pdbx_struct_oper_list.id 
_pdbx_struct_oper_list.type 
_pdbx_struct_oper_list.name 
_pdbx_struct_oper_list.symmetry_operation 
_pdbx_struct_oper_list.matrix[1][1] 
_pdbx_struct_oper_list.matrix[1][2] 
_pdbx_struct_oper_list.matrix[1][3] 
_pdbx_struct_oper_list.vector[1] 
_pdbx_struct_oper_list.matrix[2][1] 
_pdbx_struct_oper_list.matrix[2][2] 
_pdbx_struct_oper_list.matrix[2][3] 
_pdbx_struct_oper_list.vector[2] 
_pdbx_struct_oper_list.matrix[3][1] 
_pdbx_struct_oper_list.matrix[3][2] 
_pdbx_struct_oper_list.matrix[3][3] 
_pdbx_struct_oper_list.vector[3] 
1 'identity operation'         1_555 x,y,z  1.0000000000 0.0000000000 0.0000000000 0.0000000000   0.0000000000 1.0000000000  0.0000000000 0.0000000000 0.0000000000 0.0000000000 1.0000000000  0.0000000000  
2 'crystal symmetry operation' 4_555 y,x,-z 0.1741277730 0.4930320205 0.8524077343 -12.6008001816 0.4930320205 -0.7929692332 0.3579374555 7.1057229704 0.8524077343 0.3579374555 -0.3811585399 13.2467128692 
# 
_struct_biol.id                    1 
_struct_biol.details               'Crystallographic 2-fold creates the biologically relevant dimer.' 
_struct_biol.pdbx_parent_biol_id   ? 
# 
loop_
_struct_conf.conf_type_id 
_struct_conf.id 
_struct_conf.pdbx_PDB_helix_id 
_struct_conf.beg_label_comp_id 
_struct_conf.beg_label_asym_id 
_struct_conf.beg_label_seq_id 
_struct_conf.pdbx_beg_PDB_ins_code 
_struct_conf.end_label_comp_id 
_struct_conf.end_label_asym_id 
_struct_conf.end_label_seq_id 
_struct_conf.pdbx_end_PDB_ins_code 
_struct_conf.beg_auth_comp_id 
_struct_conf.beg_auth_asym_id 
_struct_conf.beg_auth_seq_id 
_struct_conf.end_auth_comp_id 
_struct_conf.end_auth_asym_id 
_struct_conf.end_auth_seq_id 
_struct_conf.pdbx_PDB_helix_class 
_struct_conf.details 
_struct_conf.pdbx_PDB_helix_length 
HELX_P HELX_P1 1 THR A 47  ? TRP A 62  ? THR A 93  TRP A 108 1 ? 16 
HELX_P HELX_P2 2 ASN A 71  ? THR A 76  ? ASN A 117 THR A 122 5 ? 6  
HELX_P HELX_P3 3 SER A 77  ? ALA A 83  ? SER A 123 ALA A 129 1 ? 7  
HELX_P HELX_P4 4 GLN A 102 ? ARG A 120 ? GLN A 148 ARG A 166 1 ? 19 
HELX_P HELX_P5 5 ASP A 121 ? ALA A 123 ? ASP A 167 ALA A 169 5 ? 3  
HELX_P HELX_P6 6 HIS A 125 ? LYS A 140 ? HIS A 171 LYS A 186 1 ? 16 
HELX_P HELX_P7 7 SER A 149 ? GLN A 163 ? SER A 195 GLN A 209 1 ? 15 
# 
_struct_conf_type.id          HELX_P 
_struct_conf_type.criteria    ? 
_struct_conf_type.reference   ? 
# 
loop_
_struct_conn.id 
_struct_conn.conn_type_id 
_struct_conn.pdbx_leaving_atom_flag 
_struct_conn.pdbx_PDB_id 
_struct_conn.ptnr1_label_asym_id 
_struct_conn.ptnr1_label_comp_id 
_struct_conn.ptnr1_label_seq_id 
_struct_conn.ptnr1_label_atom_id 
_struct_conn.pdbx_ptnr1_label_alt_id 
_struct_conn.pdbx_ptnr1_PDB_ins_code 
_struct_conn.pdbx_ptnr1_standard_comp_id 
_struct_conn.ptnr1_symmetry 
_struct_conn.ptnr2_label_asym_id 
_struct_conn.ptnr2_label_comp_id 
_struct_conn.ptnr2_label_seq_id 
_struct_conn.ptnr2_label_atom_id 
_struct_conn.pdbx_ptnr2_label_alt_id 
_struct_conn.pdbx_ptnr2_PDB_ins_code 
_struct_conn.ptnr1_auth_asym_id 
_struct_conn.ptnr1_auth_comp_id 
_struct_conn.ptnr1_auth_seq_id 
_struct_conn.ptnr2_auth_asym_id 
_struct_conn.ptnr2_auth_comp_id 
_struct_conn.ptnr2_auth_seq_id 
_struct_conn.ptnr2_symmetry 
_struct_conn.pdbx_ptnr3_label_atom_id 
_struct_conn.pdbx_ptnr3_label_seq_id 
_struct_conn.pdbx_ptnr3_label_comp_id 
_struct_conn.pdbx_ptnr3_label_asym_id 
_struct_conn.pdbx_ptnr3_label_alt_id 
_struct_conn.pdbx_ptnr3_PDB_ins_code 
_struct_conn.details 
_struct_conn.pdbx_dist_value 
_struct_conn.pdbx_value_order 
_struct_conn.pdbx_role 
covale1 covale both ? A ASP 18 C ? ? ? 1_555 A CAF 19 N ? ? A ASP 64  A CAF 65  1_555 ? ? ? ? ? ? ? 1.354 ? ? 
covale2 covale both ? A CAF 19 C ? ? ? 1_555 A THR 20 N ? ? A CAF 65  A THR 66  1_555 ? ? ? ? ? ? ? 1.282 ? ? 
covale3 covale both ? A ALA 83 C ? ? ? 1_555 A CAF 84 N ? ? A ALA 129 A CAF 130 1_555 ? ? ? ? ? ? ? 1.375 ? ? 
covale4 covale both ? A CAF 84 C ? ? ? 1_555 A TRP 85 N ? ? A CAF 130 A TRP 131 1_555 ? ? ? ? ? ? ? 1.302 ? ? 
# 
_struct_conn_type.id          covale 
_struct_conn_type.criteria    ? 
_struct_conn_type.reference   ? 
# 
loop_
_pdbx_modification_feature.ordinal 
_pdbx_modification_feature.label_comp_id 
_pdbx_modification_feature.label_asym_id 
_pdbx_modification_feature.label_seq_id 
_pdbx_modification_feature.label_alt_id 
_pdbx_modification_feature.modified_residue_label_comp_id 
_pdbx_modification_feature.modified_residue_label_asym_id 
_pdbx_modification_feature.modified_residue_label_seq_id 
_pdbx_modification_feature.modified_residue_label_alt_id 
_pdbx_modification_feature.auth_comp_id 
_pdbx_modification_feature.auth_asym_id 
_pdbx_modification_feature.auth_seq_id 
_pdbx_modification_feature.PDB_ins_code 
_pdbx_modification_feature.symmetry 
_pdbx_modification_feature.modified_residue_auth_comp_id 
_pdbx_modification_feature.modified_residue_auth_asym_id 
_pdbx_modification_feature.modified_residue_auth_seq_id 
_pdbx_modification_feature.modified_residue_PDB_ins_code 
_pdbx_modification_feature.modified_residue_symmetry 
_pdbx_modification_feature.comp_id_linking_atom 
_pdbx_modification_feature.modified_residue_id_linking_atom 
_pdbx_modification_feature.modified_residue_id 
_pdbx_modification_feature.ref_pcm_id 
_pdbx_modification_feature.ref_comp_id 
_pdbx_modification_feature.type 
_pdbx_modification_feature.category 
1 CAF A 19 ? . . . . CAF A 65  ? 1_555 . . . . . . . CYS 1 CAF None 'Non-standard residue' 
2 CAF A 84 ? . . . . CAF A 130 ? 1_555 . . . . . . . CYS 1 CAF None 'Non-standard residue' 
# 
_struct_sheet.id               A 
_struct_sheet.type             ? 
_struct_sheet.number_strands   5 
_struct_sheet.details          ? 
# 
loop_
_struct_sheet_order.sheet_id 
_struct_sheet_order.range_id_1 
_struct_sheet_order.range_id_2 
_struct_sheet_order.offset 
_struct_sheet_order.sense 
A 1 2 ? anti-parallel 
A 2 3 ? anti-parallel 
A 3 4 ? parallel      
A 4 5 ? parallel      
# 
loop_
_struct_sheet_range.sheet_id 
_struct_sheet_range.id 
_struct_sheet_range.beg_label_comp_id 
_struct_sheet_range.beg_label_asym_id 
_struct_sheet_range.beg_label_seq_id 
_struct_sheet_range.pdbx_beg_PDB_ins_code 
_struct_sheet_range.end_label_comp_id 
_struct_sheet_range.end_label_asym_id 
_struct_sheet_range.end_label_seq_id 
_struct_sheet_range.pdbx_end_PDB_ins_code 
_struct_sheet_range.beg_auth_comp_id 
_struct_sheet_range.beg_auth_asym_id 
_struct_sheet_range.beg_auth_seq_id 
_struct_sheet_range.end_auth_comp_id 
_struct_sheet_range.end_auth_asym_id 
_struct_sheet_range.end_auth_seq_id 
A 1 ILE A 38 ? ILE A 43 ? ILE A 84  ILE A 89  
A 2 LYS A 25 ? HIS A 32 ? LYS A 71  HIS A 78  
A 3 ILE A 14 ? LEU A 22 ? ILE A 60  LEU A 68  
A 4 THR A 66 ? HIS A 68 ? THR A 112 HIS A 114 
A 5 LYS A 90 ? GLN A 91 ? LYS A 136 GLN A 137 
# 
loop_
_pdbx_struct_sheet_hbond.sheet_id 
_pdbx_struct_sheet_hbond.range_id_1 
_pdbx_struct_sheet_hbond.range_id_2 
_pdbx_struct_sheet_hbond.range_1_label_atom_id 
_pdbx_struct_sheet_hbond.range_1_label_comp_id 
_pdbx_struct_sheet_hbond.range_1_label_asym_id 
_pdbx_struct_sheet_hbond.range_1_label_seq_id 
_pdbx_struct_sheet_hbond.range_1_PDB_ins_code 
_pdbx_struct_sheet_hbond.range_1_auth_atom_id 
_pdbx_struct_sheet_hbond.range_1_auth_comp_id 
_pdbx_struct_sheet_hbond.range_1_auth_asym_id 
_pdbx_struct_sheet_hbond.range_1_auth_seq_id 
_pdbx_struct_sheet_hbond.range_2_label_atom_id 
_pdbx_struct_sheet_hbond.range_2_label_comp_id 
_pdbx_struct_sheet_hbond.range_2_label_asym_id 
_pdbx_struct_sheet_hbond.range_2_label_seq_id 
_pdbx_struct_sheet_hbond.range_2_PDB_ins_code 
_pdbx_struct_sheet_hbond.range_2_auth_atom_id 
_pdbx_struct_sheet_hbond.range_2_auth_comp_id 
_pdbx_struct_sheet_hbond.range_2_auth_asym_id 
_pdbx_struct_sheet_hbond.range_2_auth_seq_id 
A 1 2 N ILE A 43 ? N ILE A 89  O VAL A 26 ? O VAL A 72  
A 2 3 N VAL A 31 ? N VAL A 77  O GLN A 16 ? O GLN A 62  
A 3 4 N TRP A 15 ? N TRP A 61  O THR A 66 ? O THR A 112 
A 4 5 N VAL A 67 ? N VAL A 113 O LYS A 90 ? O LYS A 136 
# 
loop_
_struct_site.id 
_struct_site.pdbx_evidence_code 
_struct_site.pdbx_auth_asym_id 
_struct_site.pdbx_auth_comp_id 
_struct_site.pdbx_auth_seq_id 
_struct_site.pdbx_auth_ins_code 
_struct_site.pdbx_num_residues 
_struct_site.details 
AC1 Software A SO4 302 ? 5  'BINDING SITE FOR RESIDUE SO4 A 302' 
AC2 Software A CL  303 ? 4  'BINDING SITE FOR RESIDUE CL A 303'  
AC3 Software A TTA 304 ? 10 'BINDING SITE FOR RESIDUE TTA A 304' 
# 
loop_
_struct_site_gen.id 
_struct_site_gen.site_id 
_struct_site_gen.pdbx_num_res 
_struct_site_gen.label_comp_id 
_struct_site_gen.label_asym_id 
_struct_site_gen.label_seq_id 
_struct_site_gen.pdbx_auth_ins_code 
_struct_site_gen.auth_comp_id 
_struct_site_gen.auth_asym_id 
_struct_site_gen.auth_seq_id 
_struct_site_gen.label_atom_id 
_struct_site_gen.label_alt_id 
_struct_site_gen.symmetry 
_struct_site_gen.details 
1  AC1 5  LYS A 25  ? LYS A 71  . ? 1_555 ? 
2  AC1 5  ARG A 120 ? ARG A 166 . ? 1_555 ? 
3  AC1 5  HIS A 125 ? HIS A 171 . ? 1_555 ? 
4  AC1 5  LEU A 126 ? LEU A 172 . ? 1_555 ? 
5  AC1 5  HOH E .   ? HOH A 325 . ? 1_555 ? 
6  AC2 4  GLU A 124 ? GLU A 170 . ? 1_555 ? 
7  AC2 4  HIS A 125 ? HIS A 171 . ? 1_555 ? 
8  AC2 4  THR A 128 ? THR A 174 . ? 1_555 ? 
9  AC2 4  TTA D .   ? TTA A 304 . ? 1_555 ? 
10 AC3 10 ALA A 82  ? ALA A 128 . ? 4_555 ? 
11 AC3 10 PHE A 93  ? PHE A 139 . ? 5_564 ? 
12 AC3 10 ASP A 121 ? ASP A 167 . ? 1_555 ? 
13 AC3 10 GLN A 122 ? GLN A 168 . ? 1_555 ? 
14 AC3 10 ALA A 123 ? ALA A 169 . ? 1_555 ? 
15 AC3 10 THR A 128 ? THR A 174 . ? 1_555 ? 
16 AC3 10 CL  C .   ? CL  A 303 . ? 1_555 ? 
17 AC3 10 HOH E .   ? HOH A 353 . ? 4_555 ? 
18 AC3 10 HOH E .   ? HOH A 395 . ? 4_555 ? 
19 AC3 10 HOH E .   ? HOH A 402 . ? 1_555 ? 
# 
_pdbx_entry_details.entry_id                   1HYV 
_pdbx_entry_details.compound_details           ? 
_pdbx_entry_details.source_details             ? 
_pdbx_entry_details.nonpolymer_details         ? 
_pdbx_entry_details.sequence_details           ? 
_pdbx_entry_details.has_ligand_of_interest     ? 
_pdbx_entry_details.has_protein_modification   Y 
# 
loop_
_pdbx_validate_close_contact.id 
_pdbx_validate_close_contact.PDB_model_num 
_pdbx_validate_close_contact.auth_atom_id_1 
_pdbx_validate_close_contact.auth_asym_id_1 
_pdbx_validate_close_contact.auth_comp_id_1 
_pdbx_validate_close_contact.auth_seq_id_1 
_pdbx_validate_close_contact.PDB_ins_code_1 
_pdbx_validate_close_contact.label_alt_id_1 
_pdbx_validate_close_contact.auth_atom_id_2 
_pdbx_validate_close_contact.auth_asym_id_2 
_pdbx_validate_close_contact.auth_comp_id_2 
_pdbx_validate_close_contact.auth_seq_id_2 
_pdbx_validate_close_contact.PDB_ins_code_2 
_pdbx_validate_close_contact.label_alt_id_2 
_pdbx_validate_close_contact.dist 
1 1 C21 A TTA 304 ? ? O A HOH 402 ? ? 1.81 
2 1 OE1 A GLU 157 ? ? O A HOH 387 ? ? 1.89 
3 1 OD2 A ASP 116 ? ? O A HOH 367 ? ? 2.04 
4 1 O   A HOH 379 ? ? O A HOH 388 ? ? 2.08 
5 1 C22 A TTA 304 ? ? O A HOH 402 ? ? 2.15 
# 
loop_
_pdbx_validate_symm_contact.id 
_pdbx_validate_symm_contact.PDB_model_num 
_pdbx_validate_symm_contact.auth_atom_id_1 
_pdbx_validate_symm_contact.auth_asym_id_1 
_pdbx_validate_symm_contact.auth_comp_id_1 
_pdbx_validate_symm_contact.auth_seq_id_1 
_pdbx_validate_symm_contact.PDB_ins_code_1 
_pdbx_validate_symm_contact.label_alt_id_1 
_pdbx_validate_symm_contact.site_symmetry_1 
_pdbx_validate_symm_contact.auth_atom_id_2 
_pdbx_validate_symm_contact.auth_asym_id_2 
_pdbx_validate_symm_contact.auth_comp_id_2 
_pdbx_validate_symm_contact.auth_seq_id_2 
_pdbx_validate_symm_contact.PDB_ins_code_2 
_pdbx_validate_symm_contact.label_alt_id_2 
_pdbx_validate_symm_contact.site_symmetry_2 
_pdbx_validate_symm_contact.dist 
1 1 O  A HOH 400 ? ? 1_555 O A HOH 400 ? ? 4_555 0.76 
2 1 NZ A LYS 127 ? ? 1_555 O A HOH 394 ? ? 5_664 2.04 
3 1 O  A HOH 360 ? ? 1_555 O A HOH 393 ? ? 5_564 2.18 
# 
loop_
_pdbx_validate_rmsd_angle.id 
_pdbx_validate_rmsd_angle.PDB_model_num 
_pdbx_validate_rmsd_angle.auth_atom_id_1 
_pdbx_validate_rmsd_angle.auth_asym_id_1 
_pdbx_validate_rmsd_angle.auth_comp_id_1 
_pdbx_validate_rmsd_angle.auth_seq_id_1 
_pdbx_validate_rmsd_angle.PDB_ins_code_1 
_pdbx_validate_rmsd_angle.label_alt_id_1 
_pdbx_validate_rmsd_angle.auth_atom_id_2 
_pdbx_validate_rmsd_angle.auth_asym_id_2 
_pdbx_validate_rmsd_angle.auth_comp_id_2 
_pdbx_validate_rmsd_angle.auth_seq_id_2 
_pdbx_validate_rmsd_angle.PDB_ins_code_2 
_pdbx_validate_rmsd_angle.label_alt_id_2 
_pdbx_validate_rmsd_angle.auth_atom_id_3 
_pdbx_validate_rmsd_angle.auth_asym_id_3 
_pdbx_validate_rmsd_angle.auth_comp_id_3 
_pdbx_validate_rmsd_angle.auth_seq_id_3 
_pdbx_validate_rmsd_angle.PDB_ins_code_3 
_pdbx_validate_rmsd_angle.label_alt_id_3 
_pdbx_validate_rmsd_angle.angle_value 
_pdbx_validate_rmsd_angle.angle_target_value 
_pdbx_validate_rmsd_angle.angle_deviation 
_pdbx_validate_rmsd_angle.angle_standard_deviation 
_pdbx_validate_rmsd_angle.linker_flag 
1  1 CB A TYR 83  ? ? CG  A TYR 83  ? ? CD2 A TYR 83  ? ? 117.34 121.00 -3.66 0.60 N 
2  1 CA A GLU 87  ? ? CB  A GLU 87  ? ? CG  A GLU 87  ? ? 127.00 113.40 13.60 2.20 N 
3  1 CB A TYR 99  ? ? CG  A TYR 99  ? ? CD1 A TYR 99  ? ? 115.17 121.00 -5.83 0.60 N 
4  1 CG A TYR 99  ? ? CD1 A TYR 99  ? ? CE1 A TYR 99  ? ? 115.85 121.30 -5.45 0.80 N 
5  1 CB A PHE 100 ? ? CG  A PHE 100 ? ? CD2 A PHE 100 ? ? 116.00 120.80 -4.80 0.70 N 
6  1 CD A ARG 107 ? ? NE  A ARG 107 ? ? CZ  A ARG 107 ? ? 132.67 123.60 9.07  1.40 N 
7  1 NE A ARG 107 ? ? CZ  A ARG 107 ? ? NH2 A ARG 107 ? ? 116.65 120.30 -3.65 0.50 N 
8  1 O  A PRO 109 ? ? C   A PRO 109 ? ? N   A VAL 110 ? ? 132.54 122.70 9.84  1.60 Y 
9  1 O  A THR 115 ? ? C   A THR 115 ? ? N   A ASP 116 ? ? 139.60 122.70 16.90 1.60 Y 
10 1 CB A ASP 116 ? ? CG  A ASP 116 ? ? OD1 A ASP 116 ? ? 124.11 118.30 5.81  0.90 N 
11 1 CB A PHE 121 ? ? CG  A PHE 121 ? ? CD2 A PHE 121 ? ? 116.45 120.80 -4.35 0.70 N 
12 1 O  A LYS 127 ? ? C   A LYS 127 ? ? N   A ALA 128 ? ? 132.74 122.70 10.04 1.60 Y 
13 1 CB A TRP 132 ? ? CG  A TRP 132 ? ? CD1 A TRP 132 ? ? 119.13 127.00 -7.87 1.30 N 
14 1 NE A ARG 166 ? ? CZ  A ARG 166 ? ? NH1 A ARG 166 ? ? 115.74 120.30 -4.56 0.50 N 
15 1 NE A ARG 199 ? ? CZ  A ARG 199 ? ? NH2 A ARG 199 ? ? 116.11 120.30 -4.19 0.50 N 
# 
loop_
_pdbx_validate_main_chain_plane.id 
_pdbx_validate_main_chain_plane.PDB_model_num 
_pdbx_validate_main_chain_plane.auth_comp_id 
_pdbx_validate_main_chain_plane.auth_asym_id 
_pdbx_validate_main_chain_plane.auth_seq_id 
_pdbx_validate_main_chain_plane.PDB_ins_code 
_pdbx_validate_main_chain_plane.label_alt_id 
_pdbx_validate_main_chain_plane.improper_torsion_angle 
1 1 LEU A 63  ? B 10.64 
2 1 SER A 123 ? ? 12.97 
# 
loop_
_pdbx_struct_mod_residue.id 
_pdbx_struct_mod_residue.label_asym_id 
_pdbx_struct_mod_residue.label_comp_id 
_pdbx_struct_mod_residue.label_seq_id 
_pdbx_struct_mod_residue.auth_asym_id 
_pdbx_struct_mod_residue.auth_comp_id 
_pdbx_struct_mod_residue.auth_seq_id 
_pdbx_struct_mod_residue.PDB_ins_code 
_pdbx_struct_mod_residue.parent_comp_id 
_pdbx_struct_mod_residue.details 
1 A CAF 19 A CAF 65  ? CYS S-DIMETHYLARSINOYL-CYSTEINE 
2 A CAF 84 A CAF 130 ? CYS S-DIMETHYLARSINOYL-CYSTEINE 
# 
_pdbx_database_remark.id     999 
_pdbx_database_remark.text   
;The protein was expressed with N-term 6x histidine 
tag which when removed with thrombin leaves GSH at the 
N-terminus.
;
# 
loop_
_pdbx_unobs_or_zero_occ_residues.id 
_pdbx_unobs_or_zero_occ_residues.PDB_model_num 
_pdbx_unobs_or_zero_occ_residues.polymer_flag 
_pdbx_unobs_or_zero_occ_residues.occupancy_flag 
_pdbx_unobs_or_zero_occ_residues.auth_asym_id 
_pdbx_unobs_or_zero_occ_residues.auth_comp_id 
_pdbx_unobs_or_zero_occ_residues.auth_seq_id 
_pdbx_unobs_or_zero_occ_residues.PDB_ins_code 
_pdbx_unobs_or_zero_occ_residues.label_asym_id 
_pdbx_unobs_or_zero_occ_residues.label_comp_id 
_pdbx_unobs_or_zero_occ_residues.label_seq_id 
1  1 Y 1 A GLY 47  ? A GLY 1   
2  1 Y 1 A SER 48  ? A SER 2   
3  1 Y 1 A HIS 49  ? A HIS 3   
4  1 Y 1 A MET 50  ? A MET 4   
5  1 Y 1 A HIS 51  ? A HIS 5   
6  1 Y 1 A GLY 52  ? A GLY 6   
7  1 Y 1 A GLN 53  ? A GLN 7   
8  1 Y 1 A VAL 54  ? A VAL 8   
9  1 Y 1 A ASP 55  ? A ASP 9   
10 1 Y 1 A CYS 56  ? A CYS 10  
11 1 Y 1 A ILE 141 ? A ILE 95  
12 1 Y 1 A PRO 142 ? A PRO 96  
13 1 Y 1 A TYR 143 ? A TYR 97  
14 1 Y 1 A ASN 144 ? A ASN 98  
15 1 Y 1 A PRO 145 ? A PRO 99  
16 1 Y 1 A GLN 146 ? A GLN 100 
17 1 Y 1 A SER 147 ? A SER 101 
18 1 Y 1 A GLY 190 ? A GLY 144 
19 1 Y 1 A ILE 191 ? A ILE 145 
20 1 Y 1 A GLY 192 ? A GLY 146 
21 1 Y 1 A LYS 211 ? A LYS 165 
22 1 Y 1 A GLU 212 ? A GLU 166 
# 
loop_
_chem_comp_atom.comp_id 
_chem_comp_atom.atom_id 
_chem_comp_atom.type_symbol 
_chem_comp_atom.pdbx_aromatic_flag 
_chem_comp_atom.pdbx_stereo_config 
_chem_comp_atom.pdbx_ordinal 
ALA N    N  N N 1   
ALA CA   C  N S 2   
ALA C    C  N N 3   
ALA O    O  N N 4   
ALA CB   C  N N 5   
ALA OXT  O  N N 6   
ALA H    H  N N 7   
ALA H2   H  N N 8   
ALA HA   H  N N 9   
ALA HB1  H  N N 10  
ALA HB2  H  N N 11  
ALA HB3  H  N N 12  
ALA HXT  H  N N 13  
ARG N    N  N N 14  
ARG CA   C  N S 15  
ARG C    C  N N 16  
ARG O    O  N N 17  
ARG CB   C  N N 18  
ARG CG   C  N N 19  
ARG CD   C  N N 20  
ARG NE   N  N N 21  
ARG CZ   C  N N 22  
ARG NH1  N  N N 23  
ARG NH2  N  N N 24  
ARG OXT  O  N N 25  
ARG H    H  N N 26  
ARG H2   H  N N 27  
ARG HA   H  N N 28  
ARG HB2  H  N N 29  
ARG HB3  H  N N 30  
ARG HG2  H  N N 31  
ARG HG3  H  N N 32  
ARG HD2  H  N N 33  
ARG HD3  H  N N 34  
ARG HE   H  N N 35  
ARG HH11 H  N N 36  
ARG HH12 H  N N 37  
ARG HH21 H  N N 38  
ARG HH22 H  N N 39  
ARG HXT  H  N N 40  
ASN N    N  N N 41  
ASN CA   C  N S 42  
ASN C    C  N N 43  
ASN O    O  N N 44  
ASN CB   C  N N 45  
ASN CG   C  N N 46  
ASN OD1  O  N N 47  
ASN ND2  N  N N 48  
ASN OXT  O  N N 49  
ASN H    H  N N 50  
ASN H2   H  N N 51  
ASN HA   H  N N 52  
ASN HB2  H  N N 53  
ASN HB3  H  N N 54  
ASN HD21 H  N N 55  
ASN HD22 H  N N 56  
ASN HXT  H  N N 57  
ASP N    N  N N 58  
ASP CA   C  N S 59  
ASP C    C  N N 60  
ASP O    O  N N 61  
ASP CB   C  N N 62  
ASP CG   C  N N 63  
ASP OD1  O  N N 64  
ASP OD2  O  N N 65  
ASP OXT  O  N N 66  
ASP H    H  N N 67  
ASP H2   H  N N 68  
ASP HA   H  N N 69  
ASP HB2  H  N N 70  
ASP HB3  H  N N 71  
ASP HD2  H  N N 72  
ASP HXT  H  N N 73  
CAF N    N  N N 74  
CAF CA   C  N R 75  
CAF CB   C  N N 76  
CAF C    C  N N 77  
CAF O    O  N N 78  
CAF OXT  O  N N 79  
CAF SG   S  N N 80  
CAF AS   AS N N 81  
CAF CE1  C  N N 82  
CAF CE2  C  N N 83  
CAF O1   O  N N 84  
CAF H    H  N N 85  
CAF H2   H  N N 86  
CAF HA   H  N N 87  
CAF HB2  H  N N 88  
CAF HB3  H  N N 89  
CAF HXT  H  N N 90  
CAF HE11 H  N N 91  
CAF HE12 H  N N 92  
CAF HE13 H  N N 93  
CAF HE21 H  N N 94  
CAF HE22 H  N N 95  
CAF HE23 H  N N 96  
CL  CL   CL N N 97  
CYS N    N  N N 98  
CYS CA   C  N R 99  
CYS C    C  N N 100 
CYS O    O  N N 101 
CYS CB   C  N N 102 
CYS SG   S  N N 103 
CYS OXT  O  N N 104 
CYS H    H  N N 105 
CYS H2   H  N N 106 
CYS HA   H  N N 107 
CYS HB2  H  N N 108 
CYS HB3  H  N N 109 
CYS HG   H  N N 110 
CYS HXT  H  N N 111 
GLN N    N  N N 112 
GLN CA   C  N S 113 
GLN C    C  N N 114 
GLN O    O  N N 115 
GLN CB   C  N N 116 
GLN CG   C  N N 117 
GLN CD   C  N N 118 
GLN OE1  O  N N 119 
GLN NE2  N  N N 120 
GLN OXT  O  N N 121 
GLN H    H  N N 122 
GLN H2   H  N N 123 
GLN HA   H  N N 124 
GLN HB2  H  N N 125 
GLN HB3  H  N N 126 
GLN HG2  H  N N 127 
GLN HG3  H  N N 128 
GLN HE21 H  N N 129 
GLN HE22 H  N N 130 
GLN HXT  H  N N 131 
GLU N    N  N N 132 
GLU CA   C  N S 133 
GLU C    C  N N 134 
GLU O    O  N N 135 
GLU CB   C  N N 136 
GLU CG   C  N N 137 
GLU CD   C  N N 138 
GLU OE1  O  N N 139 
GLU OE2  O  N N 140 
GLU OXT  O  N N 141 
GLU H    H  N N 142 
GLU H2   H  N N 143 
GLU HA   H  N N 144 
GLU HB2  H  N N 145 
GLU HB3  H  N N 146 
GLU HG2  H  N N 147 
GLU HG3  H  N N 148 
GLU HE2  H  N N 149 
GLU HXT  H  N N 150 
GLY N    N  N N 151 
GLY CA   C  N N 152 
GLY C    C  N N 153 
GLY O    O  N N 154 
GLY OXT  O  N N 155 
GLY H    H  N N 156 
GLY H2   H  N N 157 
GLY HA2  H  N N 158 
GLY HA3  H  N N 159 
GLY HXT  H  N N 160 
HIS N    N  N N 161 
HIS CA   C  N S 162 
HIS C    C  N N 163 
HIS O    O  N N 164 
HIS CB   C  N N 165 
HIS CG   C  Y N 166 
HIS ND1  N  Y N 167 
HIS CD2  C  Y N 168 
HIS CE1  C  Y N 169 
HIS NE2  N  Y N 170 
HIS OXT  O  N N 171 
HIS H    H  N N 172 
HIS H2   H  N N 173 
HIS HA   H  N N 174 
HIS HB2  H  N N 175 
HIS HB3  H  N N 176 
HIS HD1  H  N N 177 
HIS HD2  H  N N 178 
HIS HE1  H  N N 179 
HIS HE2  H  N N 180 
HIS HXT  H  N N 181 
HOH O    O  N N 182 
HOH H1   H  N N 183 
HOH H2   H  N N 184 
ILE N    N  N N 185 
ILE CA   C  N S 186 
ILE C    C  N N 187 
ILE O    O  N N 188 
ILE CB   C  N S 189 
ILE CG1  C  N N 190 
ILE CG2  C  N N 191 
ILE CD1  C  N N 192 
ILE OXT  O  N N 193 
ILE H    H  N N 194 
ILE H2   H  N N 195 
ILE HA   H  N N 196 
ILE HB   H  N N 197 
ILE HG12 H  N N 198 
ILE HG13 H  N N 199 
ILE HG21 H  N N 200 
ILE HG22 H  N N 201 
ILE HG23 H  N N 202 
ILE HD11 H  N N 203 
ILE HD12 H  N N 204 
ILE HD13 H  N N 205 
ILE HXT  H  N N 206 
LEU N    N  N N 207 
LEU CA   C  N S 208 
LEU C    C  N N 209 
LEU O    O  N N 210 
LEU CB   C  N N 211 
LEU CG   C  N N 212 
LEU CD1  C  N N 213 
LEU CD2  C  N N 214 
LEU OXT  O  N N 215 
LEU H    H  N N 216 
LEU H2   H  N N 217 
LEU HA   H  N N 218 
LEU HB2  H  N N 219 
LEU HB3  H  N N 220 
LEU HG   H  N N 221 
LEU HD11 H  N N 222 
LEU HD12 H  N N 223 
LEU HD13 H  N N 224 
LEU HD21 H  N N 225 
LEU HD22 H  N N 226 
LEU HD23 H  N N 227 
LEU HXT  H  N N 228 
LYS N    N  N N 229 
LYS CA   C  N S 230 
LYS C    C  N N 231 
LYS O    O  N N 232 
LYS CB   C  N N 233 
LYS CG   C  N N 234 
LYS CD   C  N N 235 
LYS CE   C  N N 236 
LYS NZ   N  N N 237 
LYS OXT  O  N N 238 
LYS H    H  N N 239 
LYS H2   H  N N 240 
LYS HA   H  N N 241 
LYS HB2  H  N N 242 
LYS HB3  H  N N 243 
LYS HG2  H  N N 244 
LYS HG3  H  N N 245 
LYS HD2  H  N N 246 
LYS HD3  H  N N 247 
LYS HE2  H  N N 248 
LYS HE3  H  N N 249 
LYS HZ1  H  N N 250 
LYS HZ2  H  N N 251 
LYS HZ3  H  N N 252 
LYS HXT  H  N N 253 
MET N    N  N N 254 
MET CA   C  N S 255 
MET C    C  N N 256 
MET O    O  N N 257 
MET CB   C  N N 258 
MET CG   C  N N 259 
MET SD   S  N N 260 
MET CE   C  N N 261 
MET OXT  O  N N 262 
MET H    H  N N 263 
MET H2   H  N N 264 
MET HA   H  N N 265 
MET HB2  H  N N 266 
MET HB3  H  N N 267 
MET HG2  H  N N 268 
MET HG3  H  N N 269 
MET HE1  H  N N 270 
MET HE2  H  N N 271 
MET HE3  H  N N 272 
MET HXT  H  N N 273 
PHE N    N  N N 274 
PHE CA   C  N S 275 
PHE C    C  N N 276 
PHE O    O  N N 277 
PHE CB   C  N N 278 
PHE CG   C  Y N 279 
PHE CD1  C  Y N 280 
PHE CD2  C  Y N 281 
PHE CE1  C  Y N 282 
PHE CE2  C  Y N 283 
PHE CZ   C  Y N 284 
PHE OXT  O  N N 285 
PHE H    H  N N 286 
PHE H2   H  N N 287 
PHE HA   H  N N 288 
PHE HB2  H  N N 289 
PHE HB3  H  N N 290 
PHE HD1  H  N N 291 
PHE HD2  H  N N 292 
PHE HE1  H  N N 293 
PHE HE2  H  N N 294 
PHE HZ   H  N N 295 
PHE HXT  H  N N 296 
PRO N    N  N N 297 
PRO CA   C  N S 298 
PRO C    C  N N 299 
PRO O    O  N N 300 
PRO CB   C  N N 301 
PRO CG   C  N N 302 
PRO CD   C  N N 303 
PRO OXT  O  N N 304 
PRO H    H  N N 305 
PRO HA   H  N N 306 
PRO HB2  H  N N 307 
PRO HB3  H  N N 308 
PRO HG2  H  N N 309 
PRO HG3  H  N N 310 
PRO HD2  H  N N 311 
PRO HD3  H  N N 312 
PRO HXT  H  N N 313 
SER N    N  N N 314 
SER CA   C  N S 315 
SER C    C  N N 316 
SER O    O  N N 317 
SER CB   C  N N 318 
SER OG   O  N N 319 
SER OXT  O  N N 320 
SER H    H  N N 321 
SER H2   H  N N 322 
SER HA   H  N N 323 
SER HB2  H  N N 324 
SER HB3  H  N N 325 
SER HG   H  N N 326 
SER HXT  H  N N 327 
SO4 S    S  N N 328 
SO4 O1   O  N N 329 
SO4 O2   O  N N 330 
SO4 O3   O  N N 331 
SO4 O4   O  N N 332 
THR N    N  N N 333 
THR CA   C  N S 334 
THR C    C  N N 335 
THR O    O  N N 336 
THR CB   C  N R 337 
THR OG1  O  N N 338 
THR CG2  C  N N 339 
THR OXT  O  N N 340 
THR H    H  N N 341 
THR H2   H  N N 342 
THR HA   H  N N 343 
THR HB   H  N N 344 
THR HG1  H  N N 345 
THR HG21 H  N N 346 
THR HG22 H  N N 347 
THR HG23 H  N N 348 
THR HXT  H  N N 349 
TRP N    N  N N 350 
TRP CA   C  N S 351 
TRP C    C  N N 352 
TRP O    O  N N 353 
TRP CB   C  N N 354 
TRP CG   C  Y N 355 
TRP CD1  C  Y N 356 
TRP CD2  C  Y N 357 
TRP NE1  N  Y N 358 
TRP CE2  C  Y N 359 
TRP CE3  C  Y N 360 
TRP CZ2  C  Y N 361 
TRP CZ3  C  Y N 362 
TRP CH2  C  Y N 363 
TRP OXT  O  N N 364 
TRP H    H  N N 365 
TRP H2   H  N N 366 
TRP HA   H  N N 367 
TRP HB2  H  N N 368 
TRP HB3  H  N N 369 
TRP HD1  H  N N 370 
TRP HE1  H  N N 371 
TRP HE3  H  N N 372 
TRP HZ2  H  N N 373 
TRP HZ3  H  N N 374 
TRP HH2  H  N N 375 
TRP HXT  H  N N 376 
TTA AS   AS N N 377 
TTA C1   C  Y N 378 
TTA C2   C  Y N 379 
TTA C3   C  Y N 380 
TTA C4   C  Y N 381 
TTA C5   C  Y N 382 
TTA C6   C  Y N 383 
TTA C7   C  Y N 384 
TTA C8   C  Y N 385 
TTA C9   C  Y N 386 
TTA C10  C  Y N 387 
TTA C11  C  Y N 388 
TTA C12  C  Y N 389 
TTA C13  C  Y N 390 
TTA C14  C  Y N 391 
TTA C15  C  Y N 392 
TTA C16  C  Y N 393 
TTA C17  C  Y N 394 
TTA C18  C  Y N 395 
TTA C19  C  Y N 396 
TTA C20  C  Y N 397 
TTA C21  C  Y N 398 
TTA C22  C  Y N 399 
TTA C23  C  Y N 400 
TTA C24  C  Y N 401 
TTA HC2  H  N N 402 
TTA HC3  H  N N 403 
TTA HC4  H  N N 404 
TTA HC5  H  N N 405 
TTA HC6  H  N N 406 
TTA HC8  H  N N 407 
TTA HC9  H  N N 408 
TTA H10  H  N N 409 
TTA H11  H  N N 410 
TTA H12  H  N N 411 
TTA H14  H  N N 412 
TTA H15  H  N N 413 
TTA H16  H  N N 414 
TTA H17  H  N N 415 
TTA H18  H  N N 416 
TTA H20  H  N N 417 
TTA H21  H  N N 418 
TTA H22  H  N N 419 
TTA H23  H  N N 420 
TTA H24  H  N N 421 
TYR N    N  N N 422 
TYR CA   C  N S 423 
TYR C    C  N N 424 
TYR O    O  N N 425 
TYR CB   C  N N 426 
TYR CG   C  Y N 427 
TYR CD1  C  Y N 428 
TYR CD2  C  Y N 429 
TYR CE1  C  Y N 430 
TYR CE2  C  Y N 431 
TYR CZ   C  Y N 432 
TYR OH   O  N N 433 
TYR OXT  O  N N 434 
TYR H    H  N N 435 
TYR H2   H  N N 436 
TYR HA   H  N N 437 
TYR HB2  H  N N 438 
TYR HB3  H  N N 439 
TYR HD1  H  N N 440 
TYR HD2  H  N N 441 
TYR HE1  H  N N 442 
TYR HE2  H  N N 443 
TYR HH   H  N N 444 
TYR HXT  H  N N 445 
VAL N    N  N N 446 
VAL CA   C  N S 447 
VAL C    C  N N 448 
VAL O    O  N N 449 
VAL CB   C  N N 450 
VAL CG1  C  N N 451 
VAL CG2  C  N N 452 
VAL OXT  O  N N 453 
VAL H    H  N N 454 
VAL H2   H  N N 455 
VAL HA   H  N N 456 
VAL HB   H  N N 457 
VAL HG11 H  N N 458 
VAL HG12 H  N N 459 
VAL HG13 H  N N 460 
VAL HG21 H  N N 461 
VAL HG22 H  N N 462 
VAL HG23 H  N N 463 
VAL HXT  H  N N 464 
# 
loop_
_chem_comp_bond.comp_id 
_chem_comp_bond.atom_id_1 
_chem_comp_bond.atom_id_2 
_chem_comp_bond.value_order 
_chem_comp_bond.pdbx_aromatic_flag 
_chem_comp_bond.pdbx_stereo_config 
_chem_comp_bond.pdbx_ordinal 
ALA N   CA   sing N N 1   
ALA N   H    sing N N 2   
ALA N   H2   sing N N 3   
ALA CA  C    sing N N 4   
ALA CA  CB   sing N N 5   
ALA CA  HA   sing N N 6   
ALA C   O    doub N N 7   
ALA C   OXT  sing N N 8   
ALA CB  HB1  sing N N 9   
ALA CB  HB2  sing N N 10  
ALA CB  HB3  sing N N 11  
ALA OXT HXT  sing N N 12  
ARG N   CA   sing N N 13  
ARG N   H    sing N N 14  
ARG N   H2   sing N N 15  
ARG CA  C    sing N N 16  
ARG CA  CB   sing N N 17  
ARG CA  HA   sing N N 18  
ARG C   O    doub N N 19  
ARG C   OXT  sing N N 20  
ARG CB  CG   sing N N 21  
ARG CB  HB2  sing N N 22  
ARG CB  HB3  sing N N 23  
ARG CG  CD   sing N N 24  
ARG CG  HG2  sing N N 25  
ARG CG  HG3  sing N N 26  
ARG CD  NE   sing N N 27  
ARG CD  HD2  sing N N 28  
ARG CD  HD3  sing N N 29  
ARG NE  CZ   sing N N 30  
ARG NE  HE   sing N N 31  
ARG CZ  NH1  sing N N 32  
ARG CZ  NH2  doub N N 33  
ARG NH1 HH11 sing N N 34  
ARG NH1 HH12 sing N N 35  
ARG NH2 HH21 sing N N 36  
ARG NH2 HH22 sing N N 37  
ARG OXT HXT  sing N N 38  
ASN N   CA   sing N N 39  
ASN N   H    sing N N 40  
ASN N   H2   sing N N 41  
ASN CA  C    sing N N 42  
ASN CA  CB   sing N N 43  
ASN CA  HA   sing N N 44  
ASN C   O    doub N N 45  
ASN C   OXT  sing N N 46  
ASN CB  CG   sing N N 47  
ASN CB  HB2  sing N N 48  
ASN CB  HB3  sing N N 49  
ASN CG  OD1  doub N N 50  
ASN CG  ND2  sing N N 51  
ASN ND2 HD21 sing N N 52  
ASN ND2 HD22 sing N N 53  
ASN OXT HXT  sing N N 54  
ASP N   CA   sing N N 55  
ASP N   H    sing N N 56  
ASP N   H2   sing N N 57  
ASP CA  C    sing N N 58  
ASP CA  CB   sing N N 59  
ASP CA  HA   sing N N 60  
ASP C   O    doub N N 61  
ASP C   OXT  sing N N 62  
ASP CB  CG   sing N N 63  
ASP CB  HB2  sing N N 64  
ASP CB  HB3  sing N N 65  
ASP CG  OD1  doub N N 66  
ASP CG  OD2  sing N N 67  
ASP OD2 HD2  sing N N 68  
ASP OXT HXT  sing N N 69  
CAF N   CA   sing N N 70  
CAF N   H    sing N N 71  
CAF N   H2   sing N N 72  
CAF CA  CB   sing N N 73  
CAF CA  C    sing N N 74  
CAF CA  HA   sing N N 75  
CAF CB  SG   sing N N 76  
CAF CB  HB2  sing N N 77  
CAF CB  HB3  sing N N 78  
CAF C   O    doub N N 79  
CAF C   OXT  sing N N 80  
CAF OXT HXT  sing N N 81  
CAF SG  AS   sing N N 82  
CAF AS  CE1  sing N N 83  
CAF AS  CE2  sing N N 84  
CAF AS  O1   doub N N 85  
CAF CE1 HE11 sing N N 86  
CAF CE1 HE12 sing N N 87  
CAF CE1 HE13 sing N N 88  
CAF CE2 HE21 sing N N 89  
CAF CE2 HE22 sing N N 90  
CAF CE2 HE23 sing N N 91  
CYS N   CA   sing N N 92  
CYS N   H    sing N N 93  
CYS N   H2   sing N N 94  
CYS CA  C    sing N N 95  
CYS CA  CB   sing N N 96  
CYS CA  HA   sing N N 97  
CYS C   O    doub N N 98  
CYS C   OXT  sing N N 99  
CYS CB  SG   sing N N 100 
CYS CB  HB2  sing N N 101 
CYS CB  HB3  sing N N 102 
CYS SG  HG   sing N N 103 
CYS OXT HXT  sing N N 104 
GLN N   CA   sing N N 105 
GLN N   H    sing N N 106 
GLN N   H2   sing N N 107 
GLN CA  C    sing N N 108 
GLN CA  CB   sing N N 109 
GLN CA  HA   sing N N 110 
GLN C   O    doub N N 111 
GLN C   OXT  sing N N 112 
GLN CB  CG   sing N N 113 
GLN CB  HB2  sing N N 114 
GLN CB  HB3  sing N N 115 
GLN CG  CD   sing N N 116 
GLN CG  HG2  sing N N 117 
GLN CG  HG3  sing N N 118 
GLN CD  OE1  doub N N 119 
GLN CD  NE2  sing N N 120 
GLN NE2 HE21 sing N N 121 
GLN NE2 HE22 sing N N 122 
GLN OXT HXT  sing N N 123 
GLU N   CA   sing N N 124 
GLU N   H    sing N N 125 
GLU N   H2   sing N N 126 
GLU CA  C    sing N N 127 
GLU CA  CB   sing N N 128 
GLU CA  HA   sing N N 129 
GLU C   O    doub N N 130 
GLU C   OXT  sing N N 131 
GLU CB  CG   sing N N 132 
GLU CB  HB2  sing N N 133 
GLU CB  HB3  sing N N 134 
GLU CG  CD   sing N N 135 
GLU CG  HG2  sing N N 136 
GLU CG  HG3  sing N N 137 
GLU CD  OE1  doub N N 138 
GLU CD  OE2  sing N N 139 
GLU OE2 HE2  sing N N 140 
GLU OXT HXT  sing N N 141 
GLY N   CA   sing N N 142 
GLY N   H    sing N N 143 
GLY N   H2   sing N N 144 
GLY CA  C    sing N N 145 
GLY CA  HA2  sing N N 146 
GLY CA  HA3  sing N N 147 
GLY C   O    doub N N 148 
GLY C   OXT  sing N N 149 
GLY OXT HXT  sing N N 150 
HIS N   CA   sing N N 151 
HIS N   H    sing N N 152 
HIS N   H2   sing N N 153 
HIS CA  C    sing N N 154 
HIS CA  CB   sing N N 155 
HIS CA  HA   sing N N 156 
HIS C   O    doub N N 157 
HIS C   OXT  sing N N 158 
HIS CB  CG   sing N N 159 
HIS CB  HB2  sing N N 160 
HIS CB  HB3  sing N N 161 
HIS CG  ND1  sing Y N 162 
HIS CG  CD2  doub Y N 163 
HIS ND1 CE1  doub Y N 164 
HIS ND1 HD1  sing N N 165 
HIS CD2 NE2  sing Y N 166 
HIS CD2 HD2  sing N N 167 
HIS CE1 NE2  sing Y N 168 
HIS CE1 HE1  sing N N 169 
HIS NE2 HE2  sing N N 170 
HIS OXT HXT  sing N N 171 
HOH O   H1   sing N N 172 
HOH O   H2   sing N N 173 
ILE N   CA   sing N N 174 
ILE N   H    sing N N 175 
ILE N   H2   sing N N 176 
ILE CA  C    sing N N 177 
ILE CA  CB   sing N N 178 
ILE CA  HA   sing N N 179 
ILE C   O    doub N N 180 
ILE C   OXT  sing N N 181 
ILE CB  CG1  sing N N 182 
ILE CB  CG2  sing N N 183 
ILE CB  HB   sing N N 184 
ILE CG1 CD1  sing N N 185 
ILE CG1 HG12 sing N N 186 
ILE CG1 HG13 sing N N 187 
ILE CG2 HG21 sing N N 188 
ILE CG2 HG22 sing N N 189 
ILE CG2 HG23 sing N N 190 
ILE CD1 HD11 sing N N 191 
ILE CD1 HD12 sing N N 192 
ILE CD1 HD13 sing N N 193 
ILE OXT HXT  sing N N 194 
LEU N   CA   sing N N 195 
LEU N   H    sing N N 196 
LEU N   H2   sing N N 197 
LEU CA  C    sing N N 198 
LEU CA  CB   sing N N 199 
LEU CA  HA   sing N N 200 
LEU C   O    doub N N 201 
LEU C   OXT  sing N N 202 
LEU CB  CG   sing N N 203 
LEU CB  HB2  sing N N 204 
LEU CB  HB3  sing N N 205 
LEU CG  CD1  sing N N 206 
LEU CG  CD2  sing N N 207 
LEU CG  HG   sing N N 208 
LEU CD1 HD11 sing N N 209 
LEU CD1 HD12 sing N N 210 
LEU CD1 HD13 sing N N 211 
LEU CD2 HD21 sing N N 212 
LEU CD2 HD22 sing N N 213 
LEU CD2 HD23 sing N N 214 
LEU OXT HXT  sing N N 215 
LYS N   CA   sing N N 216 
LYS N   H    sing N N 217 
LYS N   H2   sing N N 218 
LYS CA  C    sing N N 219 
LYS CA  CB   sing N N 220 
LYS CA  HA   sing N N 221 
LYS C   O    doub N N 222 
LYS C   OXT  sing N N 223 
LYS CB  CG   sing N N 224 
LYS CB  HB2  sing N N 225 
LYS CB  HB3  sing N N 226 
LYS CG  CD   sing N N 227 
LYS CG  HG2  sing N N 228 
LYS CG  HG3  sing N N 229 
LYS CD  CE   sing N N 230 
LYS CD  HD2  sing N N 231 
LYS CD  HD3  sing N N 232 
LYS CE  NZ   sing N N 233 
LYS CE  HE2  sing N N 234 
LYS CE  HE3  sing N N 235 
LYS NZ  HZ1  sing N N 236 
LYS NZ  HZ2  sing N N 237 
LYS NZ  HZ3  sing N N 238 
LYS OXT HXT  sing N N 239 
MET N   CA   sing N N 240 
MET N   H    sing N N 241 
MET N   H2   sing N N 242 
MET CA  C    sing N N 243 
MET CA  CB   sing N N 244 
MET CA  HA   sing N N 245 
MET C   O    doub N N 246 
MET C   OXT  sing N N 247 
MET CB  CG   sing N N 248 
MET CB  HB2  sing N N 249 
MET CB  HB3  sing N N 250 
MET CG  SD   sing N N 251 
MET CG  HG2  sing N N 252 
MET CG  HG3  sing N N 253 
MET SD  CE   sing N N 254 
MET CE  HE1  sing N N 255 
MET CE  HE2  sing N N 256 
MET CE  HE3  sing N N 257 
MET OXT HXT  sing N N 258 
PHE N   CA   sing N N 259 
PHE N   H    sing N N 260 
PHE N   H2   sing N N 261 
PHE CA  C    sing N N 262 
PHE CA  CB   sing N N 263 
PHE CA  HA   sing N N 264 
PHE C   O    doub N N 265 
PHE C   OXT  sing N N 266 
PHE CB  CG   sing N N 267 
PHE CB  HB2  sing N N 268 
PHE CB  HB3  sing N N 269 
PHE CG  CD1  doub Y N 270 
PHE CG  CD2  sing Y N 271 
PHE CD1 CE1  sing Y N 272 
PHE CD1 HD1  sing N N 273 
PHE CD2 CE2  doub Y N 274 
PHE CD2 HD2  sing N N 275 
PHE CE1 CZ   doub Y N 276 
PHE CE1 HE1  sing N N 277 
PHE CE2 CZ   sing Y N 278 
PHE CE2 HE2  sing N N 279 
PHE CZ  HZ   sing N N 280 
PHE OXT HXT  sing N N 281 
PRO N   CA   sing N N 282 
PRO N   CD   sing N N 283 
PRO N   H    sing N N 284 
PRO CA  C    sing N N 285 
PRO CA  CB   sing N N 286 
PRO CA  HA   sing N N 287 
PRO C   O    doub N N 288 
PRO C   OXT  sing N N 289 
PRO CB  CG   sing N N 290 
PRO CB  HB2  sing N N 291 
PRO CB  HB3  sing N N 292 
PRO CG  CD   sing N N 293 
PRO CG  HG2  sing N N 294 
PRO CG  HG3  sing N N 295 
PRO CD  HD2  sing N N 296 
PRO CD  HD3  sing N N 297 
PRO OXT HXT  sing N N 298 
SER N   CA   sing N N 299 
SER N   H    sing N N 300 
SER N   H2   sing N N 301 
SER CA  C    sing N N 302 
SER CA  CB   sing N N 303 
SER CA  HA   sing N N 304 
SER C   O    doub N N 305 
SER C   OXT  sing N N 306 
SER CB  OG   sing N N 307 
SER CB  HB2  sing N N 308 
SER CB  HB3  sing N N 309 
SER OG  HG   sing N N 310 
SER OXT HXT  sing N N 311 
SO4 S   O1   doub N N 312 
SO4 S   O2   doub N N 313 
SO4 S   O3   sing N N 314 
SO4 S   O4   sing N N 315 
THR N   CA   sing N N 316 
THR N   H    sing N N 317 
THR N   H2   sing N N 318 
THR CA  C    sing N N 319 
THR CA  CB   sing N N 320 
THR CA  HA   sing N N 321 
THR C   O    doub N N 322 
THR C   OXT  sing N N 323 
THR CB  OG1  sing N N 324 
THR CB  CG2  sing N N 325 
THR CB  HB   sing N N 326 
THR OG1 HG1  sing N N 327 
THR CG2 HG21 sing N N 328 
THR CG2 HG22 sing N N 329 
THR CG2 HG23 sing N N 330 
THR OXT HXT  sing N N 331 
TRP N   CA   sing N N 332 
TRP N   H    sing N N 333 
TRP N   H2   sing N N 334 
TRP CA  C    sing N N 335 
TRP CA  CB   sing N N 336 
TRP CA  HA   sing N N 337 
TRP C   O    doub N N 338 
TRP C   OXT  sing N N 339 
TRP CB  CG   sing N N 340 
TRP CB  HB2  sing N N 341 
TRP CB  HB3  sing N N 342 
TRP CG  CD1  doub Y N 343 
TRP CG  CD2  sing Y N 344 
TRP CD1 NE1  sing Y N 345 
TRP CD1 HD1  sing N N 346 
TRP CD2 CE2  doub Y N 347 
TRP CD2 CE3  sing Y N 348 
TRP NE1 CE2  sing Y N 349 
TRP NE1 HE1  sing N N 350 
TRP CE2 CZ2  sing Y N 351 
TRP CE3 CZ3  doub Y N 352 
TRP CE3 HE3  sing N N 353 
TRP CZ2 CH2  doub Y N 354 
TRP CZ2 HZ2  sing N N 355 
TRP CZ3 CH2  sing Y N 356 
TRP CZ3 HZ3  sing N N 357 
TRP CH2 HH2  sing N N 358 
TRP OXT HXT  sing N N 359 
TTA AS  C1   sing N N 360 
TTA AS  C7   sing N N 361 
TTA AS  C13  sing N N 362 
TTA AS  C19  sing N N 363 
TTA C1  C2   doub Y N 364 
TTA C1  C6   sing Y N 365 
TTA C2  C3   sing Y N 366 
TTA C2  HC2  sing N N 367 
TTA C3  C4   doub Y N 368 
TTA C3  HC3  sing N N 369 
TTA C4  C5   sing Y N 370 
TTA C4  HC4  sing N N 371 
TTA C5  C6   doub Y N 372 
TTA C5  HC5  sing N N 373 
TTA C6  HC6  sing N N 374 
TTA C7  C8   doub Y N 375 
TTA C7  C12  sing Y N 376 
TTA C8  C9   sing Y N 377 
TTA C8  HC8  sing N N 378 
TTA C9  C10  doub Y N 379 
TTA C9  HC9  sing N N 380 
TTA C10 C11  sing Y N 381 
TTA C10 H10  sing N N 382 
TTA C11 C12  doub Y N 383 
TTA C11 H11  sing N N 384 
TTA C12 H12  sing N N 385 
TTA C13 C14  doub Y N 386 
TTA C13 C18  sing Y N 387 
TTA C14 C15  sing Y N 388 
TTA C14 H14  sing N N 389 
TTA C15 C16  doub Y N 390 
TTA C15 H15  sing N N 391 
TTA C16 C17  sing Y N 392 
TTA C16 H16  sing N N 393 
TTA C17 C18  doub Y N 394 
TTA C17 H17  sing N N 395 
TTA C18 H18  sing N N 396 
TTA C19 C20  doub Y N 397 
TTA C19 C24  sing Y N 398 
TTA C20 C21  sing Y N 399 
TTA C20 H20  sing N N 400 
TTA C21 C22  doub Y N 401 
TTA C21 H21  sing N N 402 
TTA C22 C23  sing Y N 403 
TTA C22 H22  sing N N 404 
TTA C23 C24  doub Y N 405 
TTA C23 H23  sing N N 406 
TTA C24 H24  sing N N 407 
TYR N   CA   sing N N 408 
TYR N   H    sing N N 409 
TYR N   H2   sing N N 410 
TYR CA  C    sing N N 411 
TYR CA  CB   sing N N 412 
TYR CA  HA   sing N N 413 
TYR C   O    doub N N 414 
TYR C   OXT  sing N N 415 
TYR CB  CG   sing N N 416 
TYR CB  HB2  sing N N 417 
TYR CB  HB3  sing N N 418 
TYR CG  CD1  doub Y N 419 
TYR CG  CD2  sing Y N 420 
TYR CD1 CE1  sing Y N 421 
TYR CD1 HD1  sing N N 422 
TYR CD2 CE2  doub Y N 423 
TYR CD2 HD2  sing N N 424 
TYR CE1 CZ   doub Y N 425 
TYR CE1 HE1  sing N N 426 
TYR CE2 CZ   sing Y N 427 
TYR CE2 HE2  sing N N 428 
TYR CZ  OH   sing N N 429 
TYR OH  HH   sing N N 430 
TYR OXT HXT  sing N N 431 
VAL N   CA   sing N N 432 
VAL N   H    sing N N 433 
VAL N   H2   sing N N 434 
VAL CA  C    sing N N 435 
VAL CA  CB   sing N N 436 
VAL CA  HA   sing N N 437 
VAL C   O    doub N N 438 
VAL C   OXT  sing N N 439 
VAL CB  CG1  sing N N 440 
VAL CB  CG2  sing N N 441 
VAL CB  HB   sing N N 442 
VAL CG1 HG11 sing N N 443 
VAL CG1 HG12 sing N N 444 
VAL CG1 HG13 sing N N 445 
VAL CG2 HG21 sing N N 446 
VAL CG2 HG22 sing N N 447 
VAL CG2 HG23 sing N N 448 
VAL OXT HXT  sing N N 449 
# 
_atom_sites.entry_id                    1HYV 
_atom_sites.fract_transf_matrix[1][1]   0.01375278 
_atom_sites.fract_transf_matrix[1][2]   -0.00292242 
_atom_sites.fract_transf_matrix[1][3]   0.00771836 
_atom_sites.fract_transf_matrix[2][1]   0.00753314 
_atom_sites.fract_transf_matrix[2][2]   0.01186164 
_atom_sites.fract_transf_matrix[2][3]   0.00773530 
_atom_sites.fract_transf_matrix[3][1]   -0.00780882 
_atom_sites.fract_transf_matrix[3][2]   -0.00329967 
_atom_sites.fract_transf_matrix[3][3]   0.01266460 
_atom_sites.fract_transf_vector[1]      0.514034 
_atom_sites.fract_transf_vector[2]      0.422228 
_atom_sites.fract_transf_vector[3]      -0.121358 
# 
loop_
_atom_type.symbol 
AS 
C  
CL 
N  
O  
S  
# 
loop_
_atom_site.group_PDB 
_atom_site.id 
_atom_site.type_symbol 
_atom_site.label_atom_id 
_atom_site.label_alt_id 
_atom_site.label_comp_id 
_atom_site.label_asym_id 
_atom_site.label_entity_id 
_atom_site.label_seq_id 
_atom_site.pdbx_PDB_ins_code 
_atom_site.Cartn_x 
_atom_site.Cartn_y 
_atom_site.Cartn_z 
_atom_site.occupancy 
_atom_site.B_iso_or_equiv 
_atom_site.pdbx_formal_charge 
_atom_site.auth_seq_id 
_atom_site.auth_comp_id 
_atom_site.auth_asym_id 
_atom_site.auth_atom_id 
_atom_site.pdbx_PDB_model_num 
ATOM   1    N  N   . SER A 1 11  ? -7.833  -11.144 -8.023  1.00 50.40 ? 57  SER A N   1 
ATOM   2    C  CA  . SER A 1 11  ? -7.967  -11.734 -6.642  1.00 48.53 ? 57  SER A CA  1 
ATOM   3    C  C   . SER A 1 11  ? -8.061  -10.576 -5.650  1.00 45.87 ? 57  SER A C   1 
ATOM   4    O  O   . SER A 1 11  ? -7.101  -9.825  -5.507  1.00 45.94 ? 57  SER A O   1 
ATOM   5    C  CB  . SER A 1 11  ? -6.812  -12.665 -6.325  1.00 50.53 ? 57  SER A CB  1 
ATOM   6    O  OG  . SER A 1 11  ? -7.182  -13.516 -5.248  1.00 53.08 ? 57  SER A OG  1 
ATOM   7    N  N   . PRO A 1 12  ? -9.233  -10.372 -5.057  1.00 42.19 ? 58  PRO A N   1 
ATOM   8    C  CA  . PRO A 1 12  ? -9.529  -9.208  -4.261  1.00 38.55 ? 58  PRO A CA  1 
ATOM   9    C  C   . PRO A 1 12  ? -8.815  -9.053  -2.928  1.00 35.22 ? 58  PRO A C   1 
ATOM   10   O  O   . PRO A 1 12  ? -8.928  -7.961  -2.354  1.00 31.49 ? 58  PRO A O   1 
ATOM   11   C  CB  . PRO A 1 12  ? -11.029 -9.326  -3.971  1.00 40.15 ? 58  PRO A CB  1 
ATOM   12   C  CG  . PRO A 1 12  ? -11.320 -10.783 -4.141  1.00 41.79 ? 58  PRO A CG  1 
ATOM   13   C  CD  . PRO A 1 12  ? -10.420 -11.252 -5.244  1.00 40.80 ? 58  PRO A CD  1 
ATOM   14   N  N   . GLY A 1 13  ? -8.236  -10.143 -2.442  1.00 33.04 ? 59  GLY A N   1 
ATOM   15   C  CA  . GLY A 1 13  ? -7.569  -10.030 -1.142  1.00 28.78 ? 59  GLY A CA  1 
ATOM   16   C  C   . GLY A 1 13  ? -6.050  -9.861  -1.304  1.00 27.05 ? 59  GLY A C   1 
ATOM   17   O  O   . GLY A 1 13  ? -5.367  -9.908  -0.289  1.00 23.86 ? 59  GLY A O   1 
ATOM   18   N  N   . ILE A 1 14  ? -5.559  -9.585  -2.519  1.00 25.77 ? 60  ILE A N   1 
ATOM   19   C  CA  . ILE A 1 14  ? -4.091  -9.515  -2.651  1.00 25.26 ? 60  ILE A CA  1 
ATOM   20   C  C   . ILE A 1 14  ? -3.583  -8.076  -2.629  1.00 22.26 ? 60  ILE A C   1 
ATOM   21   O  O   . ILE A 1 14  ? -4.071  -7.199  -3.371  1.00 24.66 ? 60  ILE A O   1 
ATOM   22   C  CB  . ILE A 1 14  ? -3.599  -10.157 -3.993  1.00 28.37 ? 60  ILE A CB  1 
ATOM   23   C  CG1 . ILE A 1 14  ? -3.984  -11.631 -4.081  1.00 32.50 ? 60  ILE A CG1 1 
ATOM   24   C  CG2 . ILE A 1 14  ? -2.072  -10.017 -4.047  1.00 29.11 ? 60  ILE A CG2 1 
ATOM   25   C  CD1 . ILE A 1 14  ? -3.847  -12.196 -5.509  1.00 33.42 ? 60  ILE A CD1 1 
ATOM   26   N  N   . TRP A 1 15  ? -2.568  -7.799  -1.837  1.00 20.57 ? 61  TRP A N   1 
ATOM   27   C  CA  . TRP A 1 15  ? -1.956  -6.512  -1.711  1.00 20.47 ? 61  TRP A CA  1 
ATOM   28   C  C   . TRP A 1 15  ? -0.439  -6.637  -1.954  1.00 23.99 ? 61  TRP A C   1 
ATOM   29   O  O   . TRP A 1 15  ? 0.095   -7.685  -1.624  1.00 27.00 ? 61  TRP A O   1 
ATOM   30   C  CB  . TRP A 1 15  ? -2.185  -5.922  -0.291  1.00 22.44 ? 61  TRP A CB  1 
ATOM   31   C  CG  . TRP A 1 15  ? -3.624  -5.487  -0.067  1.00 20.64 ? 61  TRP A CG  1 
ATOM   32   C  CD1 . TRP A 1 15  ? -4.698  -6.323  0.187   1.00 21.32 ? 61  TRP A CD1 1 
ATOM   33   C  CD2 . TRP A 1 15  ? -4.097  -4.153  -0.047  1.00 19.91 ? 61  TRP A CD2 1 
ATOM   34   N  NE1 . TRP A 1 15  ? -5.837  -5.548  0.295   1.00 20.95 ? 61  TRP A NE1 1 
ATOM   35   C  CE2 . TRP A 1 15  ? -5.510  -4.243  0.219   1.00 19.29 ? 61  TRP A CE2 1 
ATOM   36   C  CE3 . TRP A 1 15  ? -3.514  -2.905  -0.184  1.00 20.33 ? 61  TRP A CE3 1 
ATOM   37   C  CZ2 . TRP A 1 15  ? -6.251  -3.059  0.297   1.00 20.23 ? 61  TRP A CZ2 1 
ATOM   38   C  CZ3 . TRP A 1 15  ? -4.256  -1.734  -0.089  1.00 20.74 ? 61  TRP A CZ3 1 
ATOM   39   C  CH2 . TRP A 1 15  ? -5.639  -1.851  0.161   1.00 19.56 ? 61  TRP A CH2 1 
ATOM   40   N  N   . GLN A 1 16  ? 0.158   -5.581  -2.445  1.00 21.07 ? 62  GLN A N   1 
ATOM   41   C  CA  . GLN A 1 16  ? 1.609   -5.512  -2.618  1.00 21.59 ? 62  GLN A CA  1 
ATOM   42   C  C   . GLN A 1 16  ? 2.157   -4.503  -1.684  1.00 21.70 ? 62  GLN A C   1 
ATOM   43   O  O   . GLN A 1 16  ? 1.530   -3.414  -1.557  1.00 24.38 ? 62  GLN A O   1 
ATOM   44   C  CB  . GLN A 1 16  ? 1.826   -5.002  -4.096  1.00 23.96 ? 62  GLN A CB  1 
ATOM   45   C  CG  . GLN A 1 16  ? 3.318   -4.709  -4.264  1.00 25.92 ? 62  GLN A CG  1 
ATOM   46   C  CD  . GLN A 1 16  ? 4.121   -5.873  -4.885  1.00 24.02 ? 62  GLN A CD  1 
ATOM   47   O  OE1 . GLN A 1 16  ? 3.604   -6.811  -5.434  1.00 28.79 ? 62  GLN A OE1 1 
ATOM   48   N  NE2 . GLN A 1 16  ? 5.435   -5.658  -4.852  1.00 25.20 ? 62  GLN A NE2 1 
ATOM   49   N  N   A LEU A 1 17  ? 3.221   -4.784  -0.961  0.60 19.62 ? 63  LEU A N   1 
ATOM   50   N  N   B LEU A 1 17  ? 3.194   -4.712  -0.879  0.40 19.87 ? 63  LEU A N   1 
ATOM   51   C  CA  A LEU A 1 17  ? 3.776   -3.856  -0.026  0.60 19.44 ? 63  LEU A CA  1 
ATOM   52   C  CA  B LEU A 1 17  ? 3.726   -3.750  0.053   0.40 19.85 ? 63  LEU A CA  1 
ATOM   53   C  C   A LEU A 1 17  ? 5.286   -3.672  -0.232  0.60 22.55 ? 63  LEU A C   1 
ATOM   54   C  C   B LEU A 1 17  ? 5.252   -3.644  -0.172  0.40 22.01 ? 63  LEU A C   1 
ATOM   55   O  O   A LEU A 1 17  ? 5.987   -4.697  -0.301  0.60 24.21 ? 63  LEU A O   1 
ATOM   56   O  O   B LEU A 1 17  ? 5.837   -4.677  -0.527  0.40 22.93 ? 63  LEU A O   1 
ATOM   57   C  CB  A LEU A 1 17  ? 3.567   -4.494  1.383   0.60 21.41 ? 63  LEU A CB  1 
ATOM   58   C  CB  B LEU A 1 17  ? 3.564   -4.148  1.535   0.40 20.29 ? 63  LEU A CB  1 
ATOM   59   C  CG  A LEU A 1 17  ? 3.884   -3.540  2.505   0.60 20.79 ? 63  LEU A CG  1 
ATOM   60   C  CG  B LEU A 1 17  ? 2.273   -3.783  2.263   0.40 20.69 ? 63  LEU A CG  1 
ATOM   61   C  CD1 A LEU A 1 17  ? 2.961   -2.320  2.508   0.60 22.46 ? 63  LEU A CD1 1 
ATOM   62   C  CD1 B LEU A 1 17  ? 1.086   -4.554  1.728   0.40 20.81 ? 63  LEU A CD1 1 
ATOM   63   C  CD2 A LEU A 1 17  ? 3.625   -4.245  3.858   0.60 23.10 ? 63  LEU A CD2 1 
ATOM   64   C  CD2 B LEU A 1 17  ? 2.508   -4.081  3.750   0.40 20.98 ? 63  LEU A CD2 1 
ATOM   65   N  N   . ASP A 1 18  ? 5.707   -2.421  -0.353  1.00 21.96 ? 64  ASP A N   1 
ATOM   66   C  CA  . ASP A 1 18  ? 7.125   -2.116  -0.485  1.00 25.15 ? 64  ASP A CA  1 
ATOM   67   C  C   . ASP A 1 18  ? 7.465   -0.812  0.191   1.00 24.96 ? 64  ASP A C   1 
ATOM   68   O  O   . ASP A 1 18  ? 6.609   0.021   0.533   1.00 25.25 ? 64  ASP A O   1 
ATOM   69   C  CB  . ASP A 1 18  ? 7.494   -1.904  -1.980  1.00 23.41 ? 64  ASP A CB  1 
ATOM   70   C  CG  . ASP A 1 18  ? 7.207   -3.166  -2.756  1.00 24.97 ? 64  ASP A CG  1 
ATOM   71   O  OD1 . ASP A 1 18  ? 8.077   -4.071  -2.734  1.00 28.25 ? 64  ASP A OD1 1 
ATOM   72   O  OD2 . ASP A 1 18  ? 6.158   -3.340  -3.410  1.00 27.27 ? 64  ASP A OD2 1 
HETATM 73   N  N   . CAF A 1 19  ? 8.784   -0.537  0.321   1.00 21.06 ? 65  CAF A N   1 
HETATM 74   C  CA  . CAF A 1 19  ? 9.211   0.742   0.802   1.00 19.50 ? 65  CAF A CA  1 
HETATM 75   C  CB  . CAF A 1 19  ? 10.128  0.738   2.015   1.00 23.62 ? 65  CAF A CB  1 
HETATM 76   C  C   . CAF A 1 19  ? 10.034  1.482   -0.299  1.00 26.66 ? 65  CAF A C   1 
HETATM 77   O  O   . CAF A 1 19  ? 10.751  0.786   -1.063  1.00 27.74 ? 65  CAF A O   1 
HETATM 78   S  SG  . CAF A 1 19  ? 9.203   0.209   3.552   1.00 24.41 ? 65  CAF A SG  1 
HETATM 79   AS AS  . CAF A 1 19  ? 9.652   -2.006  3.451   1.00 35.75 ? 65  CAF A AS  1 
HETATM 80   C  CE1 . CAF A 1 19  ? 10.112  -2.298  5.209   1.00 31.27 ? 65  CAF A CE1 1 
HETATM 81   O  O1  . CAF A 1 19  ? 7.998   -2.903  3.538   1.00 35.55 ? 65  CAF A O1  1 
ATOM   82   N  N   . THR A 1 20  ? 9.842   2.747   -0.222  1.00 26.17 ? 66  THR A N   1 
ATOM   83   C  CA  . THR A 1 20  ? 10.674  3.558   -1.191  1.00 30.65 ? 66  THR A CA  1 
ATOM   84   C  C   . THR A 1 20  ? 11.318  4.639   -0.406  1.00 31.46 ? 66  THR A C   1 
ATOM   85   O  O   . THR A 1 20  ? 10.995  4.891   0.735   1.00 30.87 ? 66  THR A O   1 
ATOM   86   C  CB  . THR A 1 20  ? 9.845   4.129   -2.318  1.00 33.17 ? 66  THR A CB  1 
ATOM   87   O  OG1 . THR A 1 20  ? 8.809   4.977   -1.791  1.00 36.86 ? 66  THR A OG1 1 
ATOM   88   C  CG2 . THR A 1 20  ? 9.203   3.085   -3.158  1.00 34.49 ? 66  THR A CG2 1 
ATOM   89   N  N   . HIS A 1 21  ? 12.218  5.454   -1.069  1.00 32.41 ? 67  HIS A N   1 
ATOM   90   C  CA  . HIS A 1 21  ? 12.943  6.421   -0.260  1.00 34.55 ? 67  HIS A CA  1 
ATOM   91   C  C   . HIS A 1 21  ? 12.877  7.788   -0.958  1.00 33.89 ? 67  HIS A C   1 
ATOM   92   O  O   . HIS A 1 21  ? 12.860  7.782   -2.194  1.00 36.61 ? 67  HIS A O   1 
ATOM   93   C  CB  . HIS A 1 21  ? 14.411  5.994   -0.094  1.00 38.10 ? 67  HIS A CB  1 
ATOM   94   C  CG  . HIS A 1 21  ? 14.528  4.713   0.689   1.00 40.75 ? 67  HIS A CG  1 
ATOM   95   N  ND1 . HIS A 1 21  ? 14.372  3.498   0.060   1.00 44.56 ? 67  HIS A ND1 1 
ATOM   96   C  CD2 . HIS A 1 21  ? 14.770  4.451   1.989   1.00 42.16 ? 67  HIS A CD2 1 
ATOM   97   C  CE1 . HIS A 1 21  ? 14.516  2.511   0.940   1.00 43.37 ? 67  HIS A CE1 1 
ATOM   98   N  NE2 . HIS A 1 21  ? 14.759  3.077   2.106   1.00 43.82 ? 67  HIS A NE2 1 
ATOM   99   N  N   . LEU A 1 22  ? 12.745  8.821   -0.181  1.00 35.70 ? 68  LEU A N   1 
ATOM   100  C  CA  . LEU A 1 22  ? 12.700  10.196  -0.723  1.00 36.36 ? 68  LEU A CA  1 
ATOM   101  C  C   . LEU A 1 22  ? 13.096  11.145  0.365   1.00 36.00 ? 68  LEU A C   1 
ATOM   102  O  O   . LEU A 1 22  ? 12.703  11.019  1.524   1.00 34.86 ? 68  LEU A O   1 
ATOM   103  C  CB  . LEU A 1 22  ? 11.328  10.416  -1.345  1.00 38.57 ? 68  LEU A CB  1 
ATOM   104  C  CG  . LEU A 1 22  ? 10.983  11.591  -2.223  1.00 41.11 ? 68  LEU A CG  1 
ATOM   105  C  CD1 . LEU A 1 22  ? 11.593  11.423  -3.619  1.00 40.93 ? 68  LEU A CD1 1 
ATOM   106  C  CD2 . LEU A 1 22  ? 9.466   11.777  -2.416  1.00 39.33 ? 68  LEU A CD2 1 
ATOM   107  N  N   . GLU A 1 23  ? 14.059  12.106  0.136   1.00 37.38 ? 69  GLU A N   1 
ATOM   108  C  CA  . GLU A 1 23  ? 14.445  13.029  1.196   1.00 38.47 ? 69  GLU A CA  1 
ATOM   109  C  C   . GLU A 1 23  ? 15.012  12.451  2.472   1.00 39.18 ? 69  GLU A C   1 
ATOM   110  O  O   . GLU A 1 23  ? 14.877  13.083  3.524   1.00 40.43 ? 69  GLU A O   1 
ATOM   111  C  CB  . GLU A 1 23  ? 13.212  13.888  1.605   1.00 39.70 ? 69  GLU A CB  1 
ATOM   112  C  CG  . GLU A 1 23  ? 12.746  14.787  0.490   1.00 40.17 ? 69  GLU A CG  1 
ATOM   113  C  CD  . GLU A 1 23  ? 11.586  15.717  0.824   1.00 38.61 ? 69  GLU A CD  1 
ATOM   114  O  OE1 . GLU A 1 23  ? 11.359  16.090  1.985   1.00 41.79 ? 69  GLU A OE1 1 
ATOM   115  O  OE2 . GLU A 1 23  ? 10.931  16.064  -0.170  1.00 40.04 ? 69  GLU A OE2 1 
ATOM   116  N  N   . GLY A 1 24  ? 15.669  11.301  2.453   1.00 40.77 ? 70  GLY A N   1 
ATOM   117  C  CA  . GLY A 1 24  ? 16.216  10.701  3.663   1.00 41.10 ? 70  GLY A CA  1 
ATOM   118  C  C   . GLY A 1 24  ? 15.155  9.965   4.477   1.00 42.02 ? 70  GLY A C   1 
ATOM   119  O  O   . GLY A 1 24  ? 15.328  9.691   5.674   1.00 44.14 ? 70  GLY A O   1 
ATOM   120  N  N   . LYS A 1 25  ? 13.921  9.963   3.903   1.00 40.23 ? 71  LYS A N   1 
ATOM   121  C  CA  . LYS A 1 25  ? 12.844  9.313   4.660   1.00 37.39 ? 71  LYS A CA  1 
ATOM   122  C  C   . LYS A 1 25  ? 12.415  8.052   3.925   1.00 32.27 ? 71  LYS A C   1 
ATOM   123  O  O   . LYS A 1 25  ? 12.614  7.884   2.740   1.00 32.12 ? 71  LYS A O   1 
ATOM   124  C  CB  . LYS A 1 25  ? 11.691  10.301  4.882   1.00 39.63 ? 71  LYS A CB  1 
ATOM   125  C  CG  . LYS A 1 25  ? 12.189  11.607  5.534   1.00 42.69 ? 71  LYS A CG  1 
ATOM   126  C  CD  . LYS A 1 25  ? 11.049  12.436  6.096   1.00 43.96 ? 71  LYS A CD  1 
ATOM   127  C  CE  . LYS A 1 25  ? 11.591  13.515  7.047   1.00 45.17 ? 71  LYS A CE  1 
ATOM   128  N  NZ  . LYS A 1 25  ? 12.605  14.346  6.314   1.00 46.22 ? 71  LYS A NZ  1 
ATOM   129  N  N   . VAL A 1 26  ? 11.595  7.262   4.609   1.00 31.54 ? 72  VAL A N   1 
ATOM   130  C  CA  . VAL A 1 26  ? 11.088  6.011   4.035   1.00 28.18 ? 72  VAL A CA  1 
ATOM   131  C  C   . VAL A 1 26  ? 9.522   6.146   3.939   1.00 23.92 ? 72  VAL A C   1 
ATOM   132  O  O   . VAL A 1 26  ? 8.886   6.534   4.884   1.00 25.94 ? 72  VAL A O   1 
ATOM   133  C  CB  . VAL A 1 26  ? 11.436  4.871   5.016   1.00 29.99 ? 72  VAL A CB  1 
ATOM   134  C  CG1 . VAL A 1 26  ? 10.862  3.549   4.553   1.00 28.20 ? 72  VAL A CG1 1 
ATOM   135  C  CG2 . VAL A 1 26  ? 12.956  4.792   5.166   1.00 30.73 ? 72  VAL A CG2 1 
ATOM   136  N  N   . ILE A 1 27  ? 9.096   5.667   2.807   1.00 24.33 ? 73  ILE A N   1 
ATOM   137  C  CA  . ILE A 1 27  ? 7.669   5.663   2.505   1.00 25.21 ? 73  ILE A CA  1 
ATOM   138  C  C   . ILE A 1 27  ? 7.275   4.221   2.269   1.00 23.97 ? 73  ILE A C   1 
ATOM   139  O  O   . ILE A 1 27  ? 7.696   3.526   1.341   1.00 24.11 ? 73  ILE A O   1 
ATOM   140  C  CB  . ILE A 1 27  ? 7.362   6.537   1.266   1.00 26.19 ? 73  ILE A CB  1 
ATOM   141  C  CG1 . ILE A 1 27  ? 7.881   7.977   1.435   1.00 26.53 ? 73  ILE A CG1 1 
ATOM   142  C  CG2 . ILE A 1 27  ? 5.833   6.493   1.100   1.00 25.95 ? 73  ILE A CG2 1 
ATOM   143  C  CD1 . ILE A 1 27  ? 7.829   8.644   0.031   1.00 28.35 ? 73  ILE A CD1 1 
ATOM   144  N  N   . LEU A 1 28  ? 6.302   3.784   3.111   1.00 21.94 ? 74  LEU A N   1 
ATOM   145  C  CA  . LEU A 1 28  ? 5.773   2.444   2.886   1.00 21.49 ? 74  LEU A CA  1 
ATOM   146  C  C   . LEU A 1 28  ? 4.549   2.562   1.951   1.00 22.55 ? 74  LEU A C   1 
ATOM   147  O  O   . LEU A 1 28  ? 3.650   3.359   2.327   1.00 25.73 ? 74  LEU A O   1 
ATOM   148  C  CB  . LEU A 1 28  ? 5.338   1.893   4.255   1.00 21.91 ? 74  LEU A CB  1 
ATOM   149  C  CG  . LEU A 1 28  ? 5.148   0.364   4.238   1.00 32.17 ? 74  LEU A CG  1 
ATOM   150  C  CD1 . LEU A 1 28  ? 5.213   -0.150  5.670   1.00 33.60 ? 74  LEU A CD1 1 
ATOM   151  C  CD2 . LEU A 1 28  ? 3.895   -0.084  3.538   1.00 34.36 ? 74  LEU A CD2 1 
ATOM   152  N  N   . VAL A 1 29  ? 4.593   1.790   0.902   1.00 21.33 ? 75  VAL A N   1 
ATOM   153  C  CA  . VAL A 1 29  ? 3.499   1.892   -0.087  1.00 21.52 ? 75  VAL A CA  1 
ATOM   154  C  C   . VAL A 1 29  ? 2.853   0.525   -0.263  1.00 23.58 ? 75  VAL A C   1 
ATOM   155  O  O   . VAL A 1 29  ? 3.478   -0.497  -0.571  1.00 22.50 ? 75  VAL A O   1 
ATOM   156  C  CB  . VAL A 1 29  ? 4.104   2.278   -1.496  1.00 24.86 ? 75  VAL A CB  1 
ATOM   157  C  CG1 . VAL A 1 29  ? 2.969   2.364   -2.492  1.00 25.35 ? 75  VAL A CG1 1 
ATOM   158  C  CG2 . VAL A 1 29  ? 4.801   3.628   -1.286  1.00 24.78 ? 75  VAL A CG2 1 
ATOM   159  N  N   . ALA A 1 30  ? 1.526   0.514   0.007   1.00 22.25 ? 76  ALA A N   1 
ATOM   160  C  CA  . ALA A 1 30  ? 0.746   -0.695  -0.212  1.00 19.51 ? 76  ALA A CA  1 
ATOM   161  C  C   . ALA A 1 30  ? -0.215  -0.483  -1.386  1.00 22.14 ? 76  ALA A C   1 
ATOM   162  O  O   . ALA A 1 30  ? -0.889  0.557   -1.430  1.00 23.25 ? 76  ALA A O   1 
ATOM   163  C  CB  . ALA A 1 30  ? -0.120  -1.028  1.035   1.00 20.33 ? 76  ALA A CB  1 
ATOM   164  N  N   . VAL A 1 31  ? -0.321  -1.449  -2.282  1.00 20.98 ? 77  VAL A N   1 
ATOM   165  C  CA  . VAL A 1 31  ? -1.206  -1.307  -3.410  1.00 21.07 ? 77  VAL A CA  1 
ATOM   166  C  C   . VAL A 1 31  ? -2.142  -2.490  -3.440  1.00 20.06 ? 77  VAL A C   1 
ATOM   167  O  O   . VAL A 1 31  ? -1.702  -3.667  -3.344  1.00 20.38 ? 77  VAL A O   1 
ATOM   168  C  CB  . VAL A 1 31  ? -0.339  -1.309  -4.730  1.00 23.03 ? 77  VAL A CB  1 
ATOM   169  C  CG1 . VAL A 1 31  ? -1.269  -1.113  -5.925  1.00 23.43 ? 77  VAL A CG1 1 
ATOM   170  C  CG2 . VAL A 1 31  ? 0.665   -0.197  -4.662  1.00 22.99 ? 77  VAL A CG2 1 
ATOM   171  N  N   . HIS A 1 32  ? -3.441  -2.234  -3.576  1.00 19.97 ? 78  HIS A N   1 
ATOM   172  C  CA  . HIS A 1 32  ? -4.419  -3.294  -3.751  1.00 20.30 ? 78  HIS A CA  1 
ATOM   173  C  C   . HIS A 1 32  ? -4.297  -3.676  -5.267  1.00 23.89 ? 78  HIS A C   1 
ATOM   174  O  O   . HIS A 1 32  ? -4.667  -2.860  -6.104  1.00 25.19 ? 78  HIS A O   1 
ATOM   175  C  CB  . HIS A 1 32  ? -5.810  -2.752  -3.416  1.00 22.39 ? 78  HIS A CB  1 
ATOM   176  C  CG  . HIS A 1 32  ? -6.854  -3.818  -3.548  1.00 21.94 ? 78  HIS A CG  1 
ATOM   177  N  ND1 . HIS A 1 32  ? -7.744  -3.744  -4.609  1.00 24.30 ? 78  HIS A ND1 1 
ATOM   178  C  CD2 . HIS A 1 32  ? -7.125  -4.970  -2.943  1.00 21.98 ? 78  HIS A CD2 1 
ATOM   179  C  CE1 . HIS A 1 32  ? -8.560  -4.770  -4.607  1.00 23.53 ? 78  HIS A CE1 1 
ATOM   180  N  NE2 . HIS A 1 32  ? -8.227  -5.529  -3.575  1.00 24.00 ? 78  HIS A NE2 1 
ATOM   181  N  N   . VAL A 1 33  ? -3.806  -4.908  -5.458  1.00 22.85 ? 79  VAL A N   1 
ATOM   182  C  CA  . VAL A 1 33  ? -3.474  -5.228  -6.874  1.00 26.71 ? 79  VAL A CA  1 
ATOM   183  C  C   . VAL A 1 33  ? -4.592  -5.113  -7.863  1.00 26.74 ? 79  VAL A C   1 
ATOM   184  O  O   . VAL A 1 33  ? -4.245  -4.553  -8.961  1.00 31.19 ? 79  VAL A O   1 
ATOM   185  C  CB  . VAL A 1 33  ? -2.759  -6.593  -6.900  1.00 27.88 ? 79  VAL A CB  1 
ATOM   186  C  CG1 . VAL A 1 33  ? -2.406  -6.900  -8.384  1.00 30.32 ? 79  VAL A CG1 1 
ATOM   187  C  CG2 . VAL A 1 33  ? -1.482  -6.478  -6.063  1.00 28.20 ? 79  VAL A CG2 1 
ATOM   188  N  N   . ALA A 1 34  ? -5.767  -5.611  -7.601  1.00 27.71 ? 80  ALA A N   1 
ATOM   189  C  CA  . ALA A 1 34  ? -6.869  -5.630  -8.571  1.00 30.22 ? 80  ALA A CA  1 
ATOM   190  C  C   . ALA A 1 34  ? -7.439  -4.272  -8.925  1.00 31.08 ? 80  ALA A C   1 
ATOM   191  O  O   . ALA A 1 34  ? -7.971  -4.048  -10.034 1.00 32.11 ? 80  ALA A O   1 
ATOM   192  C  CB  . ALA A 1 34  ? -7.958  -6.588  -8.066  1.00 28.81 ? 80  ALA A CB  1 
ATOM   193  N  N   . SER A 1 35  ? -7.224  -3.262  -8.062  1.00 26.35 ? 81  SER A N   1 
ATOM   194  C  CA  . SER A 1 35  ? -7.798  -1.935  -8.288  1.00 26.11 ? 81  SER A CA  1 
ATOM   195  C  C   . SER A 1 35  ? -6.808  -0.835  -8.521  1.00 24.39 ? 81  SER A C   1 
ATOM   196  O  O   . SER A 1 35  ? -7.119  0.224   -9.109  1.00 30.07 ? 81  SER A O   1 
ATOM   197  C  CB  . SER A 1 35  ? -8.689  -1.583  -7.055  1.00 25.85 ? 81  SER A CB  1 
ATOM   198  O  OG  . SER A 1 35  ? -7.817  -1.349  -5.942  1.00 24.30 ? 81  SER A OG  1 
ATOM   199  N  N   . GLY A 1 36  ? -5.584  -0.910  -8.047  1.00 22.49 ? 82  GLY A N   1 
ATOM   200  C  CA  . GLY A 1 36  ? -4.597  0.147   -8.052  1.00 24.98 ? 82  GLY A CA  1 
ATOM   201  C  C   . GLY A 1 36  ? -4.745  1.170   -6.891  1.00 22.76 ? 82  GLY A C   1 
ATOM   202  O  O   . GLY A 1 36  ? -3.996  2.136   -6.755  1.00 24.57 ? 82  GLY A O   1 
ATOM   203  N  N   . TYR A 1 37  ? -5.648  0.835   -5.959  1.00 24.10 ? 83  TYR A N   1 
ATOM   204  C  CA  . TYR A 1 37  ? -5.781  1.741   -4.794  1.00 21.38 ? 83  TYR A CA  1 
ATOM   205  C  C   . TYR A 1 37  ? -4.557  1.664   -3.867  1.00 20.53 ? 83  TYR A C   1 
ATOM   206  O  O   . TYR A 1 37  ? -4.066  0.559   -3.692  1.00 22.35 ? 83  TYR A O   1 
ATOM   207  C  CB  . TYR A 1 37  ? -7.015  1.261   -4.042  1.00 21.64 ? 83  TYR A CB  1 
ATOM   208  C  CG  . TYR A 1 37  ? -7.395  1.881   -2.706  1.00 21.70 ? 83  TYR A CG  1 
ATOM   209  C  CD1 . TYR A 1 37  ? -8.206  2.966   -2.619  1.00 23.15 ? 83  TYR A CD1 1 
ATOM   210  C  CD2 . TYR A 1 37  ? -6.868  1.286   -1.544  1.00 23.43 ? 83  TYR A CD2 1 
ATOM   211  C  CE1 . TYR A 1 37  ? -8.588  3.496   -1.381  1.00 23.61 ? 83  TYR A CE1 1 
ATOM   212  C  CE2 . TYR A 1 37  ? -7.230  1.810   -0.288  1.00 24.24 ? 83  TYR A CE2 1 
ATOM   213  C  CZ  . TYR A 1 37  ? -8.088  2.879   -0.263  1.00 25.28 ? 83  TYR A CZ  1 
ATOM   214  O  OH  . TYR A 1 37  ? -8.528  3.414   0.955   1.00 26.43 ? 83  TYR A OH  1 
ATOM   215  N  N   . ILE A 1 38  ? -4.125  2.816   -3.367  1.00 19.55 ? 84  ILE A N   1 
ATOM   216  C  CA  . ILE A 1 38  ? -2.911  2.796   -2.536  1.00 20.75 ? 84  ILE A CA  1 
ATOM   217  C  C   . ILE A 1 38  ? -3.230  3.302   -1.137  1.00 21.27 ? 84  ILE A C   1 
ATOM   218  O  O   . ILE A 1 38  ? -4.064  4.185   -0.855  1.00 20.22 ? 84  ILE A O   1 
ATOM   219  C  CB  . ILE A 1 38  ? -1.890  3.788   -3.153  1.00 23.17 ? 84  ILE A CB  1 
ATOM   220  C  CG1 . ILE A 1 38  ? -1.356  3.109   -4.449  1.00 23.87 ? 84  ILE A CG1 1 
ATOM   221  C  CG2 . ILE A 1 38  ? -0.779  4.124   -2.172  1.00 28.26 ? 84  ILE A CG2 1 
ATOM   222  C  CD1 . ILE A 1 38  ? -0.495  4.207   -5.168  1.00 28.84 ? 84  ILE A CD1 1 
ATOM   223  N  N   . GLU A 1 39  ? -2.440  2.725   -0.205  1.00 21.33 ? 85  GLU A N   1 
ATOM   224  C  CA  . GLU A 1 39  ? -2.390  3.198   1.203   1.00 26.22 ? 85  GLU A CA  1 
ATOM   225  C  C   . GLU A 1 39  ? -0.898  3.412   1.488   1.00 28.63 ? 85  GLU A C   1 
ATOM   226  O  O   . GLU A 1 39  ? -0.142  2.459   1.270   1.00 27.66 ? 85  GLU A O   1 
ATOM   227  C  CB  . GLU A 1 39  ? -2.938  2.188   2.211   1.00 25.68 ? 85  GLU A CB  1 
ATOM   228  C  CG  . GLU A 1 39  ? -4.428  1.881   2.111   1.00 30.72 ? 85  GLU A CG  1 
ATOM   229  C  CD  . GLU A 1 39  ? -5.164  2.237   3.405   1.00 32.36 ? 85  GLU A CD  1 
ATOM   230  O  OE1 . GLU A 1 39  ? -4.515  2.983   4.189   1.00 37.28 ? 85  GLU A OE1 1 
ATOM   231  O  OE2 . GLU A 1 39  ? -6.388  1.969   3.542   1.00 32.92 ? 85  GLU A OE2 1 
ATOM   232  N  N   . ALA A 1 40  ? -0.544  4.572   2.044   1.00 30.60 ? 86  ALA A N   1 
ATOM   233  C  CA  . ALA A 1 40  ? 0.885   4.822   2.311   1.00 34.72 ? 86  ALA A CA  1 
ATOM   234  C  C   . ALA A 1 40  ? 1.075   5.623   3.588   1.00 38.21 ? 86  ALA A C   1 
ATOM   235  O  O   . ALA A 1 40  ? 0.171   6.150   4.264   1.00 35.37 ? 86  ALA A O   1 
ATOM   236  C  CB  . ALA A 1 40  ? 1.507   5.485   1.107   1.00 33.33 ? 86  ALA A CB  1 
ATOM   237  N  N   . GLU A 1 41  ? 2.308   5.497   4.154   1.00 36.17 ? 87  GLU A N   1 
ATOM   238  C  CA  . GLU A 1 41  ? 2.602   6.072   5.480   1.00 32.48 ? 87  GLU A CA  1 
ATOM   239  C  C   . GLU A 1 41  ? 4.125   6.477   5.264   1.00 32.83 ? 87  GLU A C   1 
ATOM   240  O  O   . GLU A 1 41  ? 4.890   5.763   4.589   1.00 24.22 ? 87  GLU A O   1 
ATOM   241  C  CB  . GLU A 1 41  ? 2.404   5.151   6.640   1.00 34.28 ? 87  GLU A CB  1 
ATOM   242  C  CG  . GLU A 1 41  ? 1.071   4.760   7.290   1.00 35.20 ? 87  GLU A CG  1 
ATOM   243  C  CD  . GLU A 1 41  ? 0.197   5.869   7.813   1.00 37.30 ? 87  GLU A CD  1 
ATOM   244  O  OE1 . GLU A 1 41  ? 0.645   6.953   8.267   1.00 35.90 ? 87  GLU A OE1 1 
ATOM   245  O  OE2 . GLU A 1 41  ? -1.058  5.718   7.846   1.00 39.38 ? 87  GLU A OE2 1 
ATOM   246  N  N   . VAL A 1 42  ? 4.549   7.541   5.921   1.00 35.80 ? 88  VAL A N   1 
ATOM   247  C  CA  . VAL A 1 42  ? 6.006   7.889   5.906   1.00 32.36 ? 88  VAL A CA  1 
ATOM   248  C  C   . VAL A 1 42  ? 6.370   7.244   7.227   1.00 32.56 ? 88  VAL A C   1 
ATOM   249  O  O   . VAL A 1 42  ? 5.684   7.531   8.228   1.00 34.95 ? 88  VAL A O   1 
ATOM   250  C  CB  . VAL A 1 42  ? 6.399   9.366   5.911   1.00 33.01 ? 88  VAL A CB  1 
ATOM   251  C  CG1 . VAL A 1 42  ? 7.825   9.508   6.472   1.00 30.11 ? 88  VAL A CG1 1 
ATOM   252  C  CG2 . VAL A 1 42  ? 6.484   9.978   4.519   1.00 35.41 ? 88  VAL A CG2 1 
ATOM   253  N  N   . ILE A 1 43  ? 7.384   6.373   7.251   1.00 31.21 ? 89  ILE A N   1 
ATOM   254  C  CA  . ILE A 1 43  ? 7.705   5.664   8.492   1.00 33.67 ? 89  ILE A CA  1 
ATOM   255  C  C   . ILE A 1 43  ? 9.072   6.165   8.933   1.00 35.31 ? 89  ILE A C   1 
ATOM   256  O  O   . ILE A 1 43  ? 9.911   6.537   8.093   1.00 35.04 ? 89  ILE A O   1 
ATOM   257  C  CB  . ILE A 1 43  ? 7.623   4.156   8.318   1.00 33.19 ? 89  ILE A CB  1 
ATOM   258  C  CG1 . ILE A 1 43  ? 8.467   3.695   7.120   1.00 29.50 ? 89  ILE A CG1 1 
ATOM   259  C  CG2 . ILE A 1 43  ? 6.176   3.665   8.042   1.00 32.02 ? 89  ILE A CG2 1 
ATOM   260  C  CD1 . ILE A 1 43  ? 8.579   2.151   7.101   1.00 29.95 ? 89  ILE A CD1 1 
ATOM   261  N  N   . PRO A 1 44  ? 9.298   6.067   10.227  1.00 40.23 ? 90  PRO A N   1 
ATOM   262  C  CA  . PRO A 1 44  ? 10.483  6.706   10.778  1.00 39.29 ? 90  PRO A CA  1 
ATOM   263  C  C   . PRO A 1 44  ? 11.687  5.828   10.469  1.00 40.41 ? 90  PRO A C   1 
ATOM   264  O  O   . PRO A 1 44  ? 12.785  6.363   10.432  1.00 41.80 ? 90  PRO A O   1 
ATOM   265  C  CB  . PRO A 1 44  ? 10.209  6.805   12.250  1.00 39.78 ? 90  PRO A CB  1 
ATOM   266  C  CG  . PRO A 1 44  ? 9.123   5.821   12.551  1.00 40.67 ? 90  PRO A CG  1 
ATOM   267  C  CD  . PRO A 1 44  ? 8.319   5.692   11.281  1.00 39.40 ? 90  PRO A CD  1 
ATOM   268  N  N   . ALA A 1 45  ? 11.431  4.535   10.271  1.00 38.34 ? 91  ALA A N   1 
ATOM   269  C  CA  . ALA A 1 45  ? 12.582  3.666   9.960   1.00 38.69 ? 91  ALA A CA  1 
ATOM   270  C  C   . ALA A 1 45  ? 12.151  2.454   9.190   1.00 35.34 ? 91  ALA A C   1 
ATOM   271  O  O   . ALA A 1 45  ? 10.996  2.066   9.363   1.00 34.77 ? 91  ALA A O   1 
ATOM   272  C  CB  . ALA A 1 45  ? 13.277  3.243   11.255  1.00 41.13 ? 91  ALA A CB  1 
ATOM   273  N  N   . GLU A 1 46  ? 12.971  1.919   8.271   1.00 29.89 ? 92  GLU A N   1 
ATOM   274  C  CA  . GLU A 1 46  ? 12.532  0.693   7.586   1.00 33.50 ? 92  GLU A CA  1 
ATOM   275  C  C   . GLU A 1 46  ? 12.680  -0.536  8.450   1.00 38.68 ? 92  GLU A C   1 
ATOM   276  O  O   . GLU A 1 46  ? 13.658  -1.310  8.227   1.00 40.85 ? 92  GLU A O   1 
ATOM   277  C  CB  . GLU A 1 46  ? 13.407  0.658   6.322   1.00 35.04 ? 92  GLU A CB  1 
ATOM   278  C  CG  . GLU A 1 46  ? 12.803  0.031   5.102   1.00 36.67 ? 92  GLU A CG  1 
ATOM   279  C  CD  . GLU A 1 46  ? 13.510  0.255   3.783   1.00 37.93 ? 92  GLU A CD  1 
ATOM   280  O  OE1 . GLU A 1 46  ? 13.325  -0.561  2.868   1.00 39.09 ? 92  GLU A OE1 1 
ATOM   281  O  OE2 . GLU A 1 46  ? 14.269  1.238   3.593   1.00 39.29 ? 92  GLU A OE2 1 
ATOM   282  N  N   . THR A 1 47  ? 11.811  -0.782  9.438   1.00 34.15 ? 93  THR A N   1 
ATOM   283  C  CA  . THR A 1 47  ? 11.964  -1.908  10.345  1.00 33.92 ? 93  THR A CA  1 
ATOM   284  C  C   . THR A 1 47  ? 10.815  -2.926  10.364  1.00 30.81 ? 93  THR A C   1 
ATOM   285  O  O   . THR A 1 47  ? 9.728   -2.534  9.959   1.00 25.82 ? 93  THR A O   1 
ATOM   286  C  CB  . THR A 1 47  ? 12.049  -1.432  11.805  1.00 35.82 ? 93  THR A CB  1 
ATOM   287  O  OG1 . THR A 1 47  ? 10.806  -0.803  12.194  1.00 36.27 ? 93  THR A OG1 1 
ATOM   288  C  CG2 . THR A 1 47  ? 13.245  -0.495  11.941  1.00 37.34 ? 93  THR A CG2 1 
ATOM   289  N  N   . GLY A 1 48  ? 11.097  -4.075  10.983  1.00 29.61 ? 94  GLY A N   1 
ATOM   290  C  CA  . GLY A 1 48  ? 10.031  -5.105  11.012  1.00 28.17 ? 94  GLY A CA  1 
ATOM   291  C  C   . GLY A 1 48  ? 8.867   -4.541  11.864  1.00 26.68 ? 94  GLY A C   1 
ATOM   292  O  O   . GLY A 1 48  ? 7.705   -4.832  11.528  1.00 26.20 ? 94  GLY A O   1 
ATOM   293  N  N   . GLN A 1 49  ? 9.161   -3.846  12.916  1.00 26.73 ? 95  GLN A N   1 
ATOM   294  C  CA  . GLN A 1 49  ? 8.100   -3.318  13.780  1.00 30.27 ? 95  GLN A CA  1 
ATOM   295  C  C   . GLN A 1 49  ? 7.146   -2.422  12.983  1.00 29.96 ? 95  GLN A C   1 
ATOM   296  O  O   . GLN A 1 49  ? 5.923   -2.440  13.172  1.00 23.90 ? 95  GLN A O   1 
ATOM   297  C  CB  . GLN A 1 49  ? 8.706   -2.586  14.963  1.00 34.31 ? 95  GLN A CB  1 
ATOM   298  C  CG  . GLN A 1 49  ? 9.605   -3.403  15.850  1.00 41.87 ? 95  GLN A CG  1 
ATOM   299  C  CD  . GLN A 1 49  ? 10.854  -4.110  15.429  1.00 44.85 ? 95  GLN A CD  1 
ATOM   300  O  OE1 . GLN A 1 49  ? 11.150  -5.173  16.045  1.00 49.81 ? 95  GLN A OE1 1 
ATOM   301  N  NE2 . GLN A 1 49  ? 11.639  -3.683  14.461  1.00 41.99 ? 95  GLN A NE2 1 
ATOM   302  N  N   . GLU A 1 50  ? 7.722   -1.503  12.180  1.00 26.95 ? 96  GLU A N   1 
ATOM   303  C  CA  . GLU A 1 50  ? 6.836   -0.637  11.386  1.00 24.99 ? 96  GLU A CA  1 
ATOM   304  C  C   . GLU A 1 50  ? 6.074   -1.462  10.393  1.00 22.06 ? 96  GLU A C   1 
ATOM   305  O  O   . GLU A 1 50  ? 4.913   -1.097  10.115  1.00 22.14 ? 96  GLU A O   1 
ATOM   306  C  CB  . GLU A 1 50  ? 7.700   0.441   10.651  1.00 26.20 ? 96  GLU A CB  1 
ATOM   307  C  CG  . GLU A 1 50  ? 8.374   1.363   11.655  1.00 30.56 ? 96  GLU A CG  1 
ATOM   308  C  CD  . GLU A 1 50  ? 7.431   2.393   12.234  1.00 32.62 ? 96  GLU A CD  1 
ATOM   309  O  OE1 . GLU A 1 50  ? 6.273   2.614   11.806  1.00 34.77 ? 96  GLU A OE1 1 
ATOM   310  O  OE2 . GLU A 1 50  ? 7.817   3.114   13.163  1.00 37.10 ? 96  GLU A OE2 1 
ATOM   311  N  N   . THR A 1 51  ? 6.650   -2.442  9.670   1.00 21.91 ? 97  THR A N   1 
ATOM   312  C  CA  . THR A 1 51  ? 5.958   -3.208  8.691   1.00 20.69 ? 97  THR A CA  1 
ATOM   313  C  C   . THR A 1 51  ? 4.745   -3.969  9.338   1.00 21.40 ? 97  THR A C   1 
ATOM   314  O  O   . THR A 1 51  ? 3.672   -4.030  8.757   1.00 20.78 ? 97  THR A O   1 
ATOM   315  C  CB  . THR A 1 51  ? 6.915   -4.252  7.984   1.00 21.37 ? 97  THR A CB  1 
ATOM   316  O  OG1 . THR A 1 51  ? 7.930   -3.351  7.366   1.00 23.96 ? 97  THR A OG1 1 
ATOM   317  C  CG2 . THR A 1 51  ? 6.198   -5.049  6.973   1.00 23.84 ? 97  THR A CG2 1 
ATOM   318  N  N   . ALA A 1 52  ? 5.090   -4.525  10.493  1.00 21.46 ? 98  ALA A N   1 
ATOM   319  C  CA  . ALA A 1 52  ? 4.079   -5.354  11.201  1.00 21.81 ? 98  ALA A CA  1 
ATOM   320  C  C   . ALA A 1 52  ? 2.921   -4.458  11.630  1.00 19.96 ? 98  ALA A C   1 
ATOM   321  O  O   . ALA A 1 52  ? 1.757   -4.903  11.517  1.00 21.76 ? 98  ALA A O   1 
ATOM   322  C  CB  . ALA A 1 52  ? 4.732   -5.989  12.456  1.00 21.84 ? 98  ALA A CB  1 
ATOM   323  N  N   . TYR A 1 53  ? 3.214   -3.270  12.141  1.00 20.66 ? 99  TYR A N   1 
ATOM   324  C  CA  . TYR A 1 53  ? 2.112   -2.401  12.608  1.00 21.53 ? 99  TYR A CA  1 
ATOM   325  C  C   . TYR A 1 53  ? 1.249   -1.963  11.456  1.00 21.97 ? 99  TYR A C   1 
ATOM   326  O  O   . TYR A 1 53  ? 0.056   -1.946  11.424  1.00 19.28 ? 99  TYR A O   1 
ATOM   327  C  CB  . TYR A 1 53  ? 2.720   -1.192  13.292  1.00 21.65 ? 99  TYR A CB  1 
ATOM   328  C  CG  . TYR A 1 53  ? 1.719   -0.187  13.837  1.00 20.97 ? 99  TYR A CG  1 
ATOM   329  C  CD1 . TYR A 1 53  ? 0.895   -0.668  14.924  1.00 23.81 ? 99  TYR A CD1 1 
ATOM   330  C  CD2 . TYR A 1 53  ? 1.595   1.072   13.387  1.00 23.01 ? 99  TYR A CD2 1 
ATOM   331  C  CE1 . TYR A 1 53  ? -0.009  0.224   15.424  1.00 23.65 ? 99  TYR A CE1 1 
ATOM   332  C  CE2 . TYR A 1 53  ? 0.648   1.952   13.921  1.00 26.28 ? 99  TYR A CE2 1 
ATOM   333  C  CZ  . TYR A 1 53  ? -0.123  1.474   14.959  1.00 26.74 ? 99  TYR A CZ  1 
ATOM   334  O  OH  . TYR A 1 53  ? -1.053  2.364   15.513  1.00 29.87 ? 99  TYR A OH  1 
ATOM   335  N  N   . PHE A 1 54  ? 1.971   -1.666  10.304  1.00 20.00 ? 100 PHE A N   1 
ATOM   336  C  CA  . PHE A 1 54  ? 1.168   -1.289  9.115   1.00 19.97 ? 100 PHE A CA  1 
ATOM   337  C  C   . PHE A 1 54  ? 0.306   -2.419  8.631   1.00 18.93 ? 100 PHE A C   1 
ATOM   338  O  O   . PHE A 1 54  ? -0.837  -2.159  8.220   1.00 19.40 ? 100 PHE A O   1 
ATOM   339  C  CB  . PHE A 1 54  ? 2.247   -0.841  8.025   1.00 21.33 ? 100 PHE A CB  1 
ATOM   340  C  CG  . PHE A 1 54  ? 1.547   -0.410  6.758   1.00 23.14 ? 100 PHE A CG  1 
ATOM   341  C  CD1 . PHE A 1 54  ? 1.050   -1.274  5.836   1.00 23.97 ? 100 PHE A CD1 1 
ATOM   342  C  CD2 . PHE A 1 54  ? 1.548   0.970   6.493   1.00 29.26 ? 100 PHE A CD2 1 
ATOM   343  C  CE1 . PHE A 1 54  ? 0.404   -0.830  4.675   1.00 27.27 ? 100 PHE A CE1 1 
ATOM   344  C  CE2 . PHE A 1 54  ? 0.959   1.465   5.309   1.00 29.78 ? 100 PHE A CE2 1 
ATOM   345  C  CZ  . PHE A 1 54  ? 0.344   0.559   4.458   1.00 28.53 ? 100 PHE A CZ  1 
ATOM   346  N  N   . LEU A 1 55  ? 0.767   -3.671  8.589   1.00 19.39 ? 101 LEU A N   1 
ATOM   347  C  CA  . LEU A 1 55  ? 0.061   -4.834  8.162   1.00 18.88 ? 101 LEU A CA  1 
ATOM   348  C  C   . LEU A 1 55  ? -1.226  -5.056  9.058   1.00 19.01 ? 101 LEU A C   1 
ATOM   349  O  O   . LEU A 1 55  ? -2.292  -5.239  8.483   1.00 21.38 ? 101 LEU A O   1 
ATOM   350  C  CB  . LEU A 1 55  ? 0.836   -6.154  8.130   1.00 21.25 ? 101 LEU A CB  1 
ATOM   351  C  CG  . LEU A 1 55  ? 1.858   -6.219  6.949   1.00 24.85 ? 101 LEU A CG  1 
ATOM   352  C  CD1 . LEU A 1 55  ? 2.882   -7.304  7.294   1.00 27.14 ? 101 LEU A CD1 1 
ATOM   353  C  CD2 . LEU A 1 55  ? 1.104   -6.566  5.670   1.00 25.21 ? 101 LEU A CD2 1 
ATOM   354  N  N   . LEU A 1 56  ? -0.936  -4.889  10.353  1.00 19.21 ? 102 LEU A N   1 
ATOM   355  C  CA  . LEU A 1 56  ? -2.138  -5.092  11.246  1.00 19.58 ? 102 LEU A CA  1 
ATOM   356  C  C   . LEU A 1 56  ? -3.207  -4.040  11.017  1.00 21.68 ? 102 LEU A C   1 
ATOM   357  O  O   . LEU A 1 56  ? -4.429  -4.289  10.960  1.00 20.91 ? 102 LEU A O   1 
ATOM   358  C  CB  . LEU A 1 56  ? -1.568  -5.128  12.659  1.00 22.12 ? 102 LEU A CB  1 
ATOM   359  C  CG  . LEU A 1 56  ? -2.644  -5.221  13.764  1.00 28.30 ? 102 LEU A CG  1 
ATOM   360  C  CD1 . LEU A 1 56  ? -3.361  -6.560  13.651  1.00 30.94 ? 102 LEU A CD1 1 
ATOM   361  C  CD2 . LEU A 1 56  ? -1.853  -5.163  15.099  1.00 27.76 ? 102 LEU A CD2 1 
ATOM   362  N  N   . LYS A 1 57  ? -2.794  -2.781  10.844  1.00 20.01 ? 103 LYS A N   1 
ATOM   363  C  CA  . LYS A 1 57  ? -3.685  -1.670  10.531  1.00 21.78 ? 103 LYS A CA  1 
ATOM   364  C  C   . LYS A 1 57  ? -4.442  -1.940  9.243   1.00 23.12 ? 103 LYS A C   1 
ATOM   365  O  O   . LYS A 1 57  ? -5.667  -1.814  9.093   1.00 20.76 ? 103 LYS A O   1 
ATOM   366  C  CB  . LYS A 1 57  ? -2.991  -0.315  10.417  1.00 24.59 ? 103 LYS A CB  1 
ATOM   367  C  CG  . LYS A 1 57  ? -2.470  0.312   11.664  1.00 27.11 ? 103 LYS A CG  1 
ATOM   368  C  CD  . LYS A 1 57  ? -2.302  1.831   11.580  1.00 28.95 ? 103 LYS A CD  1 
ATOM   369  C  CE  . LYS A 1 57  ? -1.010  2.047   10.747  1.00 31.87 ? 103 LYS A CE  1 
ATOM   370  N  NZ  . LYS A 1 57  ? -0.658  3.491   10.901  1.00 33.97 ? 103 LYS A NZ  1 
ATOM   371  N  N   . LEU A 1 58  ? -3.669  -2.246  8.138   1.00 19.78 ? 104 LEU A N   1 
ATOM   372  C  CA  . LEU A 1 58  ? -4.346  -2.534  6.893   1.00 19.25 ? 104 LEU A CA  1 
ATOM   373  C  C   . LEU A 1 58  ? -5.342  -3.646  6.952   1.00 18.70 ? 104 LEU A C   1 
ATOM   374  O  O   . LEU A 1 58  ? -6.445  -3.483  6.360   1.00 21.25 ? 104 LEU A O   1 
ATOM   375  C  CB  . LEU A 1 58  ? -3.203  -2.868  5.828   1.00 20.49 ? 104 LEU A CB  1 
ATOM   376  C  CG  . LEU A 1 58  ? -3.726  -3.034  4.362   1.00 20.96 ? 104 LEU A CG  1 
ATOM   377  C  CD1 . LEU A 1 58  ? -4.067  -1.636  3.851   1.00 22.09 ? 104 LEU A CD1 1 
ATOM   378  C  CD2 . LEU A 1 58  ? -2.640  -3.714  3.548   1.00 22.54 ? 104 LEU A CD2 1 
ATOM   379  N  N   . ALA A 1 59  ? -5.050  -4.726  7.644   1.00 18.26 ? 105 ALA A N   1 
ATOM   380  C  CA  . ALA A 1 59  ? -5.932  -5.893  7.677   1.00 18.55 ? 105 ALA A CA  1 
ATOM   381  C  C   . ALA A 1 59  ? -7.191  -5.594  8.507   1.00 20.21 ? 105 ALA A C   1 
ATOM   382  O  O   . ALA A 1 59  ? -8.182  -6.257  8.262   1.00 20.70 ? 105 ALA A O   1 
ATOM   383  C  CB  . ALA A 1 59  ? -5.146  -7.063  8.261   1.00 22.17 ? 105 ALA A CB  1 
ATOM   384  N  N   . GLY A 1 60  ? -7.081  -4.539  9.322   1.00 20.36 ? 106 GLY A N   1 
ATOM   385  C  CA  . GLY A 1 60  ? -8.378  -4.235  10.016  1.00 20.71 ? 106 GLY A CA  1 
ATOM   386  C  C   . GLY A 1 60  ? -9.290  -3.338  9.299   1.00 23.69 ? 106 GLY A C   1 
ATOM   387  O  O   . GLY A 1 60  ? -10.424 -3.019  9.654   1.00 23.05 ? 106 GLY A O   1 
ATOM   388  N  N   . ARG A 1 61  ? -8.756  -2.758  8.161   1.00 18.61 ? 107 ARG A N   1 
ATOM   389  C  CA  . ARG A 1 61  ? -9.467  -1.818  7.334   1.00 21.55 ? 107 ARG A CA  1 
ATOM   390  C  C   . ARG A 1 61  ? -9.968  -2.374  6.007   1.00 22.14 ? 107 ARG A C   1 
ATOM   391  O  O   . ARG A 1 61  ? -11.036 -1.944  5.511   1.00 23.86 ? 107 ARG A O   1 
ATOM   392  C  CB  . ARG A 1 61  ? -8.562  -0.583  7.126   1.00 24.43 ? 107 ARG A CB  1 
ATOM   393  C  CG  . ARG A 1 61  ? -8.477  0.160   8.489   1.00 25.84 ? 107 ARG A CG  1 
ATOM   394  C  CD  . ARG A 1 61  ? -7.327  1.167   8.613   1.00 30.12 ? 107 ARG A CD  1 
ATOM   395  N  NE  . ARG A 1 61  ? -7.206  1.693   9.962   1.00 31.58 ? 107 ARG A NE  1 
ATOM   396  C  CZ  . ARG A 1 61  ? -6.994  1.107   11.154  1.00 28.79 ? 107 ARG A CZ  1 
ATOM   397  N  NH1 . ARG A 1 61  ? -6.885  -0.220  11.247  1.00 25.49 ? 107 ARG A NH1 1 
ATOM   398  N  NH2 . ARG A 1 61  ? -6.884  1.916   12.207  1.00 22.92 ? 107 ARG A NH2 1 
ATOM   399  N  N   . TRP A 1 62  ? -9.298  -3.339  5.432   1.00 22.08 ? 108 TRP A N   1 
ATOM   400  C  CA  . TRP A 1 62  ? -9.610  -4.066  4.191   1.00 23.76 ? 108 TRP A CA  1 
ATOM   401  C  C   . TRP A 1 62  ? -9.356  -5.551  4.350   1.00 24.42 ? 108 TRP A C   1 
ATOM   402  O  O   . TRP A 1 62  ? -8.485  -5.912  5.160   1.00 23.58 ? 108 TRP A O   1 
ATOM   403  C  CB  . TRP A 1 62  ? -8.658  -3.565  3.022   1.00 23.30 ? 108 TRP A CB  1 
ATOM   404  C  CG  . TRP A 1 62  ? -8.860  -2.136  2.655   1.00 21.90 ? 108 TRP A CG  1 
ATOM   405  C  CD1 . TRP A 1 62  ? -8.112  -1.056  3.039   1.00 22.17 ? 108 TRP A CD1 1 
ATOM   406  C  CD2 . TRP A 1 62  ? -9.994  -1.605  1.928   1.00 21.73 ? 108 TRP A CD2 1 
ATOM   407  N  NE1 . TRP A 1 62  ? -8.720  0.088   2.618   1.00 25.48 ? 108 TRP A NE1 1 
ATOM   408  C  CE2 . TRP A 1 62  ? -9.859  -0.215  1.900   1.00 24.74 ? 108 TRP A CE2 1 
ATOM   409  C  CE3 . TRP A 1 62  ? -11.081 -2.228  1.302   1.00 24.07 ? 108 TRP A CE3 1 
ATOM   410  C  CZ2 . TRP A 1 62  ? -10.774 0.605   1.230   1.00 26.12 ? 108 TRP A CZ2 1 
ATOM   411  C  CZ3 . TRP A 1 62  ? -12.010 -1.408  0.625   1.00 27.52 ? 108 TRP A CZ3 1 
ATOM   412  C  CH2 . TRP A 1 62  ? -11.826 -0.015  0.606   1.00 29.18 ? 108 TRP A CH2 1 
ATOM   413  N  N   . PRO A 1 63  ? -10.012 -6.460  3.612   1.00 24.52 ? 109 PRO A N   1 
ATOM   414  C  CA  . PRO A 1 63  ? -9.885  -7.879  3.788   1.00 28.07 ? 109 PRO A CA  1 
ATOM   415  C  C   . PRO A 1 63  ? -8.574  -8.373  3.146   1.00 30.50 ? 109 PRO A C   1 
ATOM   416  O  O   . PRO A 1 63  ? -8.713  -8.647  1.935   1.00 33.57 ? 109 PRO A O   1 
ATOM   417  C  CB  . PRO A 1 63  ? -11.114 -8.476  3.146   1.00 29.76 ? 109 PRO A CB  1 
ATOM   418  C  CG  . PRO A 1 63  ? -11.634 -7.442  2.237   1.00 30.08 ? 109 PRO A CG  1 
ATOM   419  C  CD  . PRO A 1 63  ? -11.150 -6.102  2.710   1.00 26.52 ? 109 PRO A CD  1 
ATOM   420  N  N   . VAL A 1 64  ? -7.541  -8.426  3.956   1.00 23.95 ? 110 VAL A N   1 
ATOM   421  C  CA  . VAL A 1 64  ? -6.210  -8.778  3.416   1.00 23.56 ? 110 VAL A CA  1 
ATOM   422  C  C   . VAL A 1 64  ? -6.016  -10.284 3.515   1.00 26.98 ? 110 VAL A C   1 
ATOM   423  O  O   . VAL A 1 64  ? -5.886  -10.804 4.629   1.00 27.25 ? 110 VAL A O   1 
ATOM   424  C  CB  . VAL A 1 64  ? -5.095  -8.033  4.132   1.00 21.75 ? 110 VAL A CB  1 
ATOM   425  C  CG1 . VAL A 1 64  ? -3.716  -8.339  3.499   1.00 24.11 ? 110 VAL A CG1 1 
ATOM   426  C  CG2 . VAL A 1 64  ? -5.327  -6.515  4.057   1.00 23.26 ? 110 VAL A CG2 1 
ATOM   427  N  N   . LYS A 1 65  ? -5.894  -10.943 2.334   1.00 25.79 ? 111 LYS A N   1 
ATOM   428  C  CA  . LYS A 1 65  ? -5.677  -12.389 2.409   1.00 25.10 ? 111 LYS A CA  1 
ATOM   429  C  C   . LYS A 1 65  ? -4.214  -12.731 2.124   1.00 25.40 ? 111 LYS A C   1 
ATOM   430  O  O   . LYS A 1 65  ? -3.678  -13.552 2.829   1.00 24.67 ? 111 LYS A O   1 
ATOM   431  C  CB  . LYS A 1 65  ? -6.527  -13.123 1.363   1.00 30.39 ? 111 LYS A CB  1 
ATOM   432  N  N   . THR A 1 66  ? -3.602  -12.018 1.151   1.00 23.92 ? 112 THR A N   1 
ATOM   433  C  CA  . THR A 1 66  ? -2.177  -12.338 0.883   1.00 23.34 ? 112 THR A CA  1 
ATOM   434  C  C   . THR A 1 66  ? -1.443  -11.058 0.495   1.00 22.71 ? 112 THR A C   1 
ATOM   435  O  O   . THR A 1 66  ? -2.127  -10.108 0.085   1.00 24.22 ? 112 THR A O   1 
ATOM   436  C  CB  . THR A 1 66  ? -1.984  -13.339 -0.267  1.00 28.53 ? 112 THR A CB  1 
ATOM   437  O  OG1 . THR A 1 66  ? -2.448  -12.714 -1.463  1.00 30.13 ? 112 THR A OG1 1 
ATOM   438  C  CG2 . THR A 1 66  ? -2.894  -14.533 -0.169  1.00 27.71 ? 112 THR A CG2 1 
ATOM   439  N  N   . VAL A 1 67  ? -0.182  -11.036 0.859   1.00 20.92 ? 113 VAL A N   1 
ATOM   440  C  CA  . VAL A 1 67  ? 0.646   -9.854  0.546   1.00 21.11 ? 113 VAL A CA  1 
ATOM   441  C  C   . VAL A 1 67  ? 1.894   -10.346 -0.244  1.00 23.77 ? 113 VAL A C   1 
ATOM   442  O  O   . VAL A 1 67  ? 2.538   -11.289 0.122   1.00 23.35 ? 113 VAL A O   1 
ATOM   443  C  CB  . VAL A 1 67  ? 1.098   -9.109  1.773   1.00 24.04 ? 113 VAL A CB  1 
ATOM   444  C  CG1 . VAL A 1 67  ? 1.896   -7.826  1.437   1.00 28.36 ? 113 VAL A CG1 1 
ATOM   445  C  CG2 . VAL A 1 67  ? -0.144  -8.523  2.520   1.00 22.05 ? 113 VAL A CG2 1 
ATOM   446  N  N   . HIS A 1 68  ? 2.105   -9.533  -1.286  1.00 22.00 ? 114 HIS A N   1 
ATOM   447  C  CA  . HIS A 1 68  ? 3.319   -9.770  -2.117  1.00 22.93 ? 114 HIS A CA  1 
ATOM   448  C  C   . HIS A 1 68  ? 4.261   -8.617  -1.908  1.00 22.88 ? 114 HIS A C   1 
ATOM   449  O  O   . HIS A 1 68  ? 3.860   -7.502  -1.525  1.00 24.63 ? 114 HIS A O   1 
ATOM   450  C  CB  . HIS A 1 68  ? 2.830   -9.754  -3.604  1.00 24.11 ? 114 HIS A CB  1 
ATOM   451  C  CG  . HIS A 1 68  ? 4.020   -10.151 -4.489  1.00 29.95 ? 114 HIS A CG  1 
ATOM   452  N  ND1 . HIS A 1 68  ? 4.641   -9.188  -5.268  1.00 32.94 ? 114 HIS A ND1 1 
ATOM   453  C  CD2 . HIS A 1 68  ? 4.643   -11.314 -4.719  1.00 31.32 ? 114 HIS A CD2 1 
ATOM   454  C  CE1 . HIS A 1 68  ? 5.659   -9.769  -5.928  1.00 32.17 ? 114 HIS A CE1 1 
ATOM   455  N  NE2 . HIS A 1 68  ? 5.657   -11.055 -5.632  1.00 33.60 ? 114 HIS A NE2 1 
ATOM   456  N  N   . THR A 1 69  ? 5.576   -8.715  -2.165  1.00 21.13 ? 115 THR A N   1 
ATOM   457  C  CA  . THR A 1 69  ? 6.484   -7.633  -2.048  1.00 19.37 ? 115 THR A CA  1 
ATOM   458  C  C   . THR A 1 69  ? 7.661   -7.849  -3.110  1.00 19.14 ? 115 THR A C   1 
ATOM   459  O  O   . THR A 1 69  ? 7.682   -9.037  -3.470  1.00 23.53 ? 115 THR A O   1 
ATOM   460  C  CB  . THR A 1 69  ? 7.191   -7.552  -0.688  1.00 19.89 ? 115 THR A CB  1 
ATOM   461  O  OG1 . THR A 1 69  ? 7.992   -6.445  -0.460  1.00 21.04 ? 115 THR A OG1 1 
ATOM   462  C  CG2 . THR A 1 69  ? 7.909   -8.890  -0.300  1.00 23.77 ? 115 THR A CG2 1 
ATOM   463  N  N   . ASP A 1 70  ? 8.325   -6.728  -3.308  1.00 22.80 ? 116 ASP A N   1 
ATOM   464  C  CA  . ASP A 1 70  ? 9.498   -6.962  -4.229  1.00 25.70 ? 116 ASP A CA  1 
ATOM   465  C  C   . ASP A 1 70  ? 10.785  -7.112  -3.435  1.00 27.70 ? 116 ASP A C   1 
ATOM   466  O  O   . ASP A 1 70  ? 11.952  -7.109  -3.924  1.00 26.16 ? 116 ASP A O   1 
ATOM   467  C  CB  . ASP A 1 70  ? 9.653   -5.804  -5.197  1.00 29.10 ? 116 ASP A CB  1 
ATOM   468  C  CG  . ASP A 1 70  ? 8.534   -5.862  -6.223  1.00 31.06 ? 116 ASP A CG  1 
ATOM   469  O  OD1 . ASP A 1 70  ? 7.809   -6.859  -6.411  1.00 33.94 ? 116 ASP A OD1 1 
ATOM   470  O  OD2 . ASP A 1 70  ? 8.386   -4.789  -6.847  1.00 35.43 ? 116 ASP A OD2 1 
ATOM   471  N  N   . ASN A 1 71  ? 10.685  -7.196  -2.101  1.00 22.37 ? 117 ASN A N   1 
ATOM   472  C  CA  . ASN A 1 71  ? 11.825  -7.395  -1.242  1.00 20.24 ? 117 ASN A CA  1 
ATOM   473  C  C   . ASN A 1 71  ? 11.362  -8.478  -0.215  1.00 23.03 ? 117 ASN A C   1 
ATOM   474  O  O   . ASN A 1 71  ? 10.913  -7.996  0.818   1.00 21.03 ? 117 ASN A O   1 
ATOM   475  C  CB  . ASN A 1 71  ? 12.385  -6.108  -0.659  1.00 24.11 ? 117 ASN A CB  1 
ATOM   476  C  CG  . ASN A 1 71  ? 13.611  -6.235  0.201   1.00 26.48 ? 117 ASN A CG  1 
ATOM   477  O  OD1 . ASN A 1 71  ? 14.347  -5.336  0.617   1.00 28.71 ? 117 ASN A OD1 1 
ATOM   478  N  ND2 . ASN A 1 71  ? 13.935  -7.462  0.508   1.00 21.99 ? 117 ASN A ND2 1 
ATOM   479  N  N   . GLY A 1 72  ? 11.569  -9.728  -0.553  1.00 22.59 ? 118 GLY A N   1 
ATOM   480  C  CA  . GLY A 1 72  ? 11.098  -10.812 0.348   1.00 23.53 ? 118 GLY A CA  1 
ATOM   481  C  C   . GLY A 1 72  ? 11.664  -10.765 1.732   1.00 23.03 ? 118 GLY A C   1 
ATOM   482  O  O   . GLY A 1 72  ? 10.976  -11.077 2.754   1.00 25.25 ? 118 GLY A O   1 
ATOM   483  N  N   . SER A 1 73  ? 12.854  -10.243 1.964   1.00 22.05 ? 119 SER A N   1 
ATOM   484  C  CA  . SER A 1 73  ? 13.522  -10.148 3.235   1.00 23.76 ? 119 SER A CA  1 
ATOM   485  C  C   . SER A 1 73  ? 12.671  -9.212  4.178   1.00 23.23 ? 119 SER A C   1 
ATOM   486  O  O   . SER A 1 73  ? 12.943  -9.367  5.351   1.00 24.71 ? 119 SER A O   1 
ATOM   487  C  CB  . SER A 1 73  ? 14.949  -9.639  3.139   1.00 21.60 ? 119 SER A CB  1 
ATOM   488  O  OG  . SER A 1 73  ? 15.104  -8.282  2.774   1.00 24.07 ? 119 SER A OG  1 
ATOM   489  N  N   . ASN A 1 74  ? 11.825  -8.393  3.583   1.00 25.22 ? 120 ASN A N   1 
ATOM   490  C  CA  . ASN A 1 74  ? 11.035  -7.450  4.409   1.00 25.56 ? 120 ASN A CA  1 
ATOM   491  C  C   . ASN A 1 74  ? 10.107  -8.302  5.317   1.00 25.08 ? 120 ASN A C   1 
ATOM   492  O  O   . ASN A 1 74  ? 9.678   -7.681  6.333   1.00 26.91 ? 120 ASN A O   1 
ATOM   493  C  CB  . ASN A 1 74  ? 10.090  -6.646  3.507   1.00 30.06 ? 120 ASN A CB  1 
ATOM   494  C  CG  . ASN A 1 74  ? 10.559  -5.503  2.639   1.00 28.12 ? 120 ASN A CG  1 
ATOM   495  O  OD1 . ASN A 1 74  ? 11.598  -4.918  3.056   1.00 31.93 ? 120 ASN A OD1 1 
ATOM   496  N  ND2 . ASN A 1 74  ? 9.794   -5.089  1.568   1.00 24.62 ? 120 ASN A ND2 1 
ATOM   497  N  N   . PHE A 1 75  ? 9.880   -9.529  5.010   1.00 23.92 ? 121 PHE A N   1 
ATOM   498  C  CA  . PHE A 1 75  ? 8.838   -10.255 5.772   1.00 24.87 ? 121 PHE A CA  1 
ATOM   499  C  C   . PHE A 1 75  ? 9.421   -11.331 6.661   1.00 27.84 ? 121 PHE A C   1 
ATOM   500  O  O   . PHE A 1 75  ? 8.707   -12.293 6.930   1.00 26.97 ? 121 PHE A O   1 
ATOM   501  C  CB  . PHE A 1 75  ? 7.788   -10.847 4.807   1.00 24.50 ? 121 PHE A CB  1 
ATOM   502  C  CG  . PHE A 1 75  ? 6.879   -9.878  4.079   1.00 24.75 ? 121 PHE A CG  1 
ATOM   503  C  CD1 . PHE A 1 75  ? 6.595   -8.634  4.594   1.00 24.77 ? 121 PHE A CD1 1 
ATOM   504  C  CD2 . PHE A 1 75  ? 6.271   -10.351 2.920   1.00 27.17 ? 121 PHE A CD2 1 
ATOM   505  C  CE1 . PHE A 1 75  ? 5.699   -7.779  3.935   1.00 26.52 ? 121 PHE A CE1 1 
ATOM   506  C  CE2 . PHE A 1 75  ? 5.405   -9.507  2.219   1.00 27.61 ? 121 PHE A CE2 1 
ATOM   507  C  CZ  . PHE A 1 75  ? 5.151   -8.234  2.737   1.00 25.45 ? 121 PHE A CZ  1 
ATOM   508  N  N   . THR A 1 76  ? 10.724  -11.330 6.977   1.00 28.90 ? 122 THR A N   1 
ATOM   509  C  CA  . THR A 1 76  ? 11.286  -12.444 7.752   1.00 30.44 ? 122 THR A CA  1 
ATOM   510  C  C   . THR A 1 76  ? 11.338  -12.250 9.254   1.00 31.17 ? 122 THR A C   1 
ATOM   511  O  O   . THR A 1 76  ? 11.687  -13.244 9.973   1.00 36.28 ? 122 THR A O   1 
ATOM   512  C  CB  . THR A 1 76  ? 12.751  -12.669 7.272   1.00 31.77 ? 122 THR A CB  1 
ATOM   513  O  OG1 . THR A 1 76  ? 13.483  -11.527 7.663   1.00 32.35 ? 122 THR A OG1 1 
ATOM   514  C  CG2 . THR A 1 76  ? 12.752  -12.932 5.785   1.00 30.86 ? 122 THR A CG2 1 
ATOM   515  N  N   . SER A 1 77  ? 11.116  -11.117 9.807   1.00 28.78 ? 123 SER A N   1 
ATOM   516  C  CA  . SER A 1 77  ? 11.303  -10.830 11.222  1.00 28.73 ? 123 SER A CA  1 
ATOM   517  C  C   . SER A 1 77  ? 10.100  -11.437 12.024  1.00 27.39 ? 123 SER A C   1 
ATOM   518  O  O   . SER A 1 77  ? 9.115   -11.808 11.399  1.00 26.98 ? 123 SER A O   1 
ATOM   519  C  CB  . SER A 1 77  ? 11.316  -9.362  11.629  1.00 28.21 ? 123 SER A CB  1 
ATOM   520  O  OG  . SER A 1 77  ? 10.057  -8.740  11.247  1.00 27.75 ? 123 SER A OG  1 
ATOM   521  N  N   . THR A 1 78  ? 10.504  -11.938 13.177  1.00 31.42 ? 124 THR A N   1 
ATOM   522  C  CA  . THR A 1 78  ? 9.492   -12.424 14.116  1.00 30.61 ? 124 THR A CA  1 
ATOM   523  C  C   . THR A 1 78  ? 8.325   -11.460 14.219  1.00 27.39 ? 124 THR A C   1 
ATOM   524  O  O   . THR A 1 78  ? 7.205   -11.993 14.207  1.00 25.68 ? 124 THR A O   1 
ATOM   525  C  CB  . THR A 1 78  ? 10.136  -12.620 15.510  1.00 34.10 ? 124 THR A CB  1 
ATOM   526  O  OG1 . THR A 1 78  ? 11.111  -13.647 15.349  1.00 36.80 ? 124 THR A OG1 1 
ATOM   527  C  CG2 . THR A 1 78  ? 9.039   -13.142 16.445  1.00 33.82 ? 124 THR A CG2 1 
ATOM   528  N  N   A THR A 1 79  ? 8.533   -10.165 14.330  0.50 26.63 ? 125 THR A N   1 
ATOM   529  N  N   B THR A 1 79  ? 8.547   -10.162 14.345  0.50 26.25 ? 125 THR A N   1 
ATOM   530  C  CA  A THR A 1 79  ? 7.419   -9.237  14.479  0.50 26.16 ? 125 THR A CA  1 
ATOM   531  C  CA  B THR A 1 79  ? 7.467   -9.203  14.469  0.50 25.44 ? 125 THR A CA  1 
ATOM   532  C  C   A THR A 1 79  ? 6.492   -9.210  13.293  0.50 24.96 ? 125 THR A C   1 
ATOM   533  C  C   B THR A 1 79  ? 6.502   -9.303  13.299  0.50 24.50 ? 125 THR A C   1 
ATOM   534  O  O   A THR A 1 79  ? 5.242   -9.185  13.412  0.50 21.66 ? 125 THR A O   1 
ATOM   535  O  O   B THR A 1 79  ? 5.254   -9.321  13.404  0.50 21.32 ? 125 THR A O   1 
ATOM   536  C  CB  A THR A 1 79  ? 7.904   -7.855  14.947  0.50 29.47 ? 125 THR A CB  1 
ATOM   537  C  CB  B THR A 1 79  ? 7.928   -7.741  14.674  0.50 28.51 ? 125 THR A CB  1 
ATOM   538  O  OG1 A THR A 1 79  ? 8.654   -7.184  13.932  0.50 28.21 ? 125 THR A OG1 1 
ATOM   539  O  OG1 B THR A 1 79  ? 9.078   -7.606  15.526  0.50 32.49 ? 125 THR A OG1 1 
ATOM   540  C  CG2 A THR A 1 79  ? 8.792   -8.062  16.183  0.50 30.92 ? 125 THR A CG2 1 
ATOM   541  C  CG2 B THR A 1 79  ? 6.749   -6.965  15.262  0.50 24.40 ? 125 THR A CG2 1 
ATOM   542  N  N   . VAL A 1 80  ? 7.015   -9.248  12.042  1.00 22.45 ? 126 VAL A N   1 
ATOM   543  C  CA  . VAL A 1 80  ? 6.156   -9.329  10.897  1.00 21.30 ? 126 VAL A CA  1 
ATOM   544  C  C   . VAL A 1 80  ? 5.425   -10.664 10.814  1.00 20.80 ? 126 VAL A C   1 
ATOM   545  O  O   . VAL A 1 80  ? 4.218   -10.744 10.569  1.00 22.03 ? 126 VAL A O   1 
ATOM   546  C  CB  . VAL A 1 80  ? 6.967   -9.083  9.574   1.00 23.55 ? 126 VAL A CB  1 
ATOM   547  C  CG1 . VAL A 1 80  ? 6.113   -9.477  8.427   1.00 22.88 ? 126 VAL A CG1 1 
ATOM   548  C  CG2 . VAL A 1 80  ? 7.369   -7.610  9.581   1.00 25.28 ? 126 VAL A CG2 1 
ATOM   549  N  N   . LYS A 1 81  ? 6.113   -11.784 11.100  1.00 20.34 ? 127 LYS A N   1 
ATOM   550  C  CA  . LYS A 1 81  ? 5.443   -13.080 11.053  1.00 23.26 ? 127 LYS A CA  1 
ATOM   551  C  C   . LYS A 1 81  ? 4.307   -13.102 12.136  1.00 22.43 ? 127 LYS A C   1 
ATOM   552  O  O   . LYS A 1 81  ? 3.315   -13.705 11.762  1.00 23.69 ? 127 LYS A O   1 
ATOM   553  C  CB  . LYS A 1 81  ? 6.494   -14.161 11.299  1.00 25.76 ? 127 LYS A CB  1 
ATOM   554  C  CG  . LYS A 1 81  ? 7.324   -14.402 9.991   1.00 29.10 ? 127 LYS A CG  1 
ATOM   555  C  CD  . LYS A 1 81  ? 8.518   -15.319 10.290  1.00 34.63 ? 127 LYS A CD  1 
ATOM   556  C  CE  . LYS A 1 81  ? 9.151   -15.850 8.999   1.00 39.20 ? 127 LYS A CE  1 
ATOM   557  N  NZ  . LYS A 1 81  ? 10.422  -16.604 9.177   1.00 44.01 ? 127 LYS A NZ  1 
ATOM   558  N  N   . ALA A 1 82  ? 4.605   -12.466 13.266  1.00 23.07 ? 128 ALA A N   1 
ATOM   559  C  CA  . ALA A 1 82  ? 3.514   -12.545 14.309  1.00 24.07 ? 128 ALA A CA  1 
ATOM   560  C  C   . ALA A 1 82  ? 2.305   -11.754 13.863  1.00 22.87 ? 128 ALA A C   1 
ATOM   561  O  O   . ALA A 1 82  ? 1.144   -12.095 14.104  1.00 22.61 ? 128 ALA A O   1 
ATOM   562  C  CB  . ALA A 1 82  ? 4.051   -11.993 15.602  1.00 25.28 ? 128 ALA A CB  1 
ATOM   563  N  N   . ALA A 1 83  ? 2.519   -10.599 13.194  1.00 20.22 ? 129 ALA A N   1 
ATOM   564  C  CA  . ALA A 1 83  ? 1.395   -9.802  12.713  1.00 20.60 ? 129 ALA A CA  1 
ATOM   565  C  C   . ALA A 1 83  ? 0.641   -10.564 11.653  1.00 22.03 ? 129 ALA A C   1 
ATOM   566  O  O   . ALA A 1 83  ? -0.616  -10.568 11.571  1.00 19.77 ? 129 ALA A O   1 
ATOM   567  C  CB  . ALA A 1 83  ? 1.894   -8.430  12.207  1.00 23.72 ? 129 ALA A CB  1 
HETATM 568  N  N   . CAF A 1 84  ? 1.341   -11.223 10.669  1.00 20.05 ? 130 CAF A N   1 
HETATM 569  C  CA  . CAF A 1 84  ? 0.666   -12.013 9.684   1.00 21.65 ? 130 CAF A CA  1 
HETATM 570  C  CB  . CAF A 1 84  ? 1.634   -12.606 8.623   1.00 22.85 ? 130 CAF A CB  1 
HETATM 571  C  C   . CAF A 1 84  ? -0.121  -13.190 10.373  1.00 19.41 ? 130 CAF A C   1 
HETATM 572  O  O   . CAF A 1 84  ? -1.229  -13.486 9.934   1.00 20.98 ? 130 CAF A O   1 
HETATM 573  S  SG  . CAF A 1 84  ? 2.164   -11.160 7.623   1.00 22.56 ? 130 CAF A SG  1 
HETATM 574  AS AS  . CAF A 1 84  ? 2.674   -12.432 5.751   1.00 43.08 ? 130 CAF A AS  1 
HETATM 575  C  CE1 . CAF A 1 84  ? 2.436   -10.894 4.678   1.00 39.90 ? 130 CAF A CE1 1 
HETATM 576  O  O1  . CAF A 1 84  ? 4.120   -11.734 6.347   1.00 29.74 ? 130 CAF A O1  1 
ATOM   577  N  N   . TRP A 1 85  ? 0.511   -13.807 11.329  1.00 21.85 ? 131 TRP A N   1 
ATOM   578  C  CA  . TRP A 1 85  ? -0.189  -14.926 12.040  1.00 22.20 ? 131 TRP A CA  1 
ATOM   579  C  C   . TRP A 1 85  ? -1.505  -14.374 12.655  1.00 19.61 ? 131 TRP A C   1 
ATOM   580  O  O   . TRP A 1 85  ? -2.525  -15.037 12.463  1.00 20.25 ? 131 TRP A O   1 
ATOM   581  C  CB  . TRP A 1 85  ? 0.755   -15.474 13.083  1.00 22.32 ? 131 TRP A CB  1 
ATOM   582  C  CG  . TRP A 1 85  ? 0.043   -16.370 14.127  1.00 23.62 ? 131 TRP A CG  1 
ATOM   583  C  CD1 . TRP A 1 85  ? -0.351  -17.651 13.971  1.00 26.72 ? 131 TRP A CD1 1 
ATOM   584  C  CD2 . TRP A 1 85  ? -0.315  -15.916 15.429  1.00 24.14 ? 131 TRP A CD2 1 
ATOM   585  N  NE1 . TRP A 1 85  ? -0.991  -18.032 15.153  1.00 27.30 ? 131 TRP A NE1 1 
ATOM   586  C  CE2 . TRP A 1 85  ? -0.984  -17.023 16.037  1.00 26.99 ? 131 TRP A CE2 1 
ATOM   587  C  CE3 . TRP A 1 85  ? -0.184  -14.737 16.161  1.00 25.42 ? 131 TRP A CE3 1 
ATOM   588  C  CZ2 . TRP A 1 85  ? -1.515  -16.967 17.348  1.00 29.45 ? 131 TRP A CZ2 1 
ATOM   589  C  CZ3 . TRP A 1 85  ? -0.766  -14.683 17.434  1.00 28.20 ? 131 TRP A CZ3 1 
ATOM   590  C  CH2 . TRP A 1 85  ? -1.409  -15.783 17.996  1.00 29.06 ? 131 TRP A CH2 1 
ATOM   591  N  N   . TRP A 1 86  ? -1.345  -13.343 13.447  1.00 21.42 ? 132 TRP A N   1 
ATOM   592  C  CA  . TRP A 1 86  ? -2.588  -12.910 14.157  1.00 21.83 ? 132 TRP A CA  1 
ATOM   593  C  C   . TRP A 1 86  ? -3.667  -12.561 13.200  1.00 22.48 ? 132 TRP A C   1 
ATOM   594  O  O   . TRP A 1 86  ? -4.869  -12.772 13.404  1.00 20.97 ? 132 TRP A O   1 
ATOM   595  C  CB  . TRP A 1 86  ? -2.191  -11.778 15.141  1.00 20.97 ? 132 TRP A CB  1 
ATOM   596  C  CG  . TRP A 1 86  ? -3.369  -11.458 16.010  1.00 20.48 ? 132 TRP A CG  1 
ATOM   597  C  CD1 . TRP A 1 86  ? -3.481  -12.080 17.270  1.00 23.24 ? 132 TRP A CD1 1 
ATOM   598  C  CD2 . TRP A 1 86  ? -4.445  -10.583 15.836  1.00 19.62 ? 132 TRP A CD2 1 
ATOM   599  N  NE1 . TRP A 1 86  ? -4.666  -11.542 17.839  1.00 22.85 ? 132 TRP A NE1 1 
ATOM   600  C  CE2 . TRP A 1 86  ? -5.290  -10.684 17.014  1.00 23.43 ? 132 TRP A CE2 1 
ATOM   601  C  CE3 . TRP A 1 86  ? -4.878  -9.741  14.832  1.00 19.26 ? 132 TRP A CE3 1 
ATOM   602  C  CZ2 . TRP A 1 86  ? -6.444  -9.929  17.112  1.00 23.76 ? 132 TRP A CZ2 1 
ATOM   603  C  CZ3 . TRP A 1 86  ? -6.023  -8.984  14.928  1.00 23.31 ? 132 TRP A CZ3 1 
ATOM   604  C  CH2 . TRP A 1 86  ? -6.825  -9.085  16.111  1.00 24.16 ? 132 TRP A CH2 1 
ATOM   605  N  N   . ALA A 1 87  ? -3.365  -11.763 12.115  1.00 18.37 ? 133 ALA A N   1 
ATOM   606  C  CA  . ALA A 1 87  ? -4.379  -11.321 11.190  1.00 19.42 ? 133 ALA A CA  1 
ATOM   607  C  C   . ALA A 1 87  ? -4.793  -12.326 10.118  1.00 18.34 ? 133 ALA A C   1 
ATOM   608  O  O   . ALA A 1 87  ? -5.707  -12.053 9.318   1.00 21.80 ? 133 ALA A O   1 
ATOM   609  C  CB  . ALA A 1 87  ? -3.839  -10.031 10.454  1.00 21.62 ? 133 ALA A CB  1 
ATOM   610  N  N   . GLY A 1 88  ? -4.134  -13.467 10.074  1.00 19.99 ? 134 GLY A N   1 
ATOM   611  C  CA  . GLY A 1 88  ? -4.494  -14.536 9.164   1.00 21.71 ? 134 GLY A CA  1 
ATOM   612  C  C   . GLY A 1 88  ? -4.043  -14.243 7.693   1.00 22.72 ? 134 GLY A C   1 
ATOM   613  O  O   . GLY A 1 88  ? -4.779  -14.588 6.774   1.00 24.96 ? 134 GLY A O   1 
ATOM   614  N  N   . ILE A 1 89  ? -2.964  -13.505 7.660   1.00 18.60 ? 135 ILE A N   1 
ATOM   615  C  CA  . ILE A 1 89  ? -2.423  -13.186 6.263   1.00 20.44 ? 135 ILE A CA  1 
ATOM   616  C  C   . ILE A 1 89  ? -1.374  -14.227 5.907   1.00 20.07 ? 135 ILE A C   1 
ATOM   617  O  O   . ILE A 1 89  ? -0.558  -14.631 6.685   1.00 22.40 ? 135 ILE A O   1 
ATOM   618  C  CB  . ILE A 1 89  ? -1.687  -11.820 6.399   1.00 22.73 ? 135 ILE A CB  1 
ATOM   619  C  CG1 . ILE A 1 89  ? -2.719  -10.754 6.800   1.00 22.77 ? 135 ILE A CG1 1 
ATOM   620  C  CG2 . ILE A 1 89  ? -1.133  -11.408 4.985   1.00 23.58 ? 135 ILE A CG2 1 
ATOM   621  C  CD1 . ILE A 1 89  ? -2.092  -9.396  7.078   1.00 24.35 ? 135 ILE A CD1 1 
ATOM   622  N  N   . LYS A 1 90  ? -1.310  -14.499 4.574   1.00 24.87 ? 136 LYS A N   1 
ATOM   623  C  CA  . LYS A 1 90  ? -0.243  -15.368 4.058   1.00 28.51 ? 136 LYS A CA  1 
ATOM   624  C  C   . LYS A 1 90  ? 0.507   -14.576 2.969   1.00 29.68 ? 136 LYS A C   1 
ATOM   625  O  O   . LYS A 1 90  ? 0.044   -13.562 2.456   1.00 26.23 ? 136 LYS A O   1 
ATOM   626  C  CB  . LYS A 1 90  ? -0.792  -16.641 3.413   1.00 31.23 ? 136 LYS A CB  1 
ATOM   627  C  CG  . LYS A 1 90  ? -1.533  -17.532 4.428   1.00 36.33 ? 136 LYS A CG  1 
ATOM   628  C  CD  . LYS A 1 90  ? -0.555  -18.328 5.263   1.00 40.02 ? 136 LYS A CD  1 
ATOM   629  C  CE  . LYS A 1 90  ? -1.270  -19.222 6.281   1.00 44.49 ? 136 LYS A CE  1 
ATOM   630  N  NZ  . LYS A 1 90  ? -2.091  -20.278 5.583   1.00 45.62 ? 136 LYS A NZ  1 
ATOM   631  N  N   . GLN A 1 91  ? 1.736   -15.066 2.751   1.00 30.99 ? 137 GLN A N   1 
ATOM   632  C  CA  . GLN A 1 91  ? 2.542   -14.348 1.705   1.00 33.69 ? 137 GLN A CA  1 
ATOM   633  C  C   . GLN A 1 91  ? 2.146   -14.901 0.357   1.00 36.68 ? 137 GLN A C   1 
ATOM   634  O  O   . GLN A 1 91  ? 1.901   -16.093 0.214   1.00 34.47 ? 137 GLN A O   1 
ATOM   635  C  CB  . GLN A 1 91  ? 4.016   -14.470 2.081   1.00 36.36 ? 137 GLN A CB  1 
ATOM   636  C  CG  . GLN A 1 91  ? 4.991   -14.095 0.971   1.00 38.35 ? 137 GLN A CG  1 
ATOM   637  C  CD  . GLN A 1 91  ? 6.387   -13.772 1.464   1.00 37.43 ? 137 GLN A CD  1 
ATOM   638  O  OE1 . GLN A 1 91  ? 6.967   -14.354 2.383   1.00 42.38 ? 137 GLN A OE1 1 
ATOM   639  N  NE2 . GLN A 1 91  ? 6.973   -12.730 0.903   1.00 36.84 ? 137 GLN A NE2 1 
ATOM   640  N  N   . GLU A 1 92  ? 1.976   -14.032 -0.630  1.00 38.40 ? 138 GLU A N   1 
ATOM   641  C  CA  . GLU A 1 92  ? 1.557   -14.324 -1.989  1.00 41.97 ? 138 GLU A CA  1 
ATOM   642  C  C   . GLU A 1 92  ? 2.797   -14.765 -2.782  1.00 45.21 ? 138 GLU A C   1 
ATOM   643  O  O   . GLU A 1 92  ? 3.770   -14.019 -2.849  1.00 44.10 ? 138 GLU A O   1 
ATOM   644  C  CB  . GLU A 1 92  ? 0.990   -13.061 -2.644  1.00 41.94 ? 138 GLU A CB  1 
ATOM   645  C  CG  . GLU A 1 92  ? 0.532   -13.165 -4.092  1.00 43.75 ? 138 GLU A CG  1 
ATOM   646  C  CD  . GLU A 1 92  ? -0.573  -14.188 -4.276  1.00 46.02 ? 138 GLU A CD  1 
ATOM   647  O  OE1 . GLU A 1 92  ? -1.601  -14.204 -3.555  1.00 43.51 ? 138 GLU A OE1 1 
ATOM   648  O  OE2 . GLU A 1 92  ? -0.431  -15.060 -5.156  1.00 46.77 ? 138 GLU A OE2 1 
ATOM   649  N  N   . PHE A 1 93  ? 2.707   -15.940 -3.356  1.00 52.11 ? 139 PHE A N   1 
ATOM   650  C  CA  . PHE A 1 93  ? 3.822   -16.561 -4.045  1.00 58.63 ? 139 PHE A CA  1 
ATOM   651  C  C   . PHE A 1 93  ? 3.847   -16.482 -5.559  1.00 60.92 ? 139 PHE A C   1 
ATOM   652  O  O   . PHE A 1 93  ? 4.742   -17.055 -6.187  1.00 62.46 ? 139 PHE A O   1 
ATOM   653  C  CB  . PHE A 1 93  ? 3.810   -18.051 -3.623  1.00 59.97 ? 139 PHE A CB  1 
ATOM   654  C  CG  . PHE A 1 93  ? 4.429   -18.178 -2.255  1.00 61.36 ? 139 PHE A CG  1 
ATOM   655  C  CD1 . PHE A 1 93  ? 3.653   -18.238 -1.116  1.00 61.69 ? 139 PHE A CD1 1 
ATOM   656  C  CD2 . PHE A 1 93  ? 5.807   -18.217 -2.142  1.00 62.44 ? 139 PHE A CD2 1 
ATOM   657  C  CE1 . PHE A 1 93  ? 4.245   -18.361 0.126   1.00 61.87 ? 139 PHE A CE1 1 
ATOM   658  C  CE2 . PHE A 1 93  ? 6.401   -18.351 -0.899  1.00 63.59 ? 139 PHE A CE2 1 
ATOM   659  C  CZ  . PHE A 1 93  ? 5.615   -18.401 0.246   1.00 62.49 ? 139 PHE A CZ  1 
ATOM   660  N  N   . GLY A 1 94  ? 2.914   -15.742 -6.136  1.00 63.31 ? 140 GLY A N   1 
ATOM   661  C  CA  . GLY A 1 94  ? 2.881   -15.577 -7.591  1.00 64.68 ? 140 GLY A CA  1 
ATOM   662  C  C   . GLY A 1 94  ? 2.283   -14.212 -7.950  1.00 65.26 ? 140 GLY A C   1 
ATOM   663  O  O   . GLY A 1 94  ? 1.517   -14.200 -8.943  1.00 65.86 ? 140 GLY A O   1 
ATOM   664  N  N   . GLN A 1 102 ? 2.290   -7.493  -12.084 1.00 67.22 ? 148 GLN A N   1 
ATOM   665  C  CA  . GLN A 1 102 ? 3.627   -6.837  -12.116 1.00 67.97 ? 148 GLN A CA  1 
ATOM   666  C  C   . GLN A 1 102 ? 3.534   -5.461  -12.766 1.00 69.38 ? 148 GLN A C   1 
ATOM   667  O  O   . GLN A 1 102 ? 4.208   -4.530  -12.312 1.00 69.17 ? 148 GLN A O   1 
ATOM   668  C  CB  . GLN A 1 102 ? 4.673   -7.678  -12.821 1.00 67.94 ? 148 GLN A CB  1 
ATOM   669  N  N   . GLY A 1 103 ? 2.696   -5.329  -13.791 1.00 70.55 ? 149 GLY A N   1 
ATOM   670  C  CA  . GLY A 1 103 ? 2.567   -4.068  -14.507 1.00 72.47 ? 149 GLY A CA  1 
ATOM   671  C  C   . GLY A 1 103 ? 1.933   -2.948  -13.700 1.00 73.69 ? 149 GLY A C   1 
ATOM   672  O  O   . GLY A 1 103 ? 2.379   -1.802  -13.717 1.00 73.03 ? 149 GLY A O   1 
ATOM   673  N  N   . VAL A 1 104 ? 0.865   -3.262  -12.986 1.00 75.56 ? 150 VAL A N   1 
ATOM   674  C  CA  . VAL A 1 104 ? 0.134   -2.297  -12.178 1.00 77.45 ? 150 VAL A CA  1 
ATOM   675  C  C   . VAL A 1 104 ? 0.950   -1.664  -11.064 1.00 78.22 ? 150 VAL A C   1 
ATOM   676  O  O   . VAL A 1 104 ? 0.933   -0.445  -10.889 1.00 78.12 ? 150 VAL A O   1 
ATOM   677  C  CB  . VAL A 1 104 ? -1.094  -3.009  -11.610 1.00 77.98 ? 150 VAL A CB  1 
ATOM   678  N  N   . ILE A 1 105 ? 1.673   -2.466  -10.302 1.00 79.51 ? 151 ILE A N   1 
ATOM   679  C  CA  . ILE A 1 105 ? 2.474   -2.008  -9.181  1.00 80.58 ? 151 ILE A CA  1 
ATOM   680  C  C   . ILE A 1 105 ? 3.624   -1.109  -9.594  1.00 80.39 ? 151 ILE A C   1 
ATOM   681  O  O   . ILE A 1 105 ? 3.915   -0.134  -8.896  1.00 79.37 ? 151 ILE A O   1 
ATOM   682  C  CB  . ILE A 1 105 ? 2.949   -3.191  -8.328  1.00 80.94 ? 151 ILE A CB  1 
ATOM   683  C  CG1 . ILE A 1 105 ? 1.730   -3.937  -7.794  1.00 80.63 ? 151 ILE A CG1 1 
ATOM   684  C  CG2 . ILE A 1 105 ? 3.929   -2.788  -7.253  1.00 81.02 ? 151 ILE A CG2 1 
ATOM   685  C  CD1 . ILE A 1 105 ? 1.930   -5.417  -7.612  1.00 80.56 ? 151 ILE A CD1 1 
ATOM   686  N  N   . GLU A 1 106 ? 4.277   -1.412  -10.710 1.00 80.86 ? 152 GLU A N   1 
ATOM   687  C  CA  . GLU A 1 106 ? 5.389   -0.565  -11.157 1.00 81.47 ? 152 GLU A CA  1 
ATOM   688  C  C   . GLU A 1 106 ? 4.860   0.812   -11.546 1.00 80.16 ? 152 GLU A C   1 
ATOM   689  O  O   . GLU A 1 106 ? 5.463   1.830   -11.219 1.00 79.36 ? 152 GLU A O   1 
ATOM   690  C  CB  . GLU A 1 106 ? 6.166   -1.232  -12.291 1.00 83.04 ? 152 GLU A CB  1 
ATOM   691  C  CG  . GLU A 1 106 ? 7.162   -2.276  -11.813 1.00 84.64 ? 152 GLU A CG  1 
ATOM   692  C  CD  . GLU A 1 106 ? 7.567   -3.290  -12.862 1.00 85.50 ? 152 GLU A CD  1 
ATOM   693  O  OE1 . GLU A 1 106 ? 7.577   -2.954  -14.067 1.00 85.60 ? 152 GLU A OE1 1 
ATOM   694  O  OE2 . GLU A 1 106 ? 7.880   -4.440  -12.477 1.00 85.95 ? 152 GLU A OE2 1 
ATOM   695  N  N   . SER A 1 107 ? 3.688   0.824   -12.173 1.00 78.45 ? 153 SER A N   1 
ATOM   696  C  CA  . SER A 1 107 ? 3.046   2.053   -12.612 1.00 77.93 ? 153 SER A CA  1 
ATOM   697  C  C   . SER A 1 107 ? 2.467   2.890   -11.479 1.00 76.30 ? 153 SER A C   1 
ATOM   698  O  O   . SER A 1 107 ? 2.302   4.099   -11.655 1.00 75.56 ? 153 SER A O   1 
ATOM   699  C  CB  . SER A 1 107 ? 1.983   1.737   -13.659 1.00 77.95 ? 153 SER A CB  1 
ATOM   700  N  N   . MET A 1 108 ? 2.159   2.298   -10.326 1.00 74.84 ? 154 MET A N   1 
ATOM   701  C  CA  . MET A 1 108 ? 1.623   3.064   -9.210  1.00 72.79 ? 154 MET A CA  1 
ATOM   702  C  C   . MET A 1 108 ? 2.702   3.737   -8.371  1.00 70.89 ? 154 MET A C   1 
ATOM   703  O  O   . MET A 1 108 ? 2.433   4.864   -7.931  1.00 70.45 ? 154 MET A O   1 
ATOM   704  C  CB  . MET A 1 108 ? 0.706   2.221   -8.329  1.00 72.97 ? 154 MET A CB  1 
ATOM   705  C  CG  . MET A 1 108 ? -0.757  2.601   -8.458  1.00 72.82 ? 154 MET A CG  1 
ATOM   706  S  SD  . MET A 1 108 ? -1.681  1.652   -9.660  1.00 71.86 ? 154 MET A SD  1 
ATOM   707  C  CE  . MET A 1 108 ? -3.135  2.642   -9.905  1.00 71.77 ? 154 MET A CE  1 
ATOM   708  N  N   . ASN A 1 109 ? 3.854   3.096   -8.199  1.00 67.26 ? 155 ASN A N   1 
ATOM   709  C  CA  . ASN A 1 109 ? 4.896   3.719   -7.385  1.00 65.68 ? 155 ASN A CA  1 
ATOM   710  C  C   . ASN A 1 109 ? 5.579   4.898   -8.042  1.00 64.06 ? 155 ASN A C   1 
ATOM   711  O  O   . ASN A 1 109 ? 5.919   5.849   -7.329  1.00 64.43 ? 155 ASN A O   1 
ATOM   712  C  CB  . ASN A 1 109 ? 5.893   2.661   -6.903  1.00 65.52 ? 155 ASN A CB  1 
ATOM   713  C  CG  . ASN A 1 109 ? 5.457   2.031   -5.582  1.00 65.06 ? 155 ASN A CG  1 
ATOM   714  O  OD1 . ASN A 1 109 ? 4.763   1.006   -5.565  1.00 64.09 ? 155 ASN A OD1 1 
ATOM   715  N  ND2 . ASN A 1 109 ? 5.884   2.620   -4.471  1.00 64.62 ? 155 ASN A ND2 1 
ATOM   716  N  N   . LYS A 1 110 ? 5.831   4.846   -9.350  1.00 62.16 ? 156 LYS A N   1 
ATOM   717  C  CA  . LYS A 1 110 ? 6.502   5.962   -10.021 1.00 59.08 ? 156 LYS A CA  1 
ATOM   718  C  C   . LYS A 1 110 ? 5.501   7.106   -10.166 1.00 54.95 ? 156 LYS A C   1 
ATOM   719  O  O   . LYS A 1 110 ? 5.826   8.271   -10.076 1.00 54.69 ? 156 LYS A O   1 
ATOM   720  C  CB  . LYS A 1 110 ? 7.098   5.545   -11.363 1.00 61.19 ? 156 LYS A CB  1 
ATOM   721  C  CG  . LYS A 1 110 ? 8.604   5.306   -11.259 1.00 61.90 ? 156 LYS A CG  1 
ATOM   722  C  CD  . LYS A 1 110 ? 9.365   6.606   -11.510 1.00 63.28 ? 156 LYS A CD  1 
ATOM   723  C  CE  . LYS A 1 110 ? 10.706  6.595   -10.797 1.00 63.99 ? 156 LYS A CE  1 
ATOM   724  N  NZ  . LYS A 1 110 ? 11.828  6.957   -11.708 1.00 64.80 ? 156 LYS A NZ  1 
ATOM   725  N  N   . GLU A 1 111 ? 4.264   6.707   -10.375 1.00 51.37 ? 157 GLU A N   1 
ATOM   726  C  CA  . GLU A 1 111 ? 3.150   7.625   -10.439 1.00 51.43 ? 157 GLU A CA  1 
ATOM   727  C  C   . GLU A 1 111 ? 2.898   8.282   -9.077  1.00 46.57 ? 157 GLU A C   1 
ATOM   728  O  O   . GLU A 1 111 ? 2.455   9.413   -9.025  1.00 43.62 ? 157 GLU A O   1 
ATOM   729  C  CB  . GLU A 1 111 ? 1.874   6.875   -10.840 1.00 54.96 ? 157 GLU A CB  1 
ATOM   730  C  CG  . GLU A 1 111 ? 0.804   7.875   -11.280 1.00 60.84 ? 157 GLU A CG  1 
ATOM   731  C  CD  . GLU A 1 111 ? -0.571  7.471   -10.796 1.00 63.78 ? 157 GLU A CD  1 
ATOM   732  O  OE1 . GLU A 1 111 ? -1.299  8.286   -10.176 1.00 64.49 ? 157 GLU A OE1 1 
ATOM   733  O  OE2 . GLU A 1 111 ? -0.951  6.299   -11.044 1.00 65.98 ? 157 GLU A OE2 1 
ATOM   734  N  N   . LEU A 1 112 ? 3.208   7.525   -7.998  1.00 43.52 ? 158 LEU A N   1 
ATOM   735  C  CA  . LEU A 1 112 ? 3.021   8.159   -6.685  1.00 38.41 ? 158 LEU A CA  1 
ATOM   736  C  C   . LEU A 1 112 ? 4.152   9.152   -6.523  1.00 37.01 ? 158 LEU A C   1 
ATOM   737  O  O   . LEU A 1 112 ? 3.944   10.282  -6.119  1.00 34.95 ? 158 LEU A O   1 
ATOM   738  C  CB  . LEU A 1 112 ? 2.955   7.091   -5.578  1.00 38.34 ? 158 LEU A CB  1 
ATOM   739  C  CG  . LEU A 1 112 ? 2.629   7.556   -4.153  1.00 37.07 ? 158 LEU A CG  1 
ATOM   740  C  CD1 . LEU A 1 112 ? 1.238   8.141   -4.056  1.00 36.82 ? 158 LEU A CD1 1 
ATOM   741  C  CD2 . LEU A 1 112 ? 2.732   6.317   -3.240  1.00 36.72 ? 158 LEU A CD2 1 
ATOM   742  N  N   . LYS A 1 113 ? 5.411   8.771   -6.904  1.00 34.98 ? 159 LYS A N   1 
ATOM   743  C  CA  . LYS A 1 113 ? 6.503   9.701   -6.756  1.00 35.31 ? 159 LYS A CA  1 
ATOM   744  C  C   . LYS A 1 113 ? 6.274   10.916  -7.692  1.00 31.26 ? 159 LYS A C   1 
ATOM   745  O  O   . LYS A 1 113 ? 6.613   11.995  -7.254  1.00 34.55 ? 159 LYS A O   1 
ATOM   746  C  CB  . LYS A 1 113 ? 7.932   9.161   -7.003  1.00 39.77 ? 159 LYS A CB  1 
ATOM   747  C  CG  . LYS A 1 113 ? 8.637   8.792   -5.681  1.00 43.23 ? 159 LYS A CG  1 
ATOM   748  C  CD  . LYS A 1 113 ? 9.766   7.807   -5.960  1.00 44.81 ? 159 LYS A CD  1 
ATOM   749  C  CE  . LYS A 1 113 ? 10.750  7.630   -4.824  1.00 45.74 ? 159 LYS A CE  1 
ATOM   750  N  NZ  . LYS A 1 113 ? 11.783  6.640   -5.250  1.00 45.70 ? 159 LYS A NZ  1 
ATOM   751  N  N   . LYS A 1 114 ? 5.606   10.660  -8.785  1.00 32.65 ? 160 LYS A N   1 
ATOM   752  C  CA  . LYS A 1 114 ? 5.363   11.779  -9.730  1.00 33.42 ? 160 LYS A CA  1 
ATOM   753  C  C   . LYS A 1 114 ? 4.384   12.748  -9.072  1.00 31.93 ? 160 LYS A C   1 
ATOM   754  O  O   . LYS A 1 114 ? 4.693   13.917  -8.978  1.00 32.08 ? 160 LYS A O   1 
ATOM   755  C  CB  . LYS A 1 114 ? 4.818   11.289  -11.057 1.00 36.12 ? 160 LYS A CB  1 
ATOM   756  C  CG  . LYS A 1 114 ? 4.528   12.453  -12.015 1.00 40.06 ? 160 LYS A CG  1 
ATOM   757  C  CD  . LYS A 1 114 ? 3.885   11.947  -13.286 1.00 44.17 ? 160 LYS A CD  1 
ATOM   758  C  CE  . LYS A 1 114 ? 3.578   13.111  -14.224 1.00 47.49 ? 160 LYS A CE  1 
ATOM   759  N  NZ  . LYS A 1 114 ? 2.990   12.559  -15.500 1.00 50.08 ? 160 LYS A NZ  1 
ATOM   760  N  N   . ILE A 1 115 ? 3.243   12.191  -8.601  1.00 31.52 ? 161 ILE A N   1 
ATOM   761  C  CA  . ILE A 1 115 ? 2.311   13.081  -7.874  1.00 29.89 ? 161 ILE A CA  1 
ATOM   762  C  C   . ILE A 1 115 ? 2.945   13.722  -6.677  1.00 25.91 ? 161 ILE A C   1 
ATOM   763  O  O   . ILE A 1 115 ? 2.777   14.941  -6.400  1.00 28.48 ? 161 ILE A O   1 
ATOM   764  C  CB  . ILE A 1 115 ? 1.016   12.349  -7.443  1.00 32.52 ? 161 ILE A CB  1 
ATOM   765  C  CG1 . ILE A 1 115 ? 0.308   11.724  -8.626  1.00 30.69 ? 161 ILE A CG1 1 
ATOM   766  C  CG2 . ILE A 1 115 ? 0.060   13.332  -6.739  1.00 32.32 ? 161 ILE A CG2 1 
ATOM   767  C  CD1 . ILE A 1 115 ? -0.744  10.684  -8.301  1.00 32.33 ? 161 ILE A CD1 1 
ATOM   768  N  N   . ILE A 1 116 ? 3.787   12.989  -5.888  1.00 25.89 ? 162 ILE A N   1 
ATOM   769  C  CA  . ILE A 1 116 ? 4.418   13.669  -4.766  1.00 28.05 ? 162 ILE A CA  1 
ATOM   770  C  C   . ILE A 1 116 ? 5.218   14.884  -5.260  1.00 31.48 ? 162 ILE A C   1 
ATOM   771  O  O   . ILE A 1 116 ? 5.229   15.940  -4.657  1.00 31.62 ? 162 ILE A O   1 
ATOM   772  C  CB  . ILE A 1 116 ? 5.363   12.747  -3.966  1.00 28.54 ? 162 ILE A CB  1 
ATOM   773  C  CG1 . ILE A 1 116 ? 4.451   11.722  -3.221  1.00 30.90 ? 162 ILE A CG1 1 
ATOM   774  C  CG2 . ILE A 1 116 ? 6.211   13.513  -2.964  1.00 30.25 ? 162 ILE A CG2 1 
ATOM   775  C  CD1 . ILE A 1 116 ? 5.181   10.427  -2.854  1.00 31.09 ? 162 ILE A CD1 1 
ATOM   776  N  N   . GLY A 1 117 ? 5.973   14.623  -6.347  1.00 34.45 ? 163 GLY A N   1 
ATOM   777  C  CA  . GLY A 1 117 ? 6.839   15.732  -6.832  1.00 35.55 ? 163 GLY A CA  1 
ATOM   778  C  C   . GLY A 1 117 ? 6.010   16.962  -7.154  1.00 36.92 ? 163 GLY A C   1 
ATOM   779  O  O   . GLY A 1 117 ? 6.309   18.111  -6.823  1.00 41.36 ? 163 GLY A O   1 
ATOM   780  N  N   . GLN A 1 118 ? 4.842   16.741  -7.771  1.00 36.42 ? 164 GLN A N   1 
ATOM   781  C  CA  . GLN A 1 118 ? 3.968   17.845  -8.092  1.00 40.60 ? 164 GLN A CA  1 
ATOM   782  C  C   . GLN A 1 118 ? 3.323   18.609  -6.943  1.00 42.23 ? 164 GLN A C   1 
ATOM   783  O  O   . GLN A 1 118 ? 3.098   19.802  -7.133  1.00 42.11 ? 164 GLN A O   1 
ATOM   784  C  CB  . GLN A 1 118 ? 2.847   17.300  -8.974  1.00 42.44 ? 164 GLN A CB  1 
ATOM   785  C  CG  . GLN A 1 118 ? 3.452   16.717  -10.260 1.00 44.41 ? 164 GLN A CG  1 
ATOM   786  C  CD  . GLN A 1 118 ? 2.367   15.989  -11.011 1.00 46.93 ? 164 GLN A CD  1 
ATOM   787  O  OE1 . GLN A 1 118 ? 1.396   15.497  -10.414 1.00 49.18 ? 164 GLN A OE1 1 
ATOM   788  N  NE2 . GLN A 1 118 ? 2.504   15.901  -12.331 1.00 47.97 ? 164 GLN A NE2 1 
ATOM   789  N  N   . VAL A 1 119 ? 3.034   17.945  -5.808  1.00 39.95 ? 165 VAL A N   1 
ATOM   790  C  CA  . VAL A 1 119 ? 2.434   18.646  -4.681  1.00 37.33 ? 165 VAL A CA  1 
ATOM   791  C  C   . VAL A 1 119 ? 3.409   18.940  -3.573  1.00 38.46 ? 165 VAL A C   1 
ATOM   792  O  O   . VAL A 1 119 ? 2.979   19.496  -2.550  1.00 38.83 ? 165 VAL A O   1 
ATOM   793  C  CB  . VAL A 1 119 ? 1.245   17.829  -4.120  1.00 37.22 ? 165 VAL A CB  1 
ATOM   794  C  CG1 . VAL A 1 119 ? 0.270   17.553  -5.244  1.00 35.81 ? 165 VAL A CG1 1 
ATOM   795  C  CG2 . VAL A 1 119 ? 1.575   16.469  -3.488  1.00 34.84 ? 165 VAL A CG2 1 
ATOM   796  N  N   . ARG A 1 120 ? 4.700   18.664  -3.765  1.00 38.02 ? 166 ARG A N   1 
ATOM   797  C  CA  . ARG A 1 120 ? 5.633   18.818  -2.639  1.00 39.63 ? 166 ARG A CA  1 
ATOM   798  C  C   . ARG A 1 120 ? 5.587   20.200  -2.027  1.00 39.75 ? 166 ARG A C   1 
ATOM   799  O  O   . ARG A 1 120 ? 5.795   20.308  -0.822  1.00 38.67 ? 166 ARG A O   1 
ATOM   800  C  CB  . ARG A 1 120 ? 7.055   18.362  -3.015  1.00 39.09 ? 166 ARG A CB  1 
ATOM   801  C  CG  . ARG A 1 120 ? 8.046   18.400  -1.867  1.00 41.07 ? 166 ARG A CG  1 
ATOM   802  C  CD  . ARG A 1 120 ? 7.752   17.437  -0.744  1.00 38.44 ? 166 ARG A CD  1 
ATOM   803  N  NE  . ARG A 1 120 ? 8.631   17.489  0.414   1.00 38.65 ? 166 ARG A NE  1 
ATOM   804  C  CZ  . ARG A 1 120 ? 8.422   18.267  1.464   1.00 37.93 ? 166 ARG A CZ  1 
ATOM   805  N  NH1 . ARG A 1 120 ? 7.329   19.030  1.410   1.00 39.60 ? 166 ARG A NH1 1 
ATOM   806  N  NH2 . ARG A 1 120 ? 9.216   18.270  2.502   1.00 39.91 ? 166 ARG A NH2 1 
ATOM   807  N  N   . ASP A 1 121 ? 5.415   21.235  -2.853  1.00 41.67 ? 167 ASP A N   1 
ATOM   808  C  CA  . ASP A 1 121 ? 5.384   22.615  -2.409  1.00 44.44 ? 167 ASP A CA  1 
ATOM   809  C  C   . ASP A 1 121 ? 4.032   23.042  -1.846  1.00 46.10 ? 167 ASP A C   1 
ATOM   810  O  O   . ASP A 1 121 ? 3.756   24.214  -1.603  1.00 48.56 ? 167 ASP A O   1 
ATOM   811  C  CB  . ASP A 1 121 ? 5.675   23.535  -3.625  1.00 46.01 ? 167 ASP A CB  1 
ATOM   812  N  N   . GLN A 1 122 ? 3.129   22.083  -1.676  1.00 45.90 ? 168 GLN A N   1 
ATOM   813  C  CA  . GLN A 1 122 ? 1.815   22.373  -1.082  1.00 43.56 ? 168 GLN A CA  1 
ATOM   814  C  C   . GLN A 1 122 ? 1.785   22.024  0.406   1.00 41.42 ? 168 GLN A C   1 
ATOM   815  O  O   . GLN A 1 122 ? 0.762   22.233  1.073   1.00 39.40 ? 168 GLN A O   1 
ATOM   816  C  CB  . GLN A 1 122 ? 0.731   21.604  -1.789  1.00 44.06 ? 168 GLN A CB  1 
ATOM   817  C  CG  . GLN A 1 122 ? 0.268   22.291  -3.074  1.00 47.35 ? 168 GLN A CG  1 
ATOM   818  C  CD  . GLN A 1 122 ? -1.146  21.755  -3.304  1.00 46.88 ? 168 GLN A CD  1 
ATOM   819  O  OE1 . GLN A 1 122 ? -2.109  22.441  -3.014  1.00 43.20 ? 168 GLN A OE1 1 
ATOM   820  N  NE2 . GLN A 1 122 ? -1.146  20.492  -3.735  1.00 50.08 ? 168 GLN A NE2 1 
ATOM   821  N  N   . ALA A 1 123 ? 2.936   21.559  0.890   1.00 36.49 ? 169 ALA A N   1 
ATOM   822  C  CA  . ALA A 1 123 ? 2.986   21.286  2.340   1.00 36.72 ? 169 ALA A CA  1 
ATOM   823  C  C   . ALA A 1 123 ? 4.418   21.470  2.803   1.00 35.74 ? 169 ALA A C   1 
ATOM   824  O  O   . ALA A 1 123 ? 5.292   21.263  1.978   1.00 33.45 ? 169 ALA A O   1 
ATOM   825  C  CB  . ALA A 1 123 ? 2.491   19.866  2.569   1.00 36.38 ? 169 ALA A CB  1 
ATOM   826  N  N   . GLU A 1 124 ? 4.627   21.750  4.067   1.00 37.02 ? 170 GLU A N   1 
ATOM   827  C  CA  . GLU A 1 124 ? 5.976   21.842  4.605   1.00 38.73 ? 170 GLU A CA  1 
ATOM   828  C  C   . GLU A 1 124 ? 6.636   20.464  4.645   1.00 39.19 ? 170 GLU A C   1 
ATOM   829  O  O   . GLU A 1 124 ? 7.742   20.279  4.122   1.00 38.86 ? 170 GLU A O   1 
ATOM   830  C  CB  . GLU A 1 124 ? 5.939   22.374  6.035   1.00 44.35 ? 170 GLU A CB  1 
ATOM   831  C  CG  . GLU A 1 124 ? 7.320   22.554  6.679   1.00 49.01 ? 170 GLU A CG  1 
ATOM   832  C  CD  . GLU A 1 124 ? 7.292   23.474  7.883   1.00 53.87 ? 170 GLU A CD  1 
ATOM   833  O  OE1 . GLU A 1 124 ? 8.387   23.672  8.487   1.00 57.47 ? 170 GLU A OE1 1 
ATOM   834  O  OE2 . GLU A 1 124 ? 6.233   24.036  8.223   1.00 54.96 ? 170 GLU A OE2 1 
ATOM   835  N  N   . HIS A 1 125 ? 5.921   19.518  5.277   1.00 34.71 ? 171 HIS A N   1 
ATOM   836  C  CA  . HIS A 1 125 ? 6.498   18.189  5.453   1.00 34.43 ? 171 HIS A CA  1 
ATOM   837  C  C   . HIS A 1 125 ? 6.231   17.156  4.402   1.00 30.31 ? 171 HIS A C   1 
ATOM   838  O  O   . HIS A 1 125 ? 5.136   17.033  3.833   1.00 27.29 ? 171 HIS A O   1 
ATOM   839  C  CB  . HIS A 1 125 ? 5.979   17.730  6.851   1.00 37.54 ? 171 HIS A CB  1 
ATOM   840  C  CG  . HIS A 1 125 ? 6.199   18.668  7.991   1.00 40.98 ? 171 HIS A CG  1 
ATOM   841  N  ND1 . HIS A 1 125 ? 7.454   19.035  8.455   1.00 45.01 ? 171 HIS A ND1 1 
ATOM   842  C  CD2 . HIS A 1 125 ? 5.336   19.340  8.775   1.00 43.95 ? 171 HIS A CD2 1 
ATOM   843  C  CE1 . HIS A 1 125 ? 7.336   19.849  9.488   1.00 44.39 ? 171 HIS A CE1 1 
ATOM   844  N  NE2 . HIS A 1 125 ? 6.051   20.031  9.715   1.00 45.19 ? 171 HIS A NE2 1 
ATOM   845  N  N   . LEU A 1 126 ? 7.210   16.288  4.111   1.00 28.25 ? 172 LEU A N   1 
ATOM   846  C  CA  . LEU A 1 126 ? 7.012   15.263  3.095   1.00 28.74 ? 172 LEU A CA  1 
ATOM   847  C  C   . LEU A 1 126 ? 5.810   14.373  3.467   1.00 27.18 ? 172 LEU A C   1 
ATOM   848  O  O   . LEU A 1 126 ? 5.114   13.870  2.610   1.00 24.13 ? 172 LEU A O   1 
ATOM   849  C  CB  . LEU A 1 126 ? 8.274   14.390  3.007   1.00 30.85 ? 172 LEU A CB  1 
ATOM   850  C  CG  . LEU A 1 126 ? 8.232   13.127  2.211   1.00 32.23 ? 172 LEU A CG  1 
ATOM   851  C  CD1 . LEU A 1 126 ? 7.919   13.324  0.734   1.00 31.91 ? 172 LEU A CD1 1 
ATOM   852  C  CD2 . LEU A 1 126 ? 9.518   12.285  2.355   1.00 34.95 ? 172 LEU A CD2 1 
ATOM   853  N  N   . LYS A 1 127 ? 5.691   14.120  4.773   1.00 25.56 ? 173 LYS A N   1 
ATOM   854  C  CA  . LYS A 1 127 ? 4.587   13.161  5.142   1.00 24.84 ? 173 LYS A CA  1 
ATOM   855  C  C   . LYS A 1 127 ? 3.231   13.669  4.715   1.00 23.44 ? 173 LYS A C   1 
ATOM   856  O  O   . LYS A 1 127 ? 2.321   12.919  4.317   1.00 24.67 ? 173 LYS A O   1 
ATOM   857  C  CB  . LYS A 1 127 ? 4.677   12.857  6.659   1.00 28.79 ? 173 LYS A CB  1 
ATOM   858  C  CG  . LYS A 1 127 ? 4.413   14.046  7.546   1.00 34.51 ? 173 LYS A CG  1 
ATOM   859  C  CD  . LYS A 1 127 ? 4.654   13.836  9.045   1.00 38.00 ? 173 LYS A CD  1 
ATOM   860  C  CE  . LYS A 1 127 ? 3.887   12.654  9.625   1.00 43.28 ? 173 LYS A CE  1 
ATOM   861  N  NZ  . LYS A 1 127 ? 3.703   12.672  11.139  1.00 45.73 ? 173 LYS A NZ  1 
ATOM   862  N  N   . THR A 1 128 ? 3.013   14.973  4.773   1.00 22.51 ? 174 THR A N   1 
ATOM   863  C  CA  . THR A 1 128 ? 1.801   15.637  4.351   1.00 21.70 ? 174 THR A CA  1 
ATOM   864  C  C   . THR A 1 128 ? 1.657   15.487  2.849   1.00 22.27 ? 174 THR A C   1 
ATOM   865  O  O   . THR A 1 128 ? 0.622   15.121  2.333   1.00 20.57 ? 174 THR A O   1 
ATOM   866  C  CB  . THR A 1 128 ? 1.746   17.131  4.751   1.00 23.79 ? 174 THR A CB  1 
ATOM   867  O  OG1 . THR A 1 128 ? 1.868   17.212  6.167   1.00 25.53 ? 174 THR A OG1 1 
ATOM   868  C  CG2 . THR A 1 128 ? 0.436   17.785  4.358   1.00 25.11 ? 174 THR A CG2 1 
ATOM   869  N  N   . ALA A 1 129 ? 2.751   15.828  2.103   1.00 22.42 ? 175 ALA A N   1 
ATOM   870  C  CA  . ALA A 1 129 ? 2.648   15.630  0.639   1.00 22.63 ? 175 ALA A CA  1 
ATOM   871  C  C   . ALA A 1 129 ? 2.371   14.222  0.223   1.00 20.74 ? 175 ALA A C   1 
ATOM   872  O  O   . ALA A 1 129 ? 1.652   13.965  -0.745  1.00 21.06 ? 175 ALA A O   1 
ATOM   873  C  CB  . ALA A 1 129 ? 4.041   16.071  0.050   1.00 23.79 ? 175 ALA A CB  1 
ATOM   874  N  N   . VAL A 1 130 ? 2.884   13.217  0.959   1.00 18.88 ? 176 VAL A N   1 
ATOM   875  C  CA  . VAL A 1 130 ? 2.575   11.835  0.596   1.00 17.98 ? 176 VAL A CA  1 
ATOM   876  C  C   . VAL A 1 130 ? 1.055   11.615  0.673   1.00 16.82 ? 176 VAL A C   1 
ATOM   877  O  O   . VAL A 1 130 ? 0.481   10.905  -0.150  1.00 17.80 ? 176 VAL A O   1 
ATOM   878  C  CB  . VAL A 1 130 ? 3.329   10.848  1.473   1.00 19.95 ? 176 VAL A CB  1 
ATOM   879  C  CG1 . VAL A 1 130 ? 2.949   9.400   1.240   1.00 20.14 ? 176 VAL A CG1 1 
ATOM   880  C  CG2 . VAL A 1 130 ? 4.868   10.939  1.167   1.00 22.44 ? 176 VAL A CG2 1 
ATOM   881  N  N   . GLN A 1 131 ? 0.481   12.047  1.805   1.00 20.02 ? 177 GLN A N   1 
ATOM   882  C  CA  . GLN A 1 131 ? -0.975  11.782  1.858   1.00 17.07 ? 177 GLN A CA  1 
ATOM   883  C  C   . GLN A 1 131 ? -1.781  12.628  0.894   1.00 17.70 ? 177 GLN A C   1 
ATOM   884  O  O   . GLN A 1 131 ? -2.808  12.126  0.427   1.00 17.45 ? 177 GLN A O   1 
ATOM   885  C  CB  . GLN A 1 131 ? -1.465  12.145  3.312   1.00 16.98 ? 177 GLN A CB  1 
ATOM   886  C  CG  . GLN A 1 131 ? -0.714  11.332  4.370   1.00 18.50 ? 177 GLN A CG  1 
ATOM   887  C  CD  . GLN A 1 131 ? -0.725  9.850   4.083   1.00 20.31 ? 177 GLN A CD  1 
ATOM   888  O  OE1 . GLN A 1 131 ? -1.626  9.292   3.516   1.00 21.45 ? 177 GLN A OE1 1 
ATOM   889  N  NE2 . GLN A 1 131 ? 0.320   9.133   4.541   1.00 20.98 ? 177 GLN A NE2 1 
ATOM   890  N  N   . MET A 1 132 ? -1.290  13.796  0.466   1.00 19.14 ? 178 MET A N   1 
ATOM   891  C  CA  . MET A 1 132 ? -1.991  14.527  -0.635  1.00 18.80 ? 178 MET A CA  1 
ATOM   892  C  C   . MET A 1 132 ? -1.899  13.740  -1.918  1.00 18.55 ? 178 MET A C   1 
ATOM   893  O  O   . MET A 1 132 ? -2.845  13.595  -2.686  1.00 18.40 ? 178 MET A O   1 
ATOM   894  C  CB  . MET A 1 132 ? -1.231  15.863  -0.804  1.00 19.29 ? 178 MET A CB  1 
ATOM   895  C  CG  . MET A 1 132 ? -1.616  16.872  0.275   1.00 22.85 ? 178 MET A CG  1 
ATOM   896  S  SD  . MET A 1 132 ? -0.552  18.330  0.062   1.00 23.88 ? 178 MET A SD  1 
ATOM   897  C  CE  . MET A 1 132 ? -1.441  19.448  1.159   1.00 29.99 ? 178 MET A CE  1 
ATOM   898  N  N   . ALA A 1 133 ? -0.724  13.067  -2.080  1.00 20.31 ? 179 ALA A N   1 
ATOM   899  C  CA  . ALA A 1 133 ? -0.520  12.255  -3.286  1.00 20.30 ? 179 ALA A CA  1 
ATOM   900  C  C   . ALA A 1 133 ? -1.373  11.043  -3.324  1.00 19.94 ? 179 ALA A C   1 
ATOM   901  O  O   . ALA A 1 133 ? -1.997  10.624  -4.299  1.00 20.29 ? 179 ALA A O   1 
ATOM   902  C  CB  . ALA A 1 133 ? 0.993   11.924  -3.437  1.00 20.01 ? 179 ALA A CB  1 
ATOM   903  N  N   . VAL A 1 134 ? -1.578  10.368  -2.145  1.00 19.46 ? 180 VAL A N   1 
ATOM   904  C  CA  . VAL A 1 134 ? -2.476  9.223   -2.076  1.00 18.60 ? 180 VAL A CA  1 
ATOM   905  C  C   . VAL A 1 134 ? -3.898  9.628   -2.439  1.00 15.34 ? 180 VAL A C   1 
ATOM   906  O  O   . VAL A 1 134 ? -4.554  8.889   -3.131  1.00 19.71 ? 180 VAL A O   1 
ATOM   907  C  CB  . VAL A 1 134 ? -2.395  8.679   -0.624  1.00 19.13 ? 180 VAL A CB  1 
ATOM   908  C  CG1 . VAL A 1 134 ? -3.451  7.564   -0.485  1.00 18.27 ? 180 VAL A CG1 1 
ATOM   909  C  CG2 . VAL A 1 134 ? -1.021  8.037   -0.391  1.00 18.83 ? 180 VAL A CG2 1 
ATOM   910  N  N   . PHE A 1 135 ? -4.335  10.727  -1.839  1.00 18.23 ? 181 PHE A N   1 
ATOM   911  C  CA  . PHE A 1 135 ? -5.651  11.290  -2.105  1.00 16.81 ? 181 PHE A CA  1 
ATOM   912  C  C   . PHE A 1 135 ? -5.895  11.586  -3.623  1.00 16.93 ? 181 PHE A C   1 
ATOM   913  O  O   . PHE A 1 135 ? -6.860  11.060  -4.161  1.00 20.34 ? 181 PHE A O   1 
ATOM   914  C  CB  . PHE A 1 135 ? -5.800  12.530  -1.266  1.00 17.71 ? 181 PHE A CB  1 
ATOM   915  C  CG  . PHE A 1 135 ? -7.009  13.405  -1.433  1.00 19.99 ? 181 PHE A CG  1 
ATOM   916  C  CD1 . PHE A 1 135 ? -7.275  14.142  -2.600  1.00 20.55 ? 181 PHE A CD1 1 
ATOM   917  C  CD2 . PHE A 1 135 ? -7.909  13.530  -0.355  1.00 20.49 ? 181 PHE A CD2 1 
ATOM   918  C  CE1 . PHE A 1 135 ? -8.371  14.966  -2.741  1.00 20.37 ? 181 PHE A CE1 1 
ATOM   919  C  CE2 . PHE A 1 135 ? -8.952  14.425  -0.467  1.00 21.75 ? 181 PHE A CE2 1 
ATOM   920  C  CZ  . PHE A 1 135 ? -9.255  15.102  -1.644  1.00 22.44 ? 181 PHE A CZ  1 
ATOM   921  N  N   . ILE A 1 136 ? -4.823  12.172  -4.180  1.00 20.60 ? 182 ILE A N   1 
ATOM   922  C  CA  . ILE A 1 136 ? -5.060  12.493  -5.630  1.00 22.27 ? 182 ILE A CA  1 
ATOM   923  C  C   . ILE A 1 136 ? -5.094  11.203  -6.396  1.00 19.83 ? 182 ILE A C   1 
ATOM   924  O  O   . ILE A 1 136 ? -5.924  10.989  -7.321  1.00 23.16 ? 182 ILE A O   1 
ATOM   925  C  CB  . ILE A 1 136 ? -3.889  13.384  -6.114  1.00 22.79 ? 182 ILE A CB  1 
ATOM   926  C  CG1 . ILE A 1 136 ? -4.110  14.790  -5.531  1.00 22.50 ? 182 ILE A CG1 1 
ATOM   927  C  CG2 . ILE A 1 136 ? -3.820  13.402  -7.664  1.00 25.52 ? 182 ILE A CG2 1 
ATOM   928  C  CD1 . ILE A 1 136 ? -2.902  15.657  -5.446  1.00 26.22 ? 182 ILE A CD1 1 
ATOM   929  N  N   . HIS A 1 137 ? -4.118  10.333  -6.143  1.00 21.35 ? 183 HIS A N   1 
ATOM   930  C  CA  . HIS A 1 137 ? -4.078  9.054   -6.854  1.00 22.60 ? 183 HIS A CA  1 
ATOM   931  C  C   . HIS A 1 137 ? -5.359  8.284   -6.773  1.00 21.79 ? 183 HIS A C   1 
ATOM   932  O  O   . HIS A 1 137 ? -5.969  7.795   -7.718  1.00 22.58 ? 183 HIS A O   1 
ATOM   933  C  CB  . HIS A 1 137 ? -2.919  8.172   -6.293  1.00 22.46 ? 183 HIS A CB  1 
ATOM   934  C  CG  . HIS A 1 137 ? -2.988  6.832   -6.935  1.00 25.76 ? 183 HIS A CG  1 
ATOM   935  N  ND1 . HIS A 1 137 ? -3.564  5.706   -6.468  1.00 27.81 ? 183 HIS A ND1 1 
ATOM   936  C  CD2 . HIS A 1 137 ? -2.573  6.587   -8.250  1.00 26.11 ? 183 HIS A CD2 1 
ATOM   937  C  CE1 . HIS A 1 137 ? -3.468  4.701   -7.366  1.00 28.09 ? 183 HIS A CE1 1 
ATOM   938  N  NE2 . HIS A 1 137 ? -2.854  5.246   -8.424  1.00 32.21 ? 183 HIS A NE2 1 
ATOM   939  N  N   . ASN A 1 138 ? -5.995  8.095   -5.526  1.00 18.60 ? 184 ASN A N   1 
ATOM   940  C  CA  . ASN A 1 138 ? -7.086  7.245   -5.353  1.00 19.15 ? 184 ASN A CA  1 
ATOM   941  C  C   . ASN A 1 138 ? -8.392  7.803   -5.983  1.00 20.15 ? 184 ASN A C   1 
ATOM   942  O  O   . ASN A 1 138 ? -9.238  6.983   -6.255  1.00 23.80 ? 184 ASN A O   1 
ATOM   943  C  CB  . ASN A 1 138 ? -7.349  6.933   -3.813  1.00 18.12 ? 184 ASN A CB  1 
ATOM   944  C  CG  . ASN A 1 138 ? -6.320  5.945   -3.331  1.00 22.06 ? 184 ASN A CG  1 
ATOM   945  O  OD1 . ASN A 1 138 ? -5.687  5.167   -4.080  1.00 20.28 ? 184 ASN A OD1 1 
ATOM   946  N  ND2 . ASN A 1 138 ? -6.110  5.882   -1.992  1.00 20.13 ? 184 ASN A ND2 1 
ATOM   947  N  N   . LYS A 1 139 ? -8.426  9.110   -6.113  1.00 21.67 ? 185 LYS A N   1 
ATOM   948  C  CA  . LYS A 1 139 ? -9.652  9.733   -6.626  1.00 23.78 ? 185 LYS A CA  1 
ATOM   949  C  C   . LYS A 1 139 ? -9.572  9.949   -8.167  1.00 27.76 ? 185 LYS A C   1 
ATOM   950  O  O   . LYS A 1 139 ? -10.644 10.234  -8.706  1.00 27.82 ? 185 LYS A O   1 
ATOM   951  C  CB  . LYS A 1 139 ? -9.793  11.110  -5.980  1.00 24.86 ? 185 LYS A CB  1 
ATOM   952  C  CG  . LYS A 1 139 ? -10.218 10.901  -4.466  1.00 26.94 ? 185 LYS A CG  1 
ATOM   953  C  CD  . LYS A 1 139 ? -10.458 12.308  -3.897  1.00 29.71 ? 185 LYS A CD  1 
ATOM   954  C  CE  . LYS A 1 139 ? -10.985 12.275  -2.468  1.00 30.75 ? 185 LYS A CE  1 
ATOM   955  N  NZ  . LYS A 1 139 ? -12.365 11.785  -2.281  1.00 30.55 ? 185 LYS A NZ  1 
ATOM   956  N  N   . LYS A 1 140 ? -8.395  9.747   -8.715  1.00 27.92 ? 186 LYS A N   1 
ATOM   957  C  CA  . LYS A 1 140 ? -8.221  10.093  -10.169 1.00 31.10 ? 186 LYS A CA  1 
ATOM   958  C  C   . LYS A 1 140 ? -9.010  9.135   -11.030 1.00 34.29 ? 186 LYS A C   1 
ATOM   959  O  O   . LYS A 1 140 ? -8.826  7.913   -11.042 1.00 31.73 ? 186 LYS A O   1 
ATOM   960  C  CB  . LYS A 1 140 ? -6.724  10.138  -10.496 1.00 33.95 ? 186 LYS A CB  1 
ATOM   961  C  CG  . LYS A 1 140 ? -6.330  10.705  -11.863 1.00 39.37 ? 186 LYS A CG  1 
ATOM   962  C  CD  . LYS A 1 140 ? -4.804  10.953  -11.921 1.00 41.16 ? 186 LYS A CD  1 
ATOM   963  C  CE  . LYS A 1 140 ? -4.498  12.425  -11.640 1.00 42.22 ? 186 LYS A CE  1 
ATOM   964  N  NZ  . LYS A 1 140 ? -3.093  12.718  -11.255 1.00 41.31 ? 186 LYS A NZ  1 
ATOM   965  N  N   . ARG A 1 141 ? -9.974  9.689   -11.816 1.00 38.85 ? 187 ARG A N   1 
ATOM   966  C  CA  . ARG A 1 141 ? -10.756 8.768   -12.675 1.00 43.44 ? 187 ARG A CA  1 
ATOM   967  C  C   . ARG A 1 141 ? -9.869  8.548   -13.906 1.00 46.71 ? 187 ARG A C   1 
ATOM   968  O  O   . ARG A 1 141 ? -9.223  9.447   -14.433 1.00 45.84 ? 187 ARG A O   1 
ATOM   969  C  CB  . ARG A 1 141 ? -12.177 9.182   -12.984 1.00 44.51 ? 187 ARG A CB  1 
ATOM   970  C  CG  . ARG A 1 141 ? -13.139 9.099   -11.794 1.00 48.39 ? 187 ARG A CG  1 
ATOM   971  C  CD  . ARG A 1 141 ? -14.583 9.317   -12.205 1.00 51.11 ? 187 ARG A CD  1 
ATOM   972  N  NE  . ARG A 1 141 ? -15.529 9.141   -11.129 1.00 54.36 ? 187 ARG A NE  1 
ATOM   973  C  CZ  . ARG A 1 141 ? -15.978 10.123  -10.340 1.00 57.44 ? 187 ARG A CZ  1 
ATOM   974  N  NH1 . ARG A 1 141 ? -15.587 11.394  -10.488 1.00 58.77 ? 187 ARG A NH1 1 
ATOM   975  N  NH2 . ARG A 1 141 ? -16.853 9.827   -9.376  1.00 58.62 ? 187 ARG A NH2 1 
ATOM   976  N  N   . LYS A 1 142 ? -9.757  7.290   -14.278 1.00 50.04 ? 188 LYS A N   1 
ATOM   977  C  CA  . LYS A 1 142 ? -8.911  6.831   -15.355 1.00 55.93 ? 188 LYS A CA  1 
ATOM   978  C  C   . LYS A 1 142 ? -9.754  6.188   -16.440 1.00 58.55 ? 188 LYS A C   1 
ATOM   979  O  O   . LYS A 1 142 ? -10.066 5.006   -16.342 1.00 59.65 ? 188 LYS A O   1 
ATOM   980  C  CB  . LYS A 1 142 ? -7.874  5.844   -14.779 1.00 57.56 ? 188 LYS A CB  1 
ATOM   981  C  CG  . LYS A 1 142 ? -6.824  6.576   -13.938 1.00 58.68 ? 188 LYS A CG  1 
ATOM   982  C  CD  . LYS A 1 142 ? -5.808  5.675   -13.272 1.00 59.34 ? 188 LYS A CD  1 
ATOM   983  C  CE  . LYS A 1 142 ? -4.654  6.504   -12.725 1.00 59.38 ? 188 LYS A CE  1 
ATOM   984  N  NZ  . LYS A 1 142 ? -3.629  5.697   -12.013 1.00 59.47 ? 188 LYS A NZ  1 
ATOM   985  N  N   . GLY A 1 143 ? -10.201 6.976   -17.414 1.00 61.52 ? 189 GLY A N   1 
ATOM   986  C  CA  . GLY A 1 143 ? -11.020 6.471   -18.520 1.00 61.92 ? 189 GLY A CA  1 
ATOM   987  C  C   . GLY A 1 143 ? -11.232 7.545   -19.584 1.00 62.15 ? 189 GLY A C   1 
ATOM   988  O  O   . GLY A 1 143 ? -11.638 8.673   -19.219 1.00 61.98 ? 189 GLY A O   1 
ATOM   989  N  N   . GLY A 1 147 ? -14.399 4.824   -16.886 1.00 49.43 ? 193 GLY A N   1 
ATOM   990  C  CA  . GLY A 1 147 ? -13.163 5.463   -16.358 1.00 48.72 ? 193 GLY A CA  1 
ATOM   991  C  C   . GLY A 1 147 ? -13.283 5.762   -14.870 1.00 48.48 ? 193 GLY A C   1 
ATOM   992  O  O   . GLY A 1 147 ? -13.227 6.930   -14.466 1.00 53.31 ? 193 GLY A O   1 
ATOM   993  N  N   . TYR A 1 148 ? -13.434 4.758   -14.034 1.00 45.63 ? 194 TYR A N   1 
ATOM   994  C  CA  . TYR A 1 148 ? -13.542 4.961   -12.588 1.00 41.76 ? 194 TYR A CA  1 
ATOM   995  C  C   . TYR A 1 148 ? -12.186 5.171   -11.917 1.00 36.39 ? 194 TYR A C   1 
ATOM   996  O  O   . TYR A 1 148 ? -11.152 5.009   -12.533 1.00 36.00 ? 194 TYR A O   1 
ATOM   997  C  CB  . TYR A 1 148 ? -14.226 3.757   -11.941 1.00 45.40 ? 194 TYR A CB  1 
ATOM   998  C  CG  . TYR A 1 148 ? -15.689 3.748   -12.333 1.00 50.63 ? 194 TYR A CG  1 
ATOM   999  C  CD1 . TYR A 1 148 ? -16.073 2.905   -13.369 1.00 53.68 ? 194 TYR A CD1 1 
ATOM   1000 C  CD2 . TYR A 1 148 ? -16.628 4.602   -11.776 1.00 52.70 ? 194 TYR A CD2 1 
ATOM   1001 C  CE1 . TYR A 1 148 ? -17.390 2.873   -13.801 1.00 55.71 ? 194 TYR A CE1 1 
ATOM   1002 C  CE2 . TYR A 1 148 ? -17.949 4.568   -12.186 1.00 55.46 ? 194 TYR A CE2 1 
ATOM   1003 C  CZ  . TYR A 1 148 ? -18.313 3.701   -13.198 1.00 56.53 ? 194 TYR A CZ  1 
ATOM   1004 O  OH  . TYR A 1 148 ? -19.610 3.630   -13.680 1.00 59.01 ? 194 TYR A OH  1 
ATOM   1005 N  N   . SER A 1 149 ? -12.262 5.615   -10.645 1.00 31.60 ? 195 SER A N   1 
ATOM   1006 C  CA  . SER A 1 149 ? -10.989 5.814   -9.923  1.00 27.83 ? 195 SER A CA  1 
ATOM   1007 C  C   . SER A 1 149 ? -10.625 4.523   -9.194  1.00 27.79 ? 195 SER A C   1 
ATOM   1008 O  O   . SER A 1 149 ? -11.468 3.664   -9.060  1.00 25.58 ? 195 SER A O   1 
ATOM   1009 C  CB  . SER A 1 149 ? -11.157 6.922   -8.866  1.00 27.13 ? 195 SER A CB  1 
ATOM   1010 O  OG  . SER A 1 149 ? -12.138 6.524   -7.890  1.00 27.52 ? 195 SER A OG  1 
ATOM   1011 N  N   . ALA A 1 150 ? -9.374  4.451   -8.714  1.00 24.98 ? 196 ALA A N   1 
ATOM   1012 C  CA  . ALA A 1 150 ? -8.957  3.283   -7.937  1.00 23.80 ? 196 ALA A CA  1 
ATOM   1013 C  C   . ALA A 1 150 ? -9.835  3.106   -6.683  1.00 24.08 ? 196 ALA A C   1 
ATOM   1014 O  O   . ALA A 1 150 ? -10.202 1.965   -6.373  1.00 26.54 ? 196 ALA A O   1 
ATOM   1015 C  CB  . ALA A 1 150 ? -7.497  3.458   -7.585  1.00 22.67 ? 196 ALA A CB  1 
ATOM   1016 N  N   . GLY A 1 151 ? -10.148 4.250   -6.091  1.00 23.88 ? 197 GLY A N   1 
ATOM   1017 C  CA  . GLY A 1 151 ? -11.042 4.166   -4.905  1.00 24.10 ? 197 GLY A CA  1 
ATOM   1018 C  C   . GLY A 1 151 ? -12.389 3.547   -5.287  1.00 27.23 ? 197 GLY A C   1 
ATOM   1019 O  O   . GLY A 1 151 ? -13.051 2.826   -4.535  1.00 24.24 ? 197 GLY A O   1 
ATOM   1020 N  N   . GLU A 1 152 ? -12.966 4.069   -6.399  1.00 26.19 ? 198 GLU A N   1 
ATOM   1021 C  CA  . GLU A 1 152 ? -14.236 3.442   -6.828  1.00 27.74 ? 198 GLU A CA  1 
ATOM   1022 C  C   . GLU A 1 152 ? -14.070 1.979   -7.137  1.00 27.33 ? 198 GLU A C   1 
ATOM   1023 O  O   . GLU A 1 152 ? -14.968 1.213   -6.825  1.00 28.42 ? 198 GLU A O   1 
ATOM   1024 C  CB  . GLU A 1 152 ? -14.750 4.273   -8.043  1.00 28.60 ? 198 GLU A CB  1 
ATOM   1025 C  CG  . GLU A 1 152 ? -15.285 5.649   -7.683  1.00 33.50 ? 198 GLU A CG  1 
ATOM   1026 C  CD  . GLU A 1 152 ? -15.551 6.595   -8.857  1.00 36.16 ? 198 GLU A CD  1 
ATOM   1027 O  OE1 . GLU A 1 152 ? -14.887 6.469   -9.900  1.00 35.16 ? 198 GLU A OE1 1 
ATOM   1028 O  OE2 . GLU A 1 152 ? -16.412 7.498   -8.705  1.00 37.93 ? 198 GLU A OE2 1 
ATOM   1029 N  N   . ARG A 1 153 ? -12.987 1.548   -7.781  1.00 27.72 ? 199 ARG A N   1 
ATOM   1030 C  CA  . ARG A 1 153 ? -12.791 0.151   -8.158  1.00 28.64 ? 199 ARG A CA  1 
ATOM   1031 C  C   . ARG A 1 153 ? -12.613 -0.752  -6.940  1.00 28.30 ? 199 ARG A C   1 
ATOM   1032 O  O   . ARG A 1 153 ? -13.188 -1.828  -6.909  1.00 28.52 ? 199 ARG A O   1 
ATOM   1033 C  CB  . ARG A 1 153 ? -11.568 -0.095  -9.043  1.00 31.94 ? 199 ARG A CB  1 
ATOM   1034 C  CG  . ARG A 1 153 ? -11.582 0.564   -10.390 1.00 36.71 ? 199 ARG A CG  1 
ATOM   1035 C  CD  . ARG A 1 153 ? -10.431 0.124   -11.256 1.00 39.16 ? 199 ARG A CD  1 
ATOM   1036 N  NE  . ARG A 1 153 ? -9.154  0.743   -10.994 1.00 40.57 ? 199 ARG A NE  1 
ATOM   1037 C  CZ  . ARG A 1 153 ? -8.643  1.894   -11.378 1.00 41.53 ? 199 ARG A CZ  1 
ATOM   1038 N  NH1 . ARG A 1 153 ? -9.311  2.766   -12.127 1.00 41.86 ? 199 ARG A NH1 1 
ATOM   1039 N  NH2 . ARG A 1 153 ? -7.388  2.132   -11.003 1.00 41.35 ? 199 ARG A NH2 1 
ATOM   1040 N  N   . ILE A 1 154 ? -11.852 -0.274  -5.896  1.00 27.87 ? 200 ILE A N   1 
ATOM   1041 C  CA  . ILE A 1 154 ? -11.704 -1.228  -4.797  1.00 25.98 ? 200 ILE A CA  1 
ATOM   1042 C  C   . ILE A 1 154 ? -13.036 -1.491  -4.092  1.00 25.42 ? 200 ILE A C   1 
ATOM   1043 O  O   . ILE A 1 154 ? -13.372 -2.590  -3.683  1.00 28.29 ? 200 ILE A O   1 
ATOM   1044 C  CB  . ILE A 1 154 ? -10.620 -0.762  -3.791  1.00 24.32 ? 200 ILE A CB  1 
ATOM   1045 C  CG1 . ILE A 1 154 ? -10.395 -1.930  -2.832  1.00 21.81 ? 200 ILE A CG1 1 
ATOM   1046 C  CG2 . ILE A 1 154 ? -10.936 0.576   -3.099  1.00 23.93 ? 200 ILE A CG2 1 
ATOM   1047 C  CD1 . ILE A 1 154 ? -9.134  -1.644  -1.945  1.00 22.52 ? 200 ILE A CD1 1 
ATOM   1048 N  N   . VAL A 1 155 ? -13.850 -0.429  -3.954  1.00 26.64 ? 201 VAL A N   1 
ATOM   1049 C  CA  . VAL A 1 155 ? -15.106 -0.670  -3.250  1.00 28.64 ? 201 VAL A CA  1 
ATOM   1050 C  C   . VAL A 1 155 ? -16.043 -1.547  -4.101  1.00 29.25 ? 201 VAL A C   1 
ATOM   1051 O  O   . VAL A 1 155 ? -16.691 -2.410  -3.518  1.00 28.67 ? 201 VAL A O   1 
ATOM   1052 C  CB  . VAL A 1 155 ? -15.843 0.543   -2.676  1.00 32.97 ? 201 VAL A CB  1 
ATOM   1053 C  CG1 . VAL A 1 155 ? -14.948 1.329   -1.697  1.00 31.78 ? 201 VAL A CG1 1 
ATOM   1054 C  CG2 . VAL A 1 155 ? -16.405 1.443   -3.747  1.00 35.37 ? 201 VAL A CG2 1 
ATOM   1055 N  N   . ASP A 1 156 ? -16.040 -1.346  -5.399  1.00 30.28 ? 202 ASP A N   1 
ATOM   1056 C  CA  . ASP A 1 156 ? -16.880 -2.224  -6.274  1.00 33.24 ? 202 ASP A CA  1 
ATOM   1057 C  C   . ASP A 1 156 ? -16.395 -3.655  -6.176  1.00 33.17 ? 202 ASP A C   1 
ATOM   1058 O  O   . ASP A 1 156 ? -17.177 -4.612  -6.023  1.00 36.00 ? 202 ASP A O   1 
ATOM   1059 C  CB  . ASP A 1 156 ? -16.743 -1.681  -7.696  1.00 36.46 ? 202 ASP A CB  1 
ATOM   1060 C  CG  . ASP A 1 156 ? -17.550 -2.446  -8.748  1.00 42.10 ? 202 ASP A CG  1 
ATOM   1061 O  OD1 . ASP A 1 156 ? -18.684 -2.809  -8.426  1.00 42.77 ? 202 ASP A OD1 1 
ATOM   1062 O  OD2 . ASP A 1 156 ? -17.085 -2.610  -9.888  1.00 44.21 ? 202 ASP A OD2 1 
ATOM   1063 N  N   . ILE A 1 157 ? -15.074 -3.882  -6.278  1.00 32.12 ? 203 ILE A N   1 
ATOM   1064 C  CA  . ILE A 1 157 ? -14.519 -5.232  -6.201  1.00 33.36 ? 203 ILE A CA  1 
ATOM   1065 C  C   . ILE A 1 157 ? -14.872 -5.873  -4.887  1.00 34.27 ? 203 ILE A C   1 
ATOM   1066 O  O   . ILE A 1 157 ? -15.312 -7.028  -4.815  1.00 34.44 ? 203 ILE A O   1 
ATOM   1067 C  CB  . ILE A 1 157 ? -12.996 -5.233  -6.470  1.00 36.30 ? 203 ILE A CB  1 
ATOM   1068 C  CG1 . ILE A 1 157 ? -12.701 -4.942  -7.947  1.00 36.86 ? 203 ILE A CG1 1 
ATOM   1069 C  CG2 . ILE A 1 157 ? -12.320 -6.526  -6.054  1.00 36.50 ? 203 ILE A CG2 1 
ATOM   1070 C  CD1 . ILE A 1 157 ? -11.254 -4.535  -8.208  1.00 36.63 ? 203 ILE A CD1 1 
ATOM   1071 N  N   . ILE A 1 158 ? -14.622 -5.170  -3.751  1.00 31.19 ? 204 ILE A N   1 
ATOM   1072 C  CA  . ILE A 1 158 ? -14.939 -5.819  -2.489  1.00 33.85 ? 204 ILE A CA  1 
ATOM   1073 C  C   . ILE A 1 158 ? -16.440 -6.052  -2.289  1.00 35.35 ? 204 ILE A C   1 
ATOM   1074 O  O   . ILE A 1 158 ? -16.799 -7.100  -1.712  1.00 38.40 ? 204 ILE A O   1 
ATOM   1075 C  CB  . ILE A 1 158 ? -14.315 -5.055  -1.299  1.00 32.70 ? 204 ILE A CB  1 
ATOM   1076 C  CG1 . ILE A 1 158 ? -12.795 -4.952  -1.475  1.00 33.83 ? 204 ILE A CG1 1 
ATOM   1077 C  CG2 . ILE A 1 158 ? -14.641 -5.778  -0.008  1.00 32.65 ? 204 ILE A CG2 1 
ATOM   1078 C  CD1 . ILE A 1 158 ? -11.999 -6.236  -1.349  1.00 32.77 ? 204 ILE A CD1 1 
ATOM   1079 N  N   . ALA A 1 159 ? -17.251 -5.066  -2.633  1.00 37.30 ? 205 ALA A N   1 
ATOM   1080 C  CA  . ALA A 1 159 ? -18.701 -5.195  -2.423  1.00 41.16 ? 205 ALA A CA  1 
ATOM   1081 C  C   . ALA A 1 159 ? -19.230 -6.351  -3.286  1.00 42.85 ? 205 ALA A C   1 
ATOM   1082 O  O   . ALA A 1 159 ? -19.990 -7.191  -2.832  1.00 44.73 ? 205 ALA A O   1 
ATOM   1083 C  CB  . ALA A 1 159 ? -19.441 -3.913  -2.766  1.00 40.85 ? 205 ALA A CB  1 
ATOM   1084 N  N   . THR A 1 160 ? -18.741 -6.449  -4.511  1.00 45.19 ? 206 THR A N   1 
ATOM   1085 C  CA  . THR A 1 160 ? -19.123 -7.569  -5.377  1.00 47.26 ? 206 THR A CA  1 
ATOM   1086 C  C   . THR A 1 160 ? -18.680 -8.883  -4.754  1.00 50.06 ? 206 THR A C   1 
ATOM   1087 O  O   . THR A 1 160 ? -19.453 -9.849  -4.699  1.00 49.36 ? 206 THR A O   1 
ATOM   1088 C  CB  . THR A 1 160 ? -18.543 -7.366  -6.786  1.00 46.06 ? 206 THR A CB  1 
ATOM   1089 O  OG1 . THR A 1 160 ? -19.097 -6.163  -7.338  1.00 44.56 ? 206 THR A OG1 1 
ATOM   1090 C  CG2 . THR A 1 160 ? -18.885 -8.547  -7.688  1.00 47.53 ? 206 THR A CG2 1 
ATOM   1091 N  N   . ASP A 1 161 ? -17.461 -8.926  -4.222  1.00 52.82 ? 207 ASP A N   1 
ATOM   1092 C  CA  . ASP A 1 161 ? -16.935 -10.127 -3.596  1.00 55.82 ? 207 ASP A CA  1 
ATOM   1093 C  C   . ASP A 1 161 ? -17.744 -10.555 -2.376  1.00 58.17 ? 207 ASP A C   1 
ATOM   1094 O  O   . ASP A 1 161 ? -17.941 -11.763 -2.187  1.00 59.40 ? 207 ASP A O   1 
ATOM   1095 C  CB  . ASP A 1 161 ? -15.474 -9.935  -3.167  1.00 56.14 ? 207 ASP A CB  1 
ATOM   1096 C  CG  . ASP A 1 161 ? -14.880 -11.284 -2.805  1.00 57.05 ? 207 ASP A CG  1 
ATOM   1097 O  OD1 . ASP A 1 161 ? -14.907 -12.165 -3.683  1.00 57.71 ? 207 ASP A OD1 1 
ATOM   1098 O  OD2 . ASP A 1 161 ? -14.419 -11.444 -1.660  1.00 58.02 ? 207 ASP A OD2 1 
ATOM   1099 N  N   . ILE A 1 162 ? -18.176 -9.608  -1.558  1.00 59.74 ? 208 ILE A N   1 
ATOM   1100 C  CA  . ILE A 1 162 ? -18.918 -9.941  -0.351  1.00 62.20 ? 208 ILE A CA  1 
ATOM   1101 C  C   . ILE A 1 162 ? -20.167 -10.744 -0.727  1.00 65.06 ? 208 ILE A C   1 
ATOM   1102 O  O   . ILE A 1 162 ? -20.494 -11.769 -0.136  1.00 63.44 ? 208 ILE A O   1 
ATOM   1103 C  CB  . ILE A 1 162 ? -19.338 -8.712  0.475   1.00 61.45 ? 208 ILE A CB  1 
ATOM   1104 C  CG1 . ILE A 1 162 ? -18.129 -8.049  1.145   1.00 61.45 ? 208 ILE A CG1 1 
ATOM   1105 C  CG2 . ILE A 1 162 ? -20.390 -9.104  1.506   1.00 60.31 ? 208 ILE A CG2 1 
ATOM   1106 C  CD1 . ILE A 1 162 ? -18.403 -6.616  1.553   1.00 61.16 ? 208 ILE A CD1 1 
ATOM   1107 N  N   . GLN A 1 163 ? -20.912 -10.185 -1.674  1.00 68.14 ? 209 GLN A N   1 
ATOM   1108 C  CA  . GLN A 1 163 ? -22.188 -10.772 -2.059  1.00 71.57 ? 209 GLN A CA  1 
ATOM   1109 C  C   . GLN A 1 163 ? -22.023 -11.968 -2.978  1.00 73.21 ? 209 GLN A C   1 
ATOM   1110 O  O   . GLN A 1 163 ? -22.523 -12.018 -4.094  1.00 73.71 ? 209 GLN A O   1 
ATOM   1111 C  CB  . GLN A 1 163 ? -23.050 -9.655  -2.659  1.00 72.47 ? 209 GLN A CB  1 
ATOM   1112 C  CG  . GLN A 1 163 ? -23.359 -8.571  -1.631  1.00 73.74 ? 209 GLN A CG  1 
ATOM   1113 C  CD  . GLN A 1 163 ? -23.903 -7.306  -2.255  1.00 74.24 ? 209 GLN A CD  1 
ATOM   1114 O  OE1 . GLN A 1 163 ? -23.730 -7.082  -3.458  1.00 74.87 ? 209 GLN A OE1 1 
ATOM   1115 N  NE2 . GLN A 1 163 ? -24.551 -6.491  -1.427  1.00 74.34 ? 209 GLN A NE2 1 
ATOM   1116 N  N   . THR A 1 164 ? -21.317 -12.980 -2.486  1.00 74.77 ? 210 THR A N   1 
ATOM   1117 C  CA  . THR A 1 164 ? -21.030 -14.227 -3.162  1.00 75.73 ? 210 THR A CA  1 
ATOM   1118 C  C   . THR A 1 164 ? -19.868 -14.090 -4.139  1.00 76.43 ? 210 THR A C   1 
ATOM   1119 O  O   . THR A 1 164 ? -18.694 -14.179 -3.701  1.00 76.08 ? 210 THR A O   1 
ATOM   1120 C  CB  . THR A 1 164 ? -22.259 -14.779 -3.866  1.00 77.11 ? 210 THR A CB  1 
HETATM 1121 S  S   . SO4 B 2 .   ? 10.034  17.027  6.852   1.00 56.35 ? 302 SO4 A S   1 
HETATM 1122 O  O1  . SO4 B 2 .   ? 11.445  16.718  7.278   1.00 55.44 ? 302 SO4 A O1  1 
HETATM 1123 O  O2  . SO4 B 2 .   ? 9.806   16.570  5.440   1.00 52.94 ? 302 SO4 A O2  1 
HETATM 1124 O  O3  . SO4 B 2 .   ? 9.781   18.504  6.947   1.00 56.02 ? 302 SO4 A O3  1 
HETATM 1125 O  O4  . SO4 B 2 .   ? 9.040   16.372  7.770   1.00 55.39 ? 302 SO4 A O4  1 
HETATM 1126 CL CL  . CL  C 3 .   ? 2.855   20.167  6.632   1.00 52.42 ? 303 CL  A CL  1 
HETATM 1127 AS AS  . TTA D 4 .   ? -0.383  25.124  2.912   1.00 79.37 ? 304 TTA A AS  1 
HETATM 1128 C  C1  . TTA D 4 .   ? -0.887  24.943  1.071   1.00 79.31 ? 304 TTA A C1  1 
HETATM 1129 C  C2  . TTA D 4 .   ? -1.492  23.813  0.516   1.00 78.55 ? 304 TTA A C2  1 
HETATM 1130 C  C3  . TTA D 4 .   ? -1.830  23.837  -0.842  1.00 78.92 ? 304 TTA A C3  1 
HETATM 1131 C  C4  . TTA D 4 .   ? -1.602  24.959  -1.588  1.00 78.82 ? 304 TTA A C4  1 
HETATM 1132 C  C5  . TTA D 4 .   ? -1.011  26.121  -1.058  1.00 79.22 ? 304 TTA A C5  1 
HETATM 1133 C  C6  . TTA D 4 .   ? -0.638  26.154  0.339   1.00 79.11 ? 304 TTA A C6  1 
HETATM 1134 C  C7  . TTA D 4 .   ? -1.555  26.373  3.683   1.00 80.51 ? 304 TTA A C7  1 
HETATM 1135 C  C8  . TTA D 4 .   ? -2.000  26.359  5.051   1.00 80.98 ? 304 TTA A C8  1 
HETATM 1136 C  C9  . TTA D 4 .   ? -2.891  27.316  5.526   1.00 81.32 ? 304 TTA A C9  1 
HETATM 1137 C  C10 . TTA D 4 .   ? -3.377  28.307  4.606   1.00 81.42 ? 304 TTA A C10 1 
HETATM 1138 C  C11 . TTA D 4 .   ? -2.944  28.305  3.217   1.00 81.31 ? 304 TTA A C11 1 
HETATM 1139 C  C12 . TTA D 4 .   ? -2.051  27.353  2.744   1.00 80.86 ? 304 TTA A C12 1 
HETATM 1140 C  C13 . TTA D 4 .   ? 1.478   25.448  2.811   1.00 79.49 ? 304 TTA A C13 1 
HETATM 1141 C  C14 . TTA D 4 .   ? 2.304   25.368  4.029   1.00 79.01 ? 304 TTA A C14 1 
HETATM 1142 C  C15 . TTA D 4 .   ? 3.769   25.477  3.849   1.00 78.91 ? 304 TTA A C15 1 
HETATM 1143 C  C16 . TTA D 4 .   ? 4.309   25.575  2.508   1.00 78.95 ? 304 TTA A C16 1 
HETATM 1144 C  C17 . TTA D 4 .   ? 3.519   25.549  1.332   1.00 79.09 ? 304 TTA A C17 1 
HETATM 1145 C  C18 . TTA D 4 .   ? 2.113   25.439  1.481   1.00 79.19 ? 304 TTA A C18 1 
HETATM 1146 C  C19 . TTA D 4 .   ? -0.596  23.513  3.943   1.00 80.37 ? 304 TTA A C19 1 
HETATM 1147 C  C20 . TTA D 4 .   ? -1.743  23.413  4.760   1.00 81.01 ? 304 TTA A C20 1 
HETATM 1148 C  C21 . TTA D 4 .   ? -1.840  22.202  5.508   1.00 81.05 ? 304 TTA A C21 1 
HETATM 1149 C  C22 . TTA D 4 .   ? -0.894  21.250  5.428   1.00 80.83 ? 304 TTA A C22 1 
HETATM 1150 C  C23 . TTA D 4 .   ? 0.297   21.329  4.615   1.00 80.85 ? 304 TTA A C23 1 
HETATM 1151 C  C24 . TTA D 4 .   ? 0.428   22.574  3.822   1.00 80.17 ? 304 TTA A C24 1 
HETATM 1152 O  O   . HOH E 5 .   ? -4.598  10.707  1.873   1.00 19.31 ? 305 HOH A O   1 
HETATM 1153 O  O   . HOH E 5 .   ? -8.210  -8.599  6.841   1.00 23.91 ? 306 HOH A O   1 
HETATM 1154 O  O   . HOH E 5 .   ? 10.452  -2.837  -0.275  1.00 24.73 ? 307 HOH A O   1 
HETATM 1155 O  O   . HOH E 5 .   ? -6.233  -10.212 7.303   1.00 24.81 ? 308 HOH A O   1 
HETATM 1156 O  O   . HOH E 5 .   ? -7.403  6.417   -9.584  1.00 26.22 ? 309 HOH A O   1 
HETATM 1157 O  O   . HOH E 5 .   ? 4.130   1.434   10.617  1.00 28.34 ? 310 HOH A O   1 
HETATM 1158 O  O   . HOH E 5 .   ? 9.999   -5.081  7.371   1.00 31.33 ? 311 HOH A O   1 
HETATM 1159 O  O   . HOH E 5 .   ? -2.672  2.448   17.375  1.00 29.88 ? 312 HOH A O   1 
HETATM 1160 O  O   . HOH E 5 .   ? -0.537  16.949  7.757   1.00 32.94 ? 313 HOH A O   1 
HETATM 1161 O  O   . HOH E 5 .   ? -4.269  23.937  -3.966  1.00 31.88 ? 314 HOH A O   1 
HETATM 1162 O  O   . HOH E 5 .   ? 10.755  -8.224  8.778   1.00 30.45 ? 315 HOH A O   1 
HETATM 1163 O  O   . HOH E 5 .   ? -6.147  -7.299  -5.361  1.00 28.56 ? 316 HOH A O   1 
HETATM 1164 O  O   . HOH E 5 .   ? -7.571  13.098  -8.406  1.00 32.37 ? 317 HOH A O   1 
HETATM 1165 O  O   . HOH E 5 .   ? 2.142   3.094   10.118  1.00 39.55 ? 318 HOH A O   1 
HETATM 1166 O  O   . HOH E 5 .   ? -8.509  -6.501  0.110   1.00 34.03 ? 319 HOH A O   1 
HETATM 1167 O  O   . HOH E 5 .   ? 10.674  -3.558  -2.698  1.00 35.42 ? 320 HOH A O   1 
HETATM 1168 O  O   . HOH E 5 .   ? -14.622 7.110   -3.256  1.00 41.86 ? 321 HOH A O   1 
HETATM 1169 O  O   . HOH E 5 .   ? -12.413 7.723   -5.515  1.00 30.42 ? 322 HOH A O   1 
HETATM 1170 O  O   . HOH E 5 .   ? -13.454 4.916   -2.207  1.00 44.14 ? 323 HOH A O   1 
HETATM 1171 O  O   . HOH E 5 .   ? -4.666  -15.569 4.252   1.00 34.81 ? 324 HOH A O   1 
HETATM 1172 O  O   . HOH E 5 .   ? 7.720   14.335  6.786   1.00 31.83 ? 325 HOH A O   1 
HETATM 1173 O  O   . HOH E 5 .   ? -3.874  2.510   7.032   1.00 41.38 ? 326 HOH A O   1 
HETATM 1174 O  O   . HOH E 5 .   ? 4.191   -1.386  -3.454  1.00 29.87 ? 327 HOH A O   1 
HETATM 1175 O  O   . HOH E 5 .   ? -5.599  4.503   -10.577 1.00 42.52 ? 328 HOH A O   1 
HETATM 1176 O  O   . HOH E 5 .   ? 1.957   14.332  12.530  1.00 56.78 ? 329 HOH A O   1 
HETATM 1177 O  O   . HOH E 5 .   ? 13.117  -7.016  8.935   1.00 42.75 ? 330 HOH A O   1 
HETATM 1178 O  O   . HOH E 5 .   ? 5.982   -11.883 -1.720  1.00 34.37 ? 331 HOH A O   1 
HETATM 1179 O  O   . HOH E 5 .   ? 13.591  -12.116 17.197  1.00 53.04 ? 332 HOH A O   1 
HETATM 1180 O  O   . HOH E 5 .   ? -13.004 -2.084  3.713   1.00 31.85 ? 333 HOH A O   1 
HETATM 1181 O  O   . HOH E 5 .   ? -10.581 -10.445 0.283   1.00 42.36 ? 334 HOH A O   1 
HETATM 1182 O  O   . HOH E 5 .   ? 6.143   20.980  -5.897  1.00 49.96 ? 335 HOH A O   1 
HETATM 1183 O  O   . HOH E 5 .   ? 13.207  -7.111  -6.223  1.00 35.80 ? 336 HOH A O   1 
HETATM 1184 O  O   . HOH E 5 .   ? -17.659 8.327   -6.295  1.00 44.90 ? 337 HOH A O   1 
HETATM 1185 O  O   . HOH E 5 .   ? -13.865 9.420   -5.988  1.00 55.21 ? 338 HOH A O   1 
HETATM 1186 O  O   . HOH E 5 .   ? 13.256  -11.030 14.117  1.00 40.54 ? 339 HOH A O   1 
HETATM 1187 O  O   . HOH E 5 .   ? 13.296  -5.116  4.648   1.00 38.63 ? 340 HOH A O   1 
HETATM 1188 O  O   . HOH E 5 .   ? -13.726 -9.605  0.198   1.00 48.94 ? 341 HOH A O   1 
HETATM 1189 O  O   . HOH E 5 .   ? -8.287  -12.672 8.720   1.00 45.41 ? 342 HOH A O   1 
HETATM 1190 O  O   . HOH E 5 .   ? 16.852  -4.977  2.577   1.00 38.70 ? 343 HOH A O   1 
HETATM 1191 O  O   . HOH E 5 .   ? 4.715   -3.328  15.643  1.00 37.15 ? 344 HOH A O   1 
HETATM 1192 O  O   . HOH E 5 .   ? 15.598  -6.549  4.569   1.00 41.98 ? 345 HOH A O   1 
HETATM 1193 O  O   . HOH E 5 .   ? 10.912  0.488   14.506  1.00 43.88 ? 346 HOH A O   1 
HETATM 1194 O  O   . HOH E 5 .   ? 11.416  8.147   7.192   1.00 41.85 ? 347 HOH A O   1 
HETATM 1195 O  O   . HOH E 5 .   ? 8.349   12.491  8.748   1.00 48.02 ? 348 HOH A O   1 
HETATM 1196 O  O   . HOH E 5 .   ? 6.721   -14.622 15.179  1.00 50.22 ? 349 HOH A O   1 
HETATM 1197 O  O   . HOH E 5 .   ? 2.705   -17.099 4.318   1.00 42.95 ? 350 HOH A O   1 
HETATM 1198 O  O   . HOH E 5 .   ? -7.939  15.179  -6.529  1.00 49.60 ? 351 HOH A O   1 
HETATM 1199 O  O   . HOH E 5 .   ? 12.904  -2.567  1.572   1.00 51.49 ? 352 HOH A O   1 
HETATM 1200 O  O   . HOH E 5 .   ? 5.044   -9.318  18.071  1.00 67.61 ? 353 HOH A O   1 
HETATM 1201 O  O   . HOH E 5 .   ? 7.324   -13.613 -5.807  1.00 54.19 ? 354 HOH A O   1 
HETATM 1202 O  O   . HOH E 5 .   ? 3.338   -15.734 9.981   1.00 35.07 ? 355 HOH A O   1 
HETATM 1203 O  O   . HOH E 5 .   ? 13.496  3.404   -4.227  1.00 39.29 ? 356 HOH A O   1 
HETATM 1204 O  O   . HOH E 5 .   ? 11.059  -9.077  15.077  1.00 45.50 ? 357 HOH A O   1 
HETATM 1205 O  O   . HOH E 5 .   ? 12.634  -4.459  7.589   1.00 46.52 ? 358 HOH A O   1 
HETATM 1206 O  O   . HOH E 5 .   ? -7.855  -12.801 -2.621  1.00 44.68 ? 359 HOH A O   1 
HETATM 1207 O  O   . HOH E 5 .   ? 3.990   21.518  -9.264  1.00 61.40 ? 360 HOH A O   1 
HETATM 1208 O  O   . HOH E 5 .   ? 16.064  2.669   5.203   1.00 48.50 ? 361 HOH A O   1 
HETATM 1209 O  O   . HOH E 5 .   ? -16.580 8.543   -4.001  1.00 46.76 ? 362 HOH A O   1 
HETATM 1210 O  O   . HOH E 5 .   ? 3.913   5.986   9.735   1.00 44.72 ? 363 HOH A O   1 
HETATM 1211 O  O   . HOH E 5 .   ? -14.179 13.001  -12.291 1.00 51.46 ? 364 HOH A O   1 
HETATM 1212 O  O   . HOH E 5 .   ? 11.430  -14.833 12.723  1.00 43.93 ? 365 HOH A O   1 
HETATM 1213 O  O   . HOH E 5 .   ? 13.323  -0.063  -0.112  1.00 53.53 ? 366 HOH A O   1 
HETATM 1214 O  O   . HOH E 5 .   ? 9.249   -3.007  -6.352  1.00 55.01 ? 367 HOH A O   1 
HETATM 1215 O  O   . HOH E 5 .   ? 1.796   -7.786  -7.276  1.00 54.26 ? 368 HOH A O   1 
HETATM 1216 O  O   . HOH E 5 .   ? -1.119  16.400  -9.111  1.00 52.11 ? 369 HOH A O   1 
HETATM 1217 O  O   . HOH E 5 .   ? 15.636  2.891   7.488   1.00 41.12 ? 370 HOH A O   1 
HETATM 1218 O  O   . HOH E 5 .   ? -4.520  -5.703  -11.676 1.00 61.21 ? 371 HOH A O   1 
HETATM 1219 O  O   . HOH E 5 .   ? -5.458  -13.616 -2.036  1.00 45.44 ? 372 HOH A O   1 
HETATM 1220 O  O   . HOH E 5 .   ? -10.840 12.528  -11.821 1.00 42.17 ? 373 HOH A O   1 
HETATM 1221 O  O   . HOH E 5 .   ? 2.629   8.261   8.413   1.00 38.41 ? 374 HOH A O   1 
HETATM 1222 O  O   . HOH E 5 .   ? 1.000   -18.000 10.248  1.00 49.43 ? 375 HOH A O   1 
HETATM 1223 O  O   . HOH E 5 .   ? 6.712   15.307  -10.341 1.00 40.93 ? 376 HOH A O   1 
HETATM 1224 O  O   . HOH E 5 .   ? -13.132 10.580  -7.821  1.00 48.31 ? 377 HOH A O   1 
HETATM 1225 O  O   . HOH E 5 .   ? -9.201  -11.648 5.476   1.00 59.89 ? 378 HOH A O   1 
HETATM 1226 O  O   . HOH E 5 .   ? 8.684   9.598   10.370  1.00 58.40 ? 379 HOH A O   1 
HETATM 1227 O  O   . HOH E 5 .   ? 15.083  12.397  -2.563  1.00 47.35 ? 380 HOH A O   1 
HETATM 1228 O  O   . HOH E 5 .   ? 0.637   -10.254 -7.090  1.00 63.86 ? 381 HOH A O   1 
HETATM 1229 O  O   . HOH E 5 .   ? 8.158   -14.699 5.919   1.00 48.80 ? 382 HOH A O   1 
HETATM 1230 O  O   . HOH E 5 .   ? 1.450   -16.193 8.272   1.00 48.01 ? 383 HOH A O   1 
HETATM 1231 O  O   . HOH E 5 .   ? -2.411  4.620   5.864   1.00 39.36 ? 384 HOH A O   1 
HETATM 1232 O  O   . HOH E 5 .   ? -4.903  -9.275  -8.200  1.00 49.26 ? 385 HOH A O   1 
HETATM 1233 O  O   . HOH E 5 .   ? 16.112  9.440   -0.044  1.00 56.28 ? 386 HOH A O   1 
HETATM 1234 O  O   . HOH E 5 .   ? -3.129  7.996   -10.540 1.00 47.88 ? 387 HOH A O   1 
HETATM 1235 O  O   . HOH E 5 .   ? 10.156  10.373  9.126   1.00 48.22 ? 388 HOH A O   1 
HETATM 1236 O  O   . HOH E 5 .   ? -15.263 -8.777  -7.018  1.00 44.61 ? 389 HOH A O   1 
HETATM 1237 O  O   . HOH E 5 .   ? -10.066 -12.352 -0.958  1.00 59.64 ? 390 HOH A O   1 
HETATM 1238 O  O   . HOH E 5 .   ? 3.318   9.209   10.895  1.00 49.47 ? 391 HOH A O   1 
HETATM 1239 O  O   . HOH E 5 .   ? 5.970   -15.899 4.682   1.00 50.59 ? 392 HOH A O   1 
HETATM 1240 O  O   . HOH E 5 .   ? 8.600   -18.790 10.096  1.00 62.75 ? 393 HOH A O   1 
HETATM 1241 O  O   . HOH E 5 .   ? 1.701   22.077  -6.114  1.00 60.38 ? 394 HOH A O   1 
HETATM 1242 O  O   . HOH E 5 .   ? 3.958   -8.161  15.609  1.00 40.82 ? 395 HOH A O   1 
HETATM 1243 O  O   . HOH E 5 .   ? 4.817   4.880   11.619  1.00 47.62 ? 396 HOH A O   1 
HETATM 1244 O  O   . HOH E 5 .   ? -10.550 -9.140  -8.064  1.00 60.31 ? 397 HOH A O   1 
HETATM 1245 O  O   . HOH E 5 .   ? -12.641 8.914   -1.993  1.00 30.55 ? 398 HOH A O   1 
HETATM 1246 O  O   . HOH E 5 .   ? -0.595  -18.251 0.198   1.00 65.32 ? 399 HOH A O   1 
HETATM 1247 O  O   . HOH E 5 .   ? -7.631  3.355   5.531   1.00 38.79 ? 400 HOH A O   1 
HETATM 1248 O  O   . HOH E 5 .   ? -10.993 7.011   -3.154  1.00 36.38 ? 401 HOH A O   1 
HETATM 1249 O  O   . HOH E 5 .   ? -2.672  21.247  4.217   1.00 46.63 ? 402 HOH A O   1 
# 
